data_9PIA
#
_entry.id   9PIA
#
_cell.length_a   50.851
_cell.length_b   138.209
_cell.length_c   177.122
_cell.angle_alpha   90.00
_cell.angle_beta   93.58
_cell.angle_gamma   90.00
#
_symmetry.space_group_name_H-M   'P 1 21 1'
#
loop_
_entity.id
_entity.type
_entity.pdbx_description
1 polymer 'Isoform 3 of Glutaminase kidney isoform, mitochondrial'
2 water water
#
_entity_poly.entity_id   1
_entity_poly.type   'polypeptide(L)'
_entity_poly.pdbx_seq_one_letter_code
;MMRLRGSGMLRDLLLRSPAGVSATLRRAQPLVTLCRRPRGGGRPAAGPAAAARLHPWWGGGGWPAEPLARGLSSSPSEIL
QELGKGSTHPQPGVSPPAAPAAPGPKDGPGETDAFGNSEGKELVASGENKIKQGLLPSLEDLLFYTIAEGQEKIPVHKFI
TALKSTGLRTSDPRLKECMDMLRLTLQTTSDGVMLDKDLFKKCVQSNIVLLTQAFRRKFVIPDFMSFTSHIDELYESAKK
QSGGKVADYIPQLAKFSPDLWGVSVCTVDGQRHSTGDTKVPFCLQSCVKPLKYAIAVNDLGTEYVHRYVGKEPSGLRFNK
LFLNEDDKPHNPMVNAGAIVVTSLIKQGVNNAEKFDYVMQFLNKMAGNEYVGFSNATFQSERESGDRNFAIGYYLKEKKC
FPEGTDMVGILDFYFQLCSIEVTCESASVMAATLANGGFCPITGERVLSPEAVRNTLSLMHSCGMYDFSGQFAFHVGLPA
KCGVAGGILLVVPNVMGMMCWSPPLDKMGNSVKGIHFCHDLVSLCNFHNYDNLRHFAKKLDPRREGGDQRHSFGPLDYES
LQQELALKETVWKKVSPESNEDISTTVVYRMESLGEKS
;
_entity_poly.pdbx_strand_id   A,B,C,D
#
# COMPACT_ATOMS: atom_id res chain seq x y z
N PRO A 137 10.41 67.41 21.83
CA PRO A 137 11.60 66.52 21.80
C PRO A 137 11.75 65.79 23.13
N SER A 138 12.90 65.17 23.38
CA SER A 138 13.20 64.48 24.67
C SER A 138 12.49 63.11 24.77
N LEU A 139 13.02 62.09 24.10
CA LEU A 139 12.39 60.75 24.10
C LEU A 139 12.40 60.17 25.51
N GLU A 140 13.60 59.99 26.07
CA GLU A 140 13.70 59.38 27.41
C GLU A 140 12.78 60.15 28.36
N ASP A 141 12.51 61.42 28.03
CA ASP A 141 11.68 62.25 28.94
C ASP A 141 10.21 61.97 28.62
N LEU A 142 9.89 61.76 27.34
CA LEU A 142 8.51 61.40 27.05
C LEU A 142 8.06 60.23 27.90
N LEU A 143 8.84 59.14 27.87
CA LEU A 143 8.65 58.02 28.78
C LEU A 143 8.49 58.48 30.22
N PHE A 144 9.37 59.41 30.65
CA PHE A 144 9.42 59.78 32.06
C PHE A 144 8.08 60.32 32.58
N TYR A 145 7.42 61.18 31.80
CA TYR A 145 6.11 61.65 32.25
C TYR A 145 5.02 60.61 32.05
N THR A 146 5.27 59.61 31.21
CA THR A 146 4.31 58.53 31.06
C THR A 146 4.25 57.66 32.30
N ILE A 147 5.39 57.40 32.94
CA ILE A 147 5.36 56.52 34.10
C ILE A 147 5.20 57.31 35.39
N ALA A 148 5.63 58.57 35.43
CA ALA A 148 5.38 59.43 36.57
C ALA A 148 4.10 60.20 36.31
N GLU A 149 3.16 60.12 37.26
CA GLU A 149 1.83 60.71 37.10
C GLU A 149 1.92 62.23 37.25
N GLY A 150 2.42 62.88 36.19
CA GLY A 150 2.67 64.30 36.19
C GLY A 150 3.44 64.74 37.42
N GLN A 151 4.33 63.87 37.89
CA GLN A 151 5.03 64.04 39.15
C GLN A 151 6.51 64.25 38.88
N GLU A 152 7.24 64.61 39.94
CA GLU A 152 8.64 64.99 39.81
C GLU A 152 9.56 63.79 39.59
N LYS A 153 9.39 62.74 40.41
CA LYS A 153 10.36 61.65 40.45
C LYS A 153 9.66 60.28 40.51
N ILE A 154 10.09 59.36 39.65
CA ILE A 154 9.61 57.98 39.61
C ILE A 154 10.27 57.10 40.66
N PRO A 155 9.50 56.43 41.53
CA PRO A 155 10.08 55.42 42.42
C PRO A 155 10.63 54.24 41.61
N VAL A 156 11.77 53.71 42.06
CA VAL A 156 12.46 52.72 41.23
C VAL A 156 11.63 51.46 41.09
N HIS A 157 11.00 51.01 42.18
CA HIS A 157 10.18 49.81 42.10
C HIS A 157 8.95 50.05 41.23
N LYS A 158 8.47 51.30 41.18
CA LYS A 158 7.30 51.58 40.36
C LYS A 158 7.64 51.49 38.88
N PHE A 159 8.82 51.98 38.48
CA PHE A 159 9.30 51.74 37.12
C PHE A 159 9.48 50.26 36.85
N ILE A 160 10.01 49.52 37.83
CA ILE A 160 10.21 48.08 37.64
C ILE A 160 8.87 47.36 37.51
N THR A 161 7.90 47.69 38.37
CA THR A 161 6.58 47.05 38.25
C THR A 161 5.90 47.41 36.94
N ALA A 162 6.03 48.68 36.51
CA ALA A 162 5.58 49.09 35.20
C ALA A 162 6.23 48.26 34.10
N LEU A 163 7.52 47.98 34.23
CA LEU A 163 8.24 47.19 33.24
C LEU A 163 7.82 45.73 33.27
N LYS A 164 7.65 45.18 34.47
CA LYS A 164 7.36 43.76 34.56
C LYS A 164 5.97 43.44 34.00
N SER A 165 5.02 44.37 34.17
CA SER A 165 3.70 44.12 33.62
C SER A 165 3.72 44.06 32.10
N THR A 166 4.63 44.79 31.46
CA THR A 166 4.68 44.63 30.01
C THR A 166 5.05 43.20 29.59
N GLY A 167 5.28 42.29 30.52
CA GLY A 167 5.68 40.97 30.17
C GLY A 167 7.17 40.77 30.04
N LEU A 168 7.92 41.84 29.78
CA LEU A 168 9.38 41.73 29.80
C LEU A 168 9.84 41.26 31.18
N ARG A 169 11.01 40.64 31.20
CA ARG A 169 11.70 40.30 32.44
C ARG A 169 12.81 41.30 32.65
N THR A 170 13.10 41.64 33.93
CA THR A 170 14.24 42.52 34.21
C THR A 170 15.56 41.86 33.82
N SER A 171 15.60 40.52 33.78
CA SER A 171 16.74 39.77 33.31
C SER A 171 16.88 39.75 31.80
N ASP A 172 16.05 40.50 31.08
CA ASP A 172 16.11 40.47 29.63
C ASP A 172 17.46 41.01 29.18
N PRO A 173 18.13 40.33 28.26
CA PRO A 173 19.44 40.81 27.78
C PRO A 173 19.38 42.17 27.13
N ARG A 174 18.34 42.47 26.36
CA ARG A 174 18.23 43.79 25.77
C ARG A 174 18.06 44.89 26.80
N LEU A 175 18.00 44.54 28.08
CA LEU A 175 17.78 45.50 29.15
C LEU A 175 18.96 45.61 30.10
N LYS A 176 20.07 44.88 29.86
CA LYS A 176 21.13 44.77 30.85
C LYS A 176 21.68 46.13 31.23
N GLU A 177 22.17 46.88 30.26
CA GLU A 177 22.69 48.23 30.47
C GLU A 177 21.75 49.06 31.32
N CYS A 178 20.48 49.14 30.92
CA CYS A 178 19.51 49.86 31.72
C CYS A 178 19.47 49.33 33.15
N MET A 179 19.48 48.01 33.31
CA MET A 179 19.27 47.42 34.63
C MET A 179 20.52 47.48 35.48
N ASP A 180 21.70 47.40 34.86
CA ASP A 180 22.94 47.66 35.56
C ASP A 180 22.96 49.08 36.09
N MET A 181 22.83 50.06 35.20
CA MET A 181 22.72 51.47 35.61
C MET A 181 21.67 51.68 36.70
N LEU A 182 20.61 50.88 36.71
CA LEU A 182 19.61 50.99 37.76
C LEU A 182 20.12 50.46 39.10
N ARG A 183 20.80 49.29 39.09
CA ARG A 183 21.40 48.77 40.33
C ARG A 183 22.51 49.67 40.84
N LEU A 184 23.32 50.22 39.93
CA LEU A 184 24.38 51.14 40.32
C LEU A 184 23.79 52.42 40.89
N THR A 185 22.65 52.86 40.36
CA THR A 185 22.06 54.09 40.87
C THR A 185 21.49 53.90 42.26
N LEU A 186 20.78 52.78 42.50
CA LEU A 186 20.41 52.41 43.86
C LEU A 186 21.62 52.39 44.78
N GLN A 187 22.79 52.09 44.21
CA GLN A 187 24.00 51.89 45.00
C GLN A 187 24.61 53.23 45.41
N THR A 188 24.71 54.17 44.46
CA THR A 188 25.35 55.47 44.69
C THR A 188 24.37 56.51 45.22
N THR A 189 23.23 56.07 45.75
CA THR A 189 22.20 57.03 46.22
C THR A 189 21.68 56.60 47.57
N SER A 190 20.66 57.31 48.08
CA SER A 190 20.15 57.04 49.45
C SER A 190 18.92 56.14 49.43
N ASP A 191 19.01 54.98 50.09
CA ASP A 191 17.90 54.20 50.70
C ASP A 191 16.57 54.48 49.99
N GLY A 192 15.92 55.60 50.29
CA GLY A 192 14.70 55.98 49.55
C GLY A 192 15.08 56.29 48.13
N VAL A 193 15.51 55.26 47.39
CA VAL A 193 16.05 55.50 46.02
C VAL A 193 14.93 55.94 45.05
N MET A 194 14.88 57.24 44.74
CA MET A 194 13.92 57.70 43.75
C MET A 194 14.62 58.41 42.60
N LEU A 195 14.10 58.17 41.40
CA LEU A 195 14.71 58.59 40.14
C LEU A 195 14.05 59.85 39.63
N ASP A 196 14.83 60.93 39.50
CA ASP A 196 14.26 62.12 38.89
C ASP A 196 14.36 62.00 37.37
N LYS A 197 13.85 63.03 36.69
CA LYS A 197 13.90 63.07 35.23
C LYS A 197 15.31 62.84 34.69
N ASP A 198 16.31 63.48 35.30
CA ASP A 198 17.66 63.45 34.73
C ASP A 198 18.31 62.09 34.92
N LEU A 199 18.04 61.45 36.07
CA LEU A 199 18.62 60.16 36.40
C LEU A 199 17.94 59.03 35.65
N PHE A 200 16.60 59.05 35.58
CA PHE A 200 15.88 58.15 34.69
C PHE A 200 16.47 58.19 33.29
N LYS A 201 16.68 59.38 32.75
CA LYS A 201 17.26 59.52 31.42
C LYS A 201 18.62 58.85 31.31
N LYS A 202 19.39 58.82 32.42
CA LYS A 202 20.72 58.24 32.39
C LYS A 202 20.66 56.73 32.25
N CYS A 203 19.74 56.06 32.98
CA CYS A 203 19.66 54.60 32.94
C CYS A 203 19.04 54.11 31.64
N VAL A 204 18.00 54.78 31.19
CA VAL A 204 17.17 54.28 30.12
C VAL A 204 17.66 54.69 28.72
N GLN A 205 18.57 55.67 28.64
CA GLN A 205 19.00 56.16 27.33
C GLN A 205 19.64 55.07 26.47
N SER A 206 20.06 53.99 27.09
CA SER A 206 20.79 52.95 26.36
C SER A 206 19.83 51.99 25.70
N ASN A 207 18.66 51.75 26.31
CA ASN A 207 17.64 50.85 25.78
C ASN A 207 16.29 51.55 25.61
N ILE A 208 16.31 52.83 25.21
CA ILE A 208 15.06 53.59 25.14
C ILE A 208 14.16 53.06 24.04
N VAL A 209 14.73 52.52 22.96
CA VAL A 209 13.93 52.05 21.84
C VAL A 209 13.02 50.92 22.27
N LEU A 210 13.61 49.85 22.83
CA LEU A 210 12.80 48.75 23.34
C LEU A 210 11.92 49.21 24.50
N LEU A 211 12.48 50.00 25.42
CA LEU A 211 11.70 50.47 26.56
C LEU A 211 10.50 51.28 26.13
N THR A 212 10.66 52.05 25.05
CA THR A 212 9.53 52.84 24.54
C THR A 212 8.46 51.92 23.97
N GLN A 213 8.85 51.01 23.07
CA GLN A 213 7.90 50.06 22.53
C GLN A 213 7.15 49.35 23.64
N ALA A 214 7.87 48.89 24.67
CA ALA A 214 7.25 48.17 25.78
C ALA A 214 6.22 49.02 26.49
N PHE A 215 6.48 50.32 26.64
CA PHE A 215 5.60 51.14 27.45
C PHE A 215 4.49 51.80 26.64
N ARG A 216 4.72 52.04 25.34
CA ARG A 216 3.68 52.51 24.41
C ARG A 216 2.76 51.38 23.94
N ARG A 217 2.76 50.24 24.62
CA ARG A 217 1.90 49.11 24.28
C ARG A 217 2.04 48.72 22.80
N LYS A 218 3.25 48.90 22.26
CA LYS A 218 3.54 48.56 20.87
C LYS A 218 3.99 47.12 20.69
N PHE A 219 4.09 46.34 21.76
CA PHE A 219 4.46 44.93 21.65
C PHE A 219 3.32 44.12 21.05
N VAL A 220 3.68 42.96 20.49
CA VAL A 220 2.76 42.19 19.66
C VAL A 220 1.51 41.81 20.45
N ILE A 221 1.62 41.58 21.74
CA ILE A 221 0.45 41.40 22.60
C ILE A 221 0.46 42.54 23.60
N PRO A 222 -0.24 43.66 23.34
CA PRO A 222 -0.12 44.82 24.23
C PRO A 222 -0.66 44.56 25.64
N ASP A 223 -1.87 44.05 25.76
CA ASP A 223 -2.41 43.77 27.09
C ASP A 223 -1.91 42.40 27.55
N PHE A 224 -0.59 42.32 27.71
CA PHE A 224 0.02 41.06 28.09
C PHE A 224 -0.43 40.61 29.46
N MET A 225 -0.80 41.55 30.32
CA MET A 225 -1.23 41.18 31.66
C MET A 225 -2.47 40.32 31.60
N SER A 226 -3.40 40.63 30.69
CA SER A 226 -4.64 39.88 30.60
C SER A 226 -4.44 38.54 29.92
N PHE A 227 -3.68 38.56 28.82
CA PHE A 227 -3.38 37.34 28.10
C PHE A 227 -2.89 36.23 29.03
N THR A 228 -1.94 36.53 29.90
CA THR A 228 -1.37 35.48 30.74
C THR A 228 -2.37 34.92 31.74
N SER A 229 -3.35 35.73 32.16
CA SER A 229 -4.43 35.15 32.97
C SER A 229 -5.12 34.05 32.19
N HIS A 230 -5.39 34.29 30.90
CA HIS A 230 -6.00 33.25 30.07
C HIS A 230 -5.08 32.06 29.92
N ILE A 231 -3.77 32.31 29.76
CA ILE A 231 -2.87 31.17 29.67
C ILE A 231 -2.94 30.38 30.95
N ASP A 232 -3.18 31.06 32.07
CA ASP A 232 -3.36 30.34 33.33
C ASP A 232 -4.64 29.51 33.28
N GLU A 233 -5.76 30.12 32.87
CA GLU A 233 -7.01 29.39 32.66
C GLU A 233 -6.80 28.19 31.77
N LEU A 234 -6.09 28.38 30.66
CA LEU A 234 -5.83 27.27 29.72
C LEU A 234 -5.02 26.18 30.39
N TYR A 235 -4.02 26.58 31.16
CA TYR A 235 -3.17 25.66 31.90
C TYR A 235 -3.98 24.85 32.90
N GLU A 236 -4.84 25.51 33.68
CA GLU A 236 -5.60 24.79 34.71
C GLU A 236 -6.56 23.78 34.07
N SER A 237 -7.26 24.19 33.01
CA SER A 237 -8.16 23.27 32.32
C SER A 237 -7.40 22.11 31.70
N ALA A 238 -6.24 22.41 31.10
CA ALA A 238 -5.40 21.33 30.60
C ALA A 238 -4.82 20.48 31.72
N LYS A 239 -4.81 21.00 32.96
CA LYS A 239 -4.22 20.27 34.06
C LYS A 239 -5.15 19.18 34.57
N LYS A 240 -6.46 19.46 34.58
CA LYS A 240 -7.49 18.50 34.99
C LYS A 240 -7.55 17.29 34.06
N GLN A 241 -6.81 17.30 32.95
CA GLN A 241 -6.74 16.16 32.05
C GLN A 241 -5.75 15.15 32.61
N SER A 242 -6.27 14.05 33.16
CA SER A 242 -5.44 13.14 33.94
C SER A 242 -4.88 11.95 33.15
N GLY A 243 -5.35 11.70 31.94
CA GLY A 243 -5.00 10.49 31.23
C GLY A 243 -3.52 10.37 30.88
N GLY A 244 -3.24 9.32 30.11
CA GLY A 244 -1.99 9.21 29.39
C GLY A 244 -0.99 8.33 30.11
N LYS A 245 0.02 7.88 29.36
CA LYS A 245 1.00 6.93 29.86
C LYS A 245 2.40 7.41 29.54
N VAL A 246 3.24 7.52 30.57
CA VAL A 246 4.58 8.03 30.41
C VAL A 246 5.45 7.02 29.67
N ALA A 247 6.33 7.53 28.81
CA ALA A 247 7.21 6.67 28.04
C ALA A 247 8.10 5.85 28.97
N ASP A 248 8.60 4.73 28.45
CA ASP A 248 9.55 3.88 29.18
C ASP A 248 10.34 3.03 28.20
N LYS A 255 9.99 7.42 33.27
CA LYS A 255 10.87 7.68 34.40
C LYS A 255 10.49 8.96 35.20
N PHE A 256 9.80 9.90 34.54
CA PHE A 256 9.35 11.17 35.11
C PHE A 256 7.97 11.04 35.75
N SER A 257 7.59 12.03 36.54
CA SER A 257 6.30 11.98 37.22
C SER A 257 5.18 12.44 36.29
N PRO A 258 4.05 11.71 36.22
CA PRO A 258 2.93 12.14 35.36
C PRO A 258 2.27 13.44 35.82
N ASP A 259 2.78 14.05 36.87
CA ASP A 259 2.17 15.26 37.41
C ASP A 259 2.93 16.53 37.10
N LEU A 260 4.09 16.41 36.47
CA LEU A 260 4.74 17.56 35.88
C LEU A 260 3.87 18.12 34.76
N TRP A 261 3.63 19.44 34.78
CA TRP A 261 2.85 20.09 33.74
C TRP A 261 3.27 21.54 33.68
N GLY A 262 4.02 21.89 32.63
CA GLY A 262 4.57 23.23 32.50
C GLY A 262 4.24 23.86 31.15
N VAL A 263 4.03 25.18 31.18
CA VAL A 263 3.71 25.95 30.00
C VAL A 263 4.54 27.23 30.04
N SER A 264 5.35 27.44 29.00
CA SER A 264 6.12 28.66 28.89
C SER A 264 5.76 29.36 27.59
N VAL A 265 5.61 30.68 27.68
CA VAL A 265 5.31 31.54 26.55
C VAL A 265 6.46 32.52 26.37
N CYS A 266 6.84 32.75 25.11
CA CYS A 266 7.78 33.81 24.78
C CYS A 266 7.29 34.44 23.49
N THR A 267 6.86 35.69 23.56
CA THR A 267 6.36 36.35 22.37
C THR A 267 7.53 36.82 21.50
N VAL A 268 7.21 37.23 20.27
CA VAL A 268 8.22 37.69 19.33
C VAL A 268 8.89 38.97 19.80
N ASP A 269 8.40 39.60 20.86
CA ASP A 269 8.97 40.84 21.35
C ASP A 269 9.73 40.65 22.65
N GLY A 270 9.68 39.47 23.24
CA GLY A 270 10.41 39.15 24.45
C GLY A 270 9.53 38.94 25.64
N GLN A 271 8.22 39.16 25.53
CA GLN A 271 7.34 39.01 26.68
C GLN A 271 7.28 37.56 27.13
N ARG A 272 7.46 37.33 28.43
CA ARG A 272 7.52 35.98 28.97
C ARG A 272 6.35 35.72 29.90
N HIS A 273 5.87 34.48 29.90
CA HIS A 273 4.97 34.04 30.95
C HIS A 273 5.07 32.54 31.12
N SER A 274 4.94 32.09 32.36
CA SER A 274 5.03 30.67 32.64
C SER A 274 4.07 30.33 33.77
N THR A 275 3.69 29.06 33.79
CA THR A 275 2.80 28.55 34.80
C THR A 275 3.07 27.05 34.82
N GLY A 276 3.12 26.46 36.01
CA GLY A 276 3.48 25.06 36.10
C GLY A 276 4.98 24.85 36.09
N ASP A 277 5.36 23.58 35.91
CA ASP A 277 6.74 23.16 36.13
C ASP A 277 7.58 23.50 34.90
N THR A 278 7.96 24.77 34.82
CA THR A 278 8.55 25.25 33.59
C THR A 278 10.07 25.22 33.59
N LYS A 279 10.71 24.97 34.74
CA LYS A 279 12.16 24.98 34.85
C LYS A 279 12.74 23.60 35.08
N VAL A 280 11.96 22.55 34.82
CA VAL A 280 12.51 21.21 34.96
C VAL A 280 13.23 20.86 33.67
N PRO A 281 14.37 20.18 33.73
CA PRO A 281 15.02 19.76 32.49
C PRO A 281 14.32 18.51 31.96
N PHE A 282 14.00 18.54 30.67
CA PHE A 282 13.62 17.34 29.95
C PHE A 282 14.32 17.34 28.61
N CYS A 283 14.19 16.22 27.91
CA CYS A 283 14.82 16.04 26.62
C CYS A 283 13.91 16.52 25.50
N LEU A 284 14.50 17.11 24.46
CA LEU A 284 13.68 17.50 23.32
C LEU A 284 13.10 16.27 22.66
N GLN A 285 13.89 15.21 22.57
CA GLN A 285 13.55 14.00 21.84
C GLN A 285 13.15 14.44 20.42
N SER A 286 12.00 14.02 19.89
CA SER A 286 11.67 14.33 18.51
C SER A 286 11.45 15.82 18.29
N CYS A 287 11.34 16.63 19.37
CA CYS A 287 11.22 18.07 19.22
C CYS A 287 12.49 18.66 18.60
N VAL A 288 13.65 18.03 18.81
CA VAL A 288 14.88 18.54 18.22
C VAL A 288 14.86 18.51 16.69
N LYS A 289 13.92 17.78 16.07
CA LYS A 289 13.98 17.53 14.63
C LYS A 289 13.72 18.81 13.82
N PRO A 290 12.69 19.61 14.14
CA PRO A 290 12.60 20.91 13.46
C PRO A 290 13.85 21.74 13.65
N LEU A 291 14.36 21.80 14.89
CA LEU A 291 15.49 22.67 15.20
C LEU A 291 16.74 22.29 14.40
N LYS A 292 17.07 20.99 14.35
CA LYS A 292 18.26 20.61 13.60
C LYS A 292 18.05 20.65 12.09
N TYR A 293 16.81 20.52 11.62
CA TYR A 293 16.56 20.75 10.20
C TYR A 293 16.76 22.22 9.85
N ALA A 294 16.19 23.13 10.66
CA ALA A 294 16.50 24.54 10.54
C ALA A 294 18.02 24.79 10.44
N ILE A 295 18.79 24.20 11.35
CA ILE A 295 20.24 24.42 11.32
C ILE A 295 20.84 23.96 10.00
N ALA A 296 20.46 22.75 9.57
CA ALA A 296 20.92 22.22 8.29
C ALA A 296 20.61 23.18 7.14
N VAL A 297 19.33 23.60 7.01
CA VAL A 297 18.96 24.52 5.93
C VAL A 297 19.66 25.87 6.09
N ASN A 298 19.86 26.31 7.33
CA ASN A 298 20.52 27.58 7.52
C ASN A 298 21.95 27.54 7.01
N ASP A 299 22.60 26.37 7.09
CA ASP A 299 24.01 26.23 6.71
C ASP A 299 24.21 25.79 5.27
N LEU A 300 23.17 25.23 4.63
CA LEU A 300 23.33 24.53 3.36
C LEU A 300 22.27 24.86 2.34
N GLY A 301 21.18 25.51 2.73
CA GLY A 301 20.19 26.00 1.79
C GLY A 301 19.13 24.98 1.48
N THR A 302 17.92 25.49 1.21
CA THR A 302 16.76 24.63 0.98
C THR A 302 17.05 23.56 -0.06
N GLU A 303 17.75 23.93 -1.12
CA GLU A 303 18.02 22.97 -2.19
C GLU A 303 18.81 21.78 -1.65
N TYR A 304 19.97 22.03 -1.07
CA TYR A 304 20.89 20.94 -0.75
C TYR A 304 20.26 19.95 0.21
N VAL A 305 19.76 20.45 1.34
CA VAL A 305 19.12 19.58 2.33
C VAL A 305 18.07 18.71 1.65
N HIS A 306 17.35 19.28 0.69
CA HIS A 306 16.28 18.56 0.06
C HIS A 306 16.73 17.77 -1.15
N ARG A 307 18.02 17.75 -1.43
CA ARG A 307 18.55 16.64 -2.19
C ARG A 307 18.47 15.35 -1.41
N TYR A 308 18.57 15.43 -0.08
CA TYR A 308 18.69 14.25 0.74
C TYR A 308 17.41 13.86 1.48
N VAL A 309 16.42 14.75 1.53
CA VAL A 309 15.15 14.45 2.20
C VAL A 309 14.04 15.19 1.46
N GLY A 310 12.80 14.69 1.59
CA GLY A 310 11.66 15.26 0.90
C GLY A 310 10.95 16.31 1.74
N LYS A 311 9.77 16.71 1.26
CA LYS A 311 9.00 17.78 1.88
C LYS A 311 7.54 17.39 2.08
N GLU A 312 7.21 16.11 1.95
CA GLU A 312 5.81 15.68 1.98
C GLU A 312 5.64 14.63 3.06
N PRO A 313 4.52 14.62 3.76
CA PRO A 313 4.32 13.62 4.82
C PRO A 313 4.38 12.20 4.28
N SER A 314 4.64 11.25 5.17
CA SER A 314 4.73 9.85 4.79
C SER A 314 3.32 9.30 4.49
N LEU A 321 7.10 1.20 5.41
CA LEU A 321 7.58 2.26 4.51
C LEU A 321 8.65 3.11 5.19
N PHE A 322 9.72 3.38 4.46
CA PHE A 322 10.83 4.17 4.98
C PHE A 322 11.27 5.25 3.99
N LEU A 323 11.12 5.00 2.68
CA LEU A 323 11.58 5.93 1.64
C LEU A 323 10.48 6.23 0.63
N ASN A 324 10.42 7.47 0.17
CA ASN A 324 9.45 7.85 -0.86
C ASN A 324 9.95 7.38 -2.22
N GLU A 325 9.28 7.85 -3.30
CA GLU A 325 9.62 7.32 -4.62
C GLU A 325 10.98 7.80 -5.11
N ASP A 326 11.50 8.92 -4.61
CA ASP A 326 12.81 9.37 -5.02
C ASP A 326 13.93 8.75 -4.17
N ASP A 327 13.60 7.71 -3.40
CA ASP A 327 14.57 6.97 -2.56
C ASP A 327 15.26 7.88 -1.55
N LYS A 328 14.54 8.90 -1.08
CA LYS A 328 14.85 9.78 0.02
C LYS A 328 13.77 9.63 1.09
N PRO A 329 14.08 9.81 2.36
CA PRO A 329 13.01 9.78 3.37
C PRO A 329 11.98 10.84 3.02
N HIS A 330 10.74 10.58 3.43
CA HIS A 330 9.62 11.44 3.03
C HIS A 330 9.85 12.90 3.45
N ASN A 331 10.22 13.11 4.69
CA ASN A 331 10.28 14.46 5.25
C ASN A 331 11.13 14.40 6.50
N PRO A 332 11.80 15.50 6.87
CA PRO A 332 12.73 15.47 8.00
C PRO A 332 12.09 15.41 9.38
N MET A 333 10.76 15.30 9.51
CA MET A 333 10.16 15.11 10.82
C MET A 333 9.99 13.65 11.23
N VAL A 334 10.12 12.73 10.30
CA VAL A 334 10.08 11.32 10.61
C VAL A 334 11.50 10.86 10.90
N ASN A 335 11.63 9.79 11.72
CA ASN A 335 12.95 9.34 12.15
C ASN A 335 13.88 9.13 10.96
N ALA A 336 13.41 8.45 9.93
CA ALA A 336 14.26 8.22 8.76
C ALA A 336 14.75 9.54 8.16
N GLY A 337 13.94 10.58 8.21
CA GLY A 337 14.40 11.87 7.72
C GLY A 337 15.38 12.59 8.64
N ALA A 338 15.07 12.58 9.94
CA ALA A 338 15.94 13.22 10.92
C ALA A 338 17.35 12.64 10.87
N ILE A 339 17.48 11.32 10.64
CA ILE A 339 18.79 10.69 10.62
C ILE A 339 19.61 11.15 9.42
N VAL A 340 18.99 11.29 8.24
CA VAL A 340 19.72 11.85 7.11
C VAL A 340 20.02 13.33 7.35
N VAL A 341 19.06 14.07 7.91
CA VAL A 341 19.32 15.48 8.23
C VAL A 341 20.52 15.60 9.15
N THR A 342 20.51 14.85 10.25
CA THR A 342 21.68 14.76 11.13
C THR A 342 22.96 14.47 10.36
N SER A 343 22.87 13.70 9.28
CA SER A 343 24.06 13.38 8.51
C SER A 343 24.57 14.52 7.65
N LEU A 344 23.90 15.69 7.65
CA LEU A 344 24.32 16.83 6.86
C LEU A 344 25.03 17.90 7.68
N ILE A 345 24.73 17.98 8.97
CA ILE A 345 25.19 19.07 9.80
C ILE A 345 26.68 18.93 10.06
N LYS A 346 27.44 19.94 9.65
CA LYS A 346 28.88 20.03 9.91
C LYS A 346 29.60 18.73 9.51
N GLN A 347 29.48 18.40 8.23
CA GLN A 347 30.21 17.27 7.65
C GLN A 347 31.72 17.49 7.74
N GLY A 348 32.46 16.40 7.72
CA GLY A 348 33.92 16.44 7.81
C GLY A 348 34.46 16.55 9.23
N VAL A 349 33.90 17.46 10.01
CA VAL A 349 34.17 17.54 11.43
C VAL A 349 33.67 16.26 12.15
N ASN A 350 34.22 16.04 13.34
CA ASN A 350 33.92 14.82 14.10
C ASN A 350 32.79 15.07 15.10
N ASN A 351 32.20 13.97 15.60
CA ASN A 351 30.94 14.06 16.32
C ASN A 351 31.04 14.86 17.61
N ALA A 352 32.22 14.95 18.22
CA ALA A 352 32.35 15.81 19.38
C ALA A 352 32.15 17.27 18.99
N GLU A 353 32.79 17.70 17.91
CA GLU A 353 32.66 19.09 17.48
C GLU A 353 31.32 19.34 16.80
N LYS A 354 30.79 18.36 16.08
CA LYS A 354 29.42 18.46 15.62
C LYS A 354 28.48 18.76 16.78
N PHE A 355 28.55 17.97 17.83
CA PHE A 355 27.60 18.17 18.92
C PHE A 355 27.75 19.55 19.55
N ASP A 356 28.98 20.08 19.61
CA ASP A 356 29.12 21.44 20.13
C ASP A 356 28.53 22.45 19.17
N TYR A 357 28.70 22.24 17.87
CA TYR A 357 28.13 23.16 16.90
C TYR A 357 26.62 23.28 17.07
N VAL A 358 25.92 22.15 17.15
CA VAL A 358 24.47 22.19 17.34
C VAL A 358 24.13 22.72 18.72
N MET A 359 24.94 22.41 19.74
CA MET A 359 24.68 22.94 21.08
C MET A 359 24.72 24.47 21.09
N GLN A 360 25.73 25.06 20.47
CA GLN A 360 25.83 26.50 20.47
C GLN A 360 24.74 27.10 19.61
N PHE A 361 24.36 26.40 18.54
CA PHE A 361 23.26 26.86 17.71
C PHE A 361 21.96 26.91 18.50
N LEU A 362 21.69 25.86 19.28
CA LEU A 362 20.49 25.89 20.12
C LEU A 362 20.59 26.94 21.19
N ASN A 363 21.80 27.22 21.68
CA ASN A 363 21.94 28.28 22.67
C ASN A 363 21.56 29.64 22.07
N LYS A 364 21.96 29.88 20.83
CA LYS A 364 21.60 31.14 20.19
C LYS A 364 20.07 31.30 20.09
N MET A 365 19.34 30.23 19.74
CA MET A 365 17.89 30.37 19.65
C MET A 365 17.24 30.42 21.02
N ALA A 366 17.83 29.76 22.01
CA ALA A 366 17.23 29.80 23.34
C ALA A 366 17.50 31.11 24.05
N GLY A 367 18.09 32.09 23.37
CA GLY A 367 18.50 33.31 24.03
C GLY A 367 19.49 33.07 25.16
N ASN A 368 20.33 32.05 25.01
CA ASN A 368 21.31 31.63 26.02
C ASN A 368 20.65 31.22 27.31
N GLU A 369 19.42 30.70 27.20
CA GLU A 369 18.79 30.05 28.34
C GLU A 369 19.26 28.61 28.34
N TYR A 370 18.62 27.76 29.15
CA TYR A 370 19.21 26.47 29.46
C TYR A 370 19.13 25.53 28.27
N VAL A 371 20.27 25.17 27.72
CA VAL A 371 20.34 24.05 26.81
C VAL A 371 21.31 23.05 27.43
N GLY A 372 20.79 21.90 27.83
CA GLY A 372 21.59 20.91 28.50
C GLY A 372 21.77 19.63 27.70
N PHE A 373 22.21 18.58 28.39
CA PHE A 373 22.41 17.28 27.76
C PHE A 373 22.28 16.18 28.81
N SER A 374 21.38 15.26 28.58
CA SER A 374 21.26 14.07 29.43
C SER A 374 22.07 12.95 28.80
N ASN A 375 23.30 12.73 29.27
CA ASN A 375 24.01 11.53 28.84
C ASN A 375 23.29 10.26 29.31
N ALA A 376 22.59 10.32 30.44
CA ALA A 376 21.79 9.18 30.88
C ALA A 376 20.79 8.76 29.80
N THR A 377 20.01 9.72 29.28
CA THR A 377 19.09 9.40 28.19
C THR A 377 19.85 8.89 26.97
N PHE A 378 21.01 9.47 26.70
CA PHE A 378 21.75 9.09 25.51
C PHE A 378 22.04 7.60 25.52
N GLN A 379 22.48 7.09 26.68
CA GLN A 379 22.82 5.67 26.76
C GLN A 379 21.62 4.80 26.42
N SER A 380 20.43 5.13 26.96
CA SER A 380 19.26 4.30 26.69
C SER A 380 18.87 4.31 25.21
N GLU A 381 18.79 5.51 24.61
CA GLU A 381 18.38 5.59 23.21
C GLU A 381 19.31 4.80 22.30
N ARG A 382 20.60 4.70 22.64
CA ARG A 382 21.51 3.93 21.80
C ARG A 382 21.55 2.46 22.19
N GLU A 383 21.14 2.13 23.40
CA GLU A 383 21.08 0.73 23.78
C GLU A 383 19.81 0.06 23.26
N SER A 384 18.70 0.78 23.20
CA SER A 384 17.46 0.18 22.73
C SER A 384 16.90 0.91 21.52
N GLY A 385 17.79 1.42 20.67
CA GLY A 385 17.35 2.08 19.46
C GLY A 385 17.39 1.16 18.27
N ASP A 386 16.94 -0.08 18.46
CA ASP A 386 17.01 -1.05 17.37
C ASP A 386 16.25 -0.56 16.14
N ARG A 387 15.08 0.04 16.34
CA ARG A 387 14.35 0.61 15.21
C ARG A 387 15.23 1.55 14.39
N ASN A 388 15.94 2.47 15.07
CA ASN A 388 16.77 3.43 14.34
C ASN A 388 17.96 2.76 13.66
N PHE A 389 18.53 1.73 14.28
CA PHE A 389 19.59 1.02 13.61
C PHE A 389 19.08 0.41 12.30
N ALA A 390 17.86 -0.14 12.32
CA ALA A 390 17.23 -0.59 11.09
C ALA A 390 17.23 0.51 10.04
N ILE A 391 16.70 1.68 10.42
CA ILE A 391 16.66 2.82 9.49
C ILE A 391 18.07 3.14 9.00
N GLY A 392 19.06 3.13 9.90
CA GLY A 392 20.40 3.49 9.50
C GLY A 392 20.95 2.59 8.41
N TYR A 393 20.85 1.28 8.61
CA TYR A 393 21.37 0.38 7.61
C TYR A 393 20.60 0.51 6.29
N TYR A 394 19.26 0.56 6.36
CA TYR A 394 18.46 0.74 5.16
C TYR A 394 18.88 1.99 4.41
N LEU A 395 19.01 3.11 5.12
CA LEU A 395 19.48 4.34 4.49
C LEU A 395 20.82 4.12 3.81
N LYS A 396 21.74 3.47 4.51
CA LYS A 396 23.03 3.18 3.93
C LYS A 396 22.87 2.36 2.65
N GLU A 397 21.96 1.39 2.66
CA GLU A 397 21.80 0.53 1.49
C GLU A 397 21.32 1.33 0.29
N LYS A 398 20.26 2.13 0.49
CA LYS A 398 19.78 3.00 -0.57
C LYS A 398 20.62 4.29 -0.70
N LYS A 399 21.83 4.31 -0.14
CA LYS A 399 22.84 5.35 -0.41
C LYS A 399 22.32 6.76 -0.15
N CYS A 400 21.56 6.91 0.94
CA CYS A 400 20.88 8.16 1.25
C CYS A 400 21.79 9.17 1.93
N PHE A 401 22.85 8.73 2.59
CA PHE A 401 23.73 9.65 3.28
C PHE A 401 24.72 10.28 2.31
N PRO A 402 25.23 11.48 2.62
CA PRO A 402 26.23 12.09 1.74
C PRO A 402 27.49 11.26 1.70
N GLU A 403 28.30 11.56 0.70
CA GLU A 403 29.52 10.83 0.43
C GLU A 403 30.41 10.82 1.67
N GLY A 404 30.78 9.63 2.10
CA GLY A 404 31.69 9.50 3.23
C GLY A 404 31.01 9.62 4.58
N THR A 405 29.80 9.12 4.70
CA THR A 405 29.06 9.24 5.94
C THR A 405 29.26 7.98 6.77
N ASP A 406 29.82 8.15 7.96
CA ASP A 406 29.98 7.01 8.87
C ASP A 406 28.61 6.77 9.50
N MET A 407 27.91 5.78 8.95
CA MET A 407 26.51 5.59 9.30
C MET A 407 26.35 5.32 10.79
N VAL A 408 27.18 4.45 11.34
CA VAL A 408 27.03 4.15 12.76
C VAL A 408 27.35 5.38 13.59
N GLY A 409 28.24 6.26 13.10
CA GLY A 409 28.54 7.49 13.81
C GLY A 409 27.42 8.52 13.72
N ILE A 410 26.76 8.61 12.55
CA ILE A 410 25.62 9.50 12.43
C ILE A 410 24.49 9.04 13.33
N LEU A 411 24.40 7.74 13.58
CA LEU A 411 23.33 7.29 14.48
C LEU A 411 23.65 7.67 15.92
N ASP A 412 24.92 7.66 16.28
CA ASP A 412 25.30 8.03 17.64
C ASP A 412 25.10 9.52 17.86
N PHE A 413 25.54 10.34 16.90
CA PHE A 413 25.19 11.76 16.89
C PHE A 413 23.69 11.95 17.05
N TYR A 414 22.91 11.25 16.23
CA TYR A 414 21.46 11.38 16.27
C TYR A 414 20.89 11.01 17.63
N PHE A 415 21.43 9.96 18.25
CA PHE A 415 20.99 9.63 19.60
C PHE A 415 21.38 10.71 20.61
N GLN A 416 22.52 11.37 20.38
CA GLN A 416 22.88 12.50 21.24
C GLN A 416 21.86 13.61 21.12
N LEU A 417 21.57 14.04 19.89
CA LEU A 417 20.70 15.19 19.69
C LEU A 417 19.33 14.99 20.32
N CYS A 418 18.80 13.76 20.27
CA CYS A 418 17.53 13.49 20.94
C CYS A 418 17.63 13.65 22.45
N SER A 419 18.84 13.64 22.98
CA SER A 419 19.08 13.67 24.42
C SER A 419 19.46 15.07 24.90
N ILE A 420 19.35 16.08 24.04
CA ILE A 420 19.60 17.44 24.48
C ILE A 420 18.50 17.87 25.44
N GLU A 421 18.89 18.52 26.53
CA GLU A 421 17.93 18.92 27.54
C GLU A 421 17.54 20.39 27.39
N VAL A 422 16.30 20.69 27.76
CA VAL A 422 15.78 22.06 27.83
C VAL A 422 14.79 22.12 28.98
N THR A 423 14.46 23.34 29.38
CA THR A 423 13.28 23.54 30.21
C THR A 423 12.20 24.17 29.34
N CYS A 424 10.96 24.15 29.84
CA CYS A 424 9.90 24.85 29.15
C CYS A 424 10.34 26.25 28.79
N GLU A 425 10.86 26.97 29.78
CA GLU A 425 11.25 28.36 29.58
C GLU A 425 12.25 28.48 28.44
N SER A 426 13.40 27.79 28.57
CA SER A 426 14.43 27.92 27.54
C SER A 426 13.88 27.57 26.16
N ALA A 427 13.10 26.49 26.06
CA ALA A 427 12.70 26.06 24.73
C ALA A 427 11.63 26.97 24.15
N SER A 428 10.81 27.57 25.01
CA SER A 428 9.80 28.51 24.51
C SER A 428 10.46 29.70 23.80
N VAL A 429 11.71 30.03 24.17
CA VAL A 429 12.44 31.03 23.39
C VAL A 429 12.86 30.45 22.06
N MET A 430 13.29 29.19 22.06
CA MET A 430 13.62 28.55 20.80
C MET A 430 12.45 28.63 19.85
N ALA A 431 11.28 28.19 20.31
CA ALA A 431 10.06 28.30 19.51
C ALA A 431 9.88 29.72 19.01
N ALA A 432 9.90 30.68 19.92
CA ALA A 432 9.69 32.07 19.56
C ALA A 432 10.66 32.54 18.49
N THR A 433 11.86 31.96 18.42
CA THR A 433 12.77 32.40 17.37
C THR A 433 12.23 31.97 16.00
N LEU A 434 11.69 30.76 15.92
CA LEU A 434 10.97 30.32 14.74
C LEU A 434 9.75 31.20 14.47
N ALA A 435 9.00 31.55 15.53
CA ALA A 435 7.91 32.50 15.37
C ALA A 435 8.39 33.85 14.84
N ASN A 436 9.64 34.23 15.13
CA ASN A 436 10.10 35.59 14.84
C ASN A 436 11.03 35.66 13.62
N GLY A 437 10.82 34.80 12.62
CA GLY A 437 11.55 34.95 11.38
C GLY A 437 13.04 34.69 11.46
N GLY A 438 13.50 34.06 12.55
CA GLY A 438 14.90 33.71 12.71
C GLY A 438 15.65 34.58 13.68
N PHE A 439 15.05 35.65 14.21
CA PHE A 439 15.68 36.54 15.19
C PHE A 439 15.26 36.14 16.60
N CYS A 440 16.23 35.81 17.44
CA CYS A 440 15.88 35.42 18.80
C CYS A 440 15.23 36.60 19.48
N PRO A 441 14.00 36.49 19.96
CA PRO A 441 13.30 37.68 20.45
C PRO A 441 13.92 38.31 21.70
N ILE A 442 14.62 37.56 22.56
CA ILE A 442 15.20 38.17 23.76
C ILE A 442 16.66 38.58 23.56
N THR A 443 17.16 38.55 22.32
CA THR A 443 18.53 38.99 22.15
C THR A 443 18.61 39.95 20.97
N GLY A 444 17.72 39.77 20.01
CA GLY A 444 17.84 40.48 18.76
C GLY A 444 18.83 39.88 17.79
N GLU A 445 19.44 38.74 18.10
CA GLU A 445 20.43 38.16 17.20
C GLU A 445 19.73 37.36 16.12
N ARG A 446 20.17 37.54 14.88
CA ARG A 446 19.71 36.68 13.78
C ARG A 446 20.37 35.33 13.95
N VAL A 447 19.57 34.30 14.16
CA VAL A 447 20.09 32.96 14.37
C VAL A 447 19.86 32.08 13.14
N LEU A 448 18.77 32.28 12.42
CA LEU A 448 18.39 31.41 11.31
C LEU A 448 17.93 32.24 10.13
N SER A 449 18.39 31.85 8.94
CA SER A 449 17.91 32.45 7.73
C SER A 449 16.38 32.36 7.68
N PRO A 450 15.70 33.30 7.02
CA PRO A 450 14.24 33.20 6.94
C PRO A 450 13.83 32.05 6.03
N GLU A 451 14.64 31.78 5.01
CA GLU A 451 14.56 30.52 4.28
C GLU A 451 14.44 29.34 5.24
N ALA A 452 15.42 29.18 6.13
CA ALA A 452 15.38 28.05 7.05
C ALA A 452 14.16 28.08 7.95
N VAL A 453 13.80 29.25 8.47
CA VAL A 453 12.65 29.29 9.37
C VAL A 453 11.37 28.94 8.63
N ARG A 454 11.17 29.53 7.44
CA ARG A 454 9.95 29.24 6.69
C ARG A 454 9.84 27.74 6.40
N ASN A 455 10.94 27.11 6.00
CA ASN A 455 10.90 25.68 5.72
C ASN A 455 10.51 24.91 6.97
N THR A 456 11.14 25.20 8.09
CA THR A 456 10.88 24.40 9.29
C THR A 456 9.44 24.53 9.73
N LEU A 457 8.90 25.75 9.68
CA LEU A 457 7.51 25.93 10.04
C LEU A 457 6.61 25.22 9.04
N SER A 458 7.00 25.25 7.76
CA SER A 458 6.22 24.54 6.75
C SER A 458 6.10 23.05 7.09
N LEU A 459 7.24 22.36 7.26
CA LEU A 459 7.20 20.92 7.47
C LEU A 459 6.64 20.56 8.82
N MET A 460 6.84 21.41 9.82
CA MET A 460 6.22 21.19 11.11
C MET A 460 4.71 21.13 10.96
N HIS A 461 4.19 21.92 10.05
CA HIS A 461 2.76 21.97 9.83
C HIS A 461 2.25 20.69 9.18
N SER A 462 2.94 20.23 8.13
CA SER A 462 2.46 19.09 7.36
C SER A 462 2.94 17.74 7.89
N CYS A 463 4.00 17.72 8.69
CA CYS A 463 4.63 16.46 9.06
C CYS A 463 5.03 16.38 10.52
N GLY A 464 4.77 17.41 11.33
CA GLY A 464 5.26 17.44 12.70
C GLY A 464 4.47 16.61 13.69
N MET A 465 3.21 16.30 13.40
CA MET A 465 2.40 15.47 14.27
C MET A 465 2.20 14.06 13.72
N TYR A 466 2.97 13.69 12.69
CA TYR A 466 3.01 12.33 12.15
C TYR A 466 1.66 12.06 11.49
N ASP A 467 0.91 11.04 11.90
CA ASP A 467 -0.40 10.76 11.31
C ASP A 467 -1.47 11.73 11.79
N PHE A 468 -1.41 12.12 13.07
CA PHE A 468 -2.25 13.17 13.62
C PHE A 468 -2.06 14.53 12.94
N SER A 469 -1.12 14.67 12.00
CA SER A 469 -0.79 16.00 11.47
C SER A 469 -1.99 16.65 10.77
N GLY A 470 -2.75 15.89 9.98
CA GLY A 470 -3.90 16.47 9.29
C GLY A 470 -4.98 16.90 10.26
N GLN A 471 -5.30 16.02 11.22
CA GLN A 471 -6.21 16.35 12.31
C GLN A 471 -5.73 17.58 13.08
N PHE A 472 -4.46 17.57 13.50
CA PHE A 472 -3.93 18.64 14.32
C PHE A 472 -3.86 19.93 13.55
N ALA A 473 -3.36 19.88 12.31
CA ALA A 473 -3.36 21.10 11.51
C ALA A 473 -4.78 21.57 11.23
N PHE A 474 -5.76 20.67 11.32
CA PHE A 474 -7.14 21.09 11.12
C PHE A 474 -7.69 21.83 12.33
N HIS A 475 -7.61 21.23 13.51
CA HIS A 475 -8.22 21.87 14.66
C HIS A 475 -7.30 22.93 15.28
N VAL A 476 -5.99 22.69 15.32
CA VAL A 476 -5.09 23.69 15.90
C VAL A 476 -4.55 24.63 14.83
N GLY A 477 -4.15 24.12 13.67
CA GLY A 477 -3.60 25.01 12.66
C GLY A 477 -2.36 25.78 13.07
N LEU A 478 -1.60 25.25 14.04
CA LEU A 478 -0.31 25.81 14.39
C LEU A 478 0.78 24.82 14.07
N PRO A 479 1.92 25.28 13.55
CA PRO A 479 3.07 24.39 13.43
C PRO A 479 3.53 23.98 14.82
N ALA A 480 3.73 22.66 14.99
CA ALA A 480 4.17 22.12 16.27
C ALA A 480 4.92 20.82 16.03
N LYS A 481 5.75 20.46 17.01
CA LYS A 481 6.45 19.18 17.01
C LYS A 481 6.33 18.55 18.39
N CYS A 482 6.30 17.22 18.42
CA CYS A 482 6.03 16.48 19.64
C CYS A 482 7.24 15.65 20.06
N GLY A 483 7.26 15.33 21.34
CA GLY A 483 8.38 14.58 21.88
C GLY A 483 7.93 13.56 22.89
N VAL A 484 8.60 12.40 22.88
CA VAL A 484 8.22 11.30 23.75
C VAL A 484 8.32 11.68 25.22
N ALA A 485 9.21 12.62 25.56
CA ALA A 485 9.30 13.11 26.92
C ALA A 485 8.10 13.96 27.33
N GLY A 486 7.24 14.32 26.39
CA GLY A 486 6.04 15.06 26.67
C GLY A 486 6.09 16.53 26.34
N GLY A 487 6.94 16.94 25.41
CA GLY A 487 7.03 18.34 25.00
C GLY A 487 6.30 18.60 23.70
N ILE A 488 5.72 19.80 23.58
CA ILE A 488 5.19 20.26 22.31
C ILE A 488 5.85 21.60 22.00
N LEU A 489 6.81 21.60 21.10
CA LEU A 489 7.36 22.83 20.57
C LEU A 489 6.30 23.42 19.64
N LEU A 490 5.69 24.52 20.07
CA LEU A 490 4.56 25.11 19.39
C LEU A 490 4.92 26.52 18.94
N VAL A 491 4.66 26.83 17.69
CA VAL A 491 4.98 28.15 17.14
C VAL A 491 3.68 28.80 16.65
N VAL A 492 3.38 29.98 17.17
CA VAL A 492 2.35 30.84 16.62
C VAL A 492 3.07 31.90 15.83
N PRO A 493 3.11 31.79 14.50
CA PRO A 493 3.92 32.70 13.69
C PRO A 493 3.57 34.16 13.93
N ASN A 494 4.60 35.00 13.99
CA ASN A 494 4.50 36.44 14.23
C ASN A 494 3.91 36.75 15.59
N VAL A 495 3.64 35.78 16.43
CA VAL A 495 3.11 36.16 17.73
C VAL A 495 4.01 35.65 18.83
N MET A 496 4.23 34.34 18.90
CA MET A 496 4.93 33.82 20.06
C MET A 496 5.29 32.37 19.83
N GLY A 497 6.27 31.88 20.61
CA GLY A 497 6.56 30.47 20.77
C GLY A 497 6.04 29.92 22.11
N MET A 498 5.92 28.59 22.21
CA MET A 498 5.52 27.94 23.44
C MET A 498 6.21 26.59 23.51
N MET A 499 6.46 26.14 24.74
CA MET A 499 6.72 24.74 24.98
C MET A 499 5.73 24.30 26.04
N CYS A 500 5.06 23.20 25.75
CA CYS A 500 4.22 22.54 26.72
C CYS A 500 4.96 21.27 27.12
N TRP A 501 4.82 20.87 28.38
CA TRP A 501 5.53 19.69 28.83
C TRP A 501 4.67 18.99 29.89
N SER A 502 4.13 17.83 29.52
CA SER A 502 3.51 16.89 30.43
C SER A 502 4.00 15.52 29.96
N PRO A 503 4.67 14.74 30.80
CA PRO A 503 5.29 13.49 30.33
C PRO A 503 4.28 12.41 29.94
N PRO A 504 3.07 12.39 30.50
CA PRO A 504 2.07 11.42 30.01
C PRO A 504 1.69 11.60 28.55
N LEU A 505 2.03 10.61 27.73
CA LEU A 505 1.62 10.59 26.34
C LEU A 505 0.21 10.00 26.17
N ASP A 506 -0.42 10.33 25.04
CA ASP A 506 -1.67 9.73 24.62
C ASP A 506 -1.35 8.52 23.76
N LYS A 507 -2.37 7.89 23.19
CA LYS A 507 -2.12 6.65 22.46
C LYS A 507 -1.13 6.85 21.31
N MET A 508 -1.07 8.06 20.77
CA MET A 508 -0.21 8.39 19.63
C MET A 508 1.16 8.92 20.06
N GLY A 509 1.42 9.04 21.36
CA GLY A 509 2.71 9.48 21.83
C GLY A 509 2.87 10.97 21.97
N ASN A 510 1.78 11.72 22.10
CA ASN A 510 1.80 13.16 22.28
C ASN A 510 1.30 13.47 23.68
N SER A 511 2.03 14.32 24.39
CA SER A 511 1.61 14.69 25.75
C SER A 511 0.14 15.06 25.77
N VAL A 512 -0.62 14.40 26.64
CA VAL A 512 -2.07 14.58 26.67
C VAL A 512 -2.42 16.01 27.06
N LYS A 513 -1.74 16.54 28.10
CA LYS A 513 -2.05 17.89 28.55
C LYS A 513 -1.58 18.92 27.53
N GLY A 514 -0.52 18.60 26.79
CA GLY A 514 -0.08 19.48 25.72
C GLY A 514 -1.14 19.61 24.64
N ILE A 515 -1.57 18.46 24.10
CA ILE A 515 -2.56 18.47 23.03
C ILE A 515 -3.82 19.17 23.48
N HIS A 516 -4.31 18.83 24.69
CA HIS A 516 -5.52 19.46 25.20
C HIS A 516 -5.33 20.97 25.35
N PHE A 517 -4.15 21.39 25.82
CA PHE A 517 -3.84 22.82 25.87
C PHE A 517 -3.88 23.43 24.47
N CYS A 518 -3.22 22.80 23.50
CA CYS A 518 -3.13 23.37 22.16
C CYS A 518 -4.50 23.57 21.53
N HIS A 519 -5.37 22.57 21.63
CA HIS A 519 -6.74 22.75 21.16
C HIS A 519 -7.40 23.91 21.91
N ASP A 520 -7.38 23.86 23.23
CA ASP A 520 -7.99 24.91 24.03
C ASP A 520 -7.49 26.30 23.62
N LEU A 521 -6.20 26.41 23.31
CA LEU A 521 -5.61 27.72 22.98
C LEU A 521 -6.24 28.28 21.72
N VAL A 522 -6.33 27.46 20.68
CA VAL A 522 -6.90 27.93 19.42
C VAL A 522 -8.42 28.08 19.52
N SER A 523 -9.08 27.31 20.38
CA SER A 523 -10.48 27.61 20.70
C SER A 523 -10.64 29.06 21.11
N LEU A 524 -9.72 29.54 21.95
CA LEU A 524 -9.87 30.83 22.60
C LEU A 524 -9.37 31.97 21.72
N CYS A 525 -8.22 31.81 21.09
CA CYS A 525 -7.56 32.92 20.42
C CYS A 525 -7.52 32.67 18.93
N ASN A 526 -7.55 33.74 18.15
CA ASN A 526 -7.56 33.59 16.69
C ASN A 526 -6.16 33.34 16.15
N PHE A 527 -5.47 32.34 16.69
CA PHE A 527 -4.12 32.01 16.24
C PHE A 527 -4.09 30.89 15.22
N HIS A 528 -5.22 30.24 14.95
CA HIS A 528 -5.23 29.22 13.89
C HIS A 528 -4.72 29.84 12.60
N ASN A 529 -3.91 29.07 11.89
CA ASN A 529 -3.24 29.52 10.68
C ASN A 529 -4.19 30.12 9.66
N TYR A 530 -5.50 29.92 9.85
CA TYR A 530 -6.53 30.32 8.89
C TYR A 530 -7.72 30.96 9.59
N ASP A 531 -7.58 31.37 10.85
CA ASP A 531 -8.49 32.36 11.39
C ASP A 531 -8.25 33.68 10.67
N ASN A 532 -9.30 34.48 10.55
CA ASN A 532 -9.10 35.80 9.99
C ASN A 532 -8.60 36.74 11.08
N LEU A 533 -7.70 37.64 10.70
CA LEU A 533 -7.24 38.69 11.59
C LEU A 533 -8.19 39.86 11.65
N ARG A 534 -9.30 39.81 10.95
CA ARG A 534 -10.30 40.86 10.99
C ARG A 534 -11.67 40.35 11.43
N HIS A 535 -12.12 39.23 10.88
CA HIS A 535 -13.40 38.62 11.24
C HIS A 535 -13.10 37.26 11.85
N PHE A 536 -13.01 37.22 13.16
CA PHE A 536 -12.60 36.05 13.91
C PHE A 536 -13.67 35.63 14.91
N ALA A 537 -14.94 35.77 14.51
CA ALA A 537 -16.05 35.32 15.35
C ALA A 537 -15.92 35.83 16.79
N LYS A 538 -16.18 34.91 17.72
CA LYS A 538 -16.19 35.21 19.13
C LYS A 538 -14.84 34.92 19.79
N LYS A 539 -13.87 34.40 19.02
CA LYS A 539 -12.52 34.26 19.54
C LYS A 539 -11.99 35.61 20.01
N LEU A 540 -11.12 35.56 21.02
CA LEU A 540 -10.37 36.72 21.46
C LEU A 540 -9.09 36.86 20.63
N ASP A 541 -8.75 38.10 20.25
CA ASP A 541 -7.48 38.38 19.59
C ASP A 541 -6.54 39.10 20.56
N PRO A 542 -5.56 38.40 21.16
CA PRO A 542 -4.57 39.05 22.05
C PRO A 542 -3.83 40.22 21.43
N ARG A 543 -3.81 40.29 20.10
CA ARG A 543 -3.05 41.32 19.41
C ARG A 543 -3.67 42.72 19.49
N ARG A 544 -4.90 42.85 19.99
CA ARG A 544 -5.62 44.12 19.99
C ARG A 544 -5.94 44.57 21.40
N GLU A 545 -6.39 45.81 21.54
CA GLU A 545 -6.70 46.40 22.83
C GLU A 545 -8.19 46.70 22.96
N GLY A 546 -8.56 47.40 24.05
CA GLY A 546 -9.92 47.81 24.30
C GLY A 546 -10.80 46.77 25.00
N PRO B 137 11.78 -69.43 -9.41
CA PRO B 137 12.71 -68.85 -8.40
C PRO B 137 14.00 -68.38 -9.07
N SER B 138 15.06 -68.12 -8.31
CA SER B 138 16.39 -67.78 -8.88
C SER B 138 16.46 -66.33 -9.37
N LEU B 139 16.20 -65.35 -8.48
CA LEU B 139 16.18 -63.92 -8.90
C LEU B 139 17.52 -63.54 -9.56
N GLU B 140 18.61 -63.70 -8.83
CA GLU B 140 19.93 -63.33 -9.39
C GLU B 140 20.13 -64.07 -10.70
N ASP B 141 19.59 -65.29 -10.83
CA ASP B 141 19.69 -65.98 -12.09
C ASP B 141 18.74 -65.36 -13.12
N LEU B 142 17.54 -64.98 -12.69
CA LEU B 142 16.59 -64.38 -13.60
C LEU B 142 17.21 -63.18 -14.27
N LEU B 143 17.95 -62.38 -13.50
CA LEU B 143 18.67 -61.25 -14.08
C LEU B 143 19.78 -61.72 -15.01
N PHE B 144 20.43 -62.83 -14.68
CA PHE B 144 21.61 -63.28 -15.40
C PHE B 144 21.34 -63.41 -16.90
N TYR B 145 20.34 -64.22 -17.28
CA TYR B 145 20.07 -64.39 -18.70
C TYR B 145 19.48 -63.15 -19.34
N THR B 146 18.90 -62.24 -18.54
CA THR B 146 18.46 -61.00 -19.12
C THR B 146 19.63 -60.22 -19.72
N ILE B 147 20.81 -60.27 -19.11
CA ILE B 147 21.96 -59.54 -19.65
C ILE B 147 22.72 -60.34 -20.72
N ALA B 148 22.77 -61.66 -20.59
CA ALA B 148 23.43 -62.50 -21.59
C ALA B 148 22.36 -63.07 -22.50
N GLU B 149 22.49 -62.81 -23.81
CA GLU B 149 21.46 -63.21 -24.78
C GLU B 149 21.53 -64.72 -25.02
N GLY B 150 20.97 -65.49 -24.08
CA GLY B 150 21.01 -66.94 -24.13
C GLY B 150 22.41 -67.53 -24.09
N GLN B 151 23.37 -66.80 -23.52
CA GLN B 151 24.77 -67.16 -23.59
C GLN B 151 25.33 -67.49 -22.20
N GLU B 152 26.58 -67.96 -22.19
CA GLU B 152 27.18 -68.50 -20.96
C GLU B 152 27.76 -67.39 -20.09
N LYS B 153 28.62 -66.54 -20.66
CA LYS B 153 29.36 -65.57 -19.86
C LYS B 153 29.04 -64.15 -20.31
N ILE B 154 29.05 -63.23 -19.35
CA ILE B 154 28.81 -61.81 -19.59
C ILE B 154 30.13 -61.06 -19.46
N PRO B 155 30.62 -60.42 -20.51
CA PRO B 155 31.81 -59.57 -20.35
C PRO B 155 31.51 -58.47 -19.35
N VAL B 156 32.45 -58.23 -18.43
CA VAL B 156 32.13 -57.40 -17.28
C VAL B 156 31.79 -55.97 -17.71
N HIS B 157 32.41 -55.50 -18.80
CA HIS B 157 32.06 -54.18 -19.29
C HIS B 157 30.62 -54.15 -19.80
N LYS B 158 30.14 -55.28 -20.31
CA LYS B 158 28.82 -55.29 -20.94
C LYS B 158 27.71 -55.17 -19.90
N PHE B 159 27.89 -55.78 -18.74
CA PHE B 159 27.02 -55.49 -17.60
C PHE B 159 27.10 -54.02 -17.22
N ILE B 160 28.33 -53.49 -17.13
CA ILE B 160 28.50 -52.09 -16.76
C ILE B 160 27.75 -51.18 -17.71
N THR B 161 27.90 -51.44 -19.02
CA THR B 161 27.18 -50.64 -20.01
C THR B 161 25.67 -50.75 -19.82
N ALA B 162 25.17 -51.97 -19.62
CA ALA B 162 23.74 -52.14 -19.40
C ALA B 162 23.29 -51.47 -18.11
N LEU B 163 24.16 -51.40 -17.11
CA LEU B 163 23.81 -50.68 -15.90
C LEU B 163 23.67 -49.19 -16.18
N LYS B 164 24.70 -48.59 -16.80
CA LYS B 164 24.68 -47.15 -17.05
C LYS B 164 23.51 -46.73 -17.92
N SER B 165 22.98 -47.62 -18.74
CA SER B 165 21.91 -47.27 -19.64
C SER B 165 20.54 -47.24 -18.97
N THR B 166 20.42 -47.77 -17.76
CA THR B 166 19.17 -47.56 -17.03
C THR B 166 19.18 -46.26 -16.27
N GLY B 167 20.30 -45.54 -16.28
CA GLY B 167 20.42 -44.24 -15.65
C GLY B 167 21.31 -44.22 -14.43
N LEU B 168 21.43 -45.35 -13.72
CA LEU B 168 22.23 -45.38 -12.51
C LEU B 168 23.69 -45.10 -12.83
N ARG B 169 24.44 -44.75 -11.80
CA ARG B 169 25.86 -44.53 -11.93
C ARG B 169 26.57 -45.62 -11.16
N THR B 170 27.70 -46.09 -11.71
CA THR B 170 28.43 -47.15 -11.02
C THR B 170 28.91 -46.71 -9.65
N SER B 171 29.03 -45.40 -9.43
CA SER B 171 29.35 -44.84 -8.13
C SER B 171 28.14 -44.77 -7.19
N ASP B 172 26.98 -45.29 -7.58
CA ASP B 172 25.79 -45.19 -6.75
C ASP B 172 26.05 -45.85 -5.40
N PRO B 173 25.71 -45.18 -4.29
CA PRO B 173 25.90 -45.79 -2.97
C PRO B 173 25.15 -47.09 -2.78
N ARG B 174 23.94 -47.20 -3.33
CA ARG B 174 23.16 -48.42 -3.20
C ARG B 174 23.78 -49.58 -3.96
N LEU B 175 24.80 -49.32 -4.77
CA LEU B 175 25.49 -50.34 -5.52
C LEU B 175 26.93 -50.56 -5.04
N LYS B 176 27.31 -49.99 -3.89
CA LYS B 176 28.73 -50.03 -3.52
C LYS B 176 29.21 -51.44 -3.25
N GLU B 177 28.40 -52.24 -2.56
CA GLU B 177 28.79 -53.63 -2.30
C GLU B 177 29.05 -54.36 -3.61
N CYS B 178 28.09 -54.29 -4.53
CA CYS B 178 28.26 -54.95 -5.82
C CYS B 178 29.51 -54.45 -6.53
N MET B 179 29.79 -53.16 -6.46
CA MET B 179 30.97 -52.66 -7.16
C MET B 179 32.25 -53.06 -6.45
N ASP B 180 32.20 -53.22 -5.13
CA ASP B 180 33.31 -53.82 -4.40
C ASP B 180 33.52 -55.26 -4.83
N MET B 181 32.42 -56.02 -4.94
CA MET B 181 32.52 -57.40 -5.39
C MET B 181 33.03 -57.51 -6.81
N LEU B 182 32.83 -56.48 -7.63
CA LEU B 182 33.35 -56.49 -8.98
C LEU B 182 34.81 -56.09 -9.03
N ARG B 183 35.23 -55.14 -8.20
CA ARG B 183 36.65 -54.80 -8.12
C ARG B 183 37.48 -55.99 -7.65
N LEU B 184 36.92 -56.80 -6.74
CA LEU B 184 37.59 -58.03 -6.32
C LEU B 184 37.73 -59.01 -7.46
N THR B 185 36.65 -59.22 -8.21
CA THR B 185 36.68 -60.21 -9.28
C THR B 185 37.63 -59.77 -10.40
N LEU B 186 37.66 -58.48 -10.73
CA LEU B 186 38.63 -57.95 -11.69
C LEU B 186 40.06 -58.01 -11.18
N GLN B 187 40.26 -58.39 -9.92
CA GLN B 187 41.60 -58.49 -9.34
C GLN B 187 42.22 -59.88 -9.53
N THR B 188 41.39 -60.93 -9.68
CA THR B 188 41.88 -62.31 -9.78
C THR B 188 42.44 -62.65 -11.16
N THR B 189 42.06 -61.89 -12.19
CA THR B 189 42.58 -62.07 -13.54
C THR B 189 42.70 -60.70 -14.22
N SER B 190 43.43 -60.65 -15.33
CA SER B 190 43.54 -59.38 -16.08
C SER B 190 43.15 -59.62 -17.55
N ASP B 191 41.96 -60.18 -17.80
CA ASP B 191 41.57 -60.53 -19.19
C ASP B 191 40.05 -60.50 -19.36
N GLY B 192 39.45 -59.31 -19.42
CA GLY B 192 37.98 -59.20 -19.66
C GLY B 192 37.16 -59.72 -18.51
N VAL B 193 37.73 -60.62 -17.70
CA VAL B 193 37.04 -61.18 -16.50
C VAL B 193 35.54 -61.37 -16.78
N MET B 194 35.19 -62.38 -17.56
CA MET B 194 33.76 -62.69 -17.80
C MET B 194 33.19 -63.38 -16.56
N LEU B 195 31.87 -63.31 -16.38
CA LEU B 195 31.22 -63.83 -15.19
C LEU B 195 30.27 -64.95 -15.61
N ASP B 196 30.29 -66.06 -14.87
CA ASP B 196 29.28 -67.08 -15.07
C ASP B 196 28.14 -66.81 -14.10
N LYS B 197 27.10 -67.63 -14.17
CA LYS B 197 25.95 -67.48 -13.28
C LYS B 197 26.39 -67.43 -11.83
N ASP B 198 27.41 -68.20 -11.48
CA ASP B 198 27.79 -68.32 -10.08
C ASP B 198 28.45 -67.05 -9.56
N LEU B 199 29.31 -66.43 -10.38
CA LEU B 199 30.06 -65.26 -9.95
C LEU B 199 29.23 -63.98 -10.08
N PHE B 200 28.50 -63.83 -11.18
CA PHE B 200 27.50 -62.78 -11.26
C PHE B 200 26.62 -62.80 -10.01
N LYS B 201 25.99 -63.94 -9.70
CA LYS B 201 25.16 -64.03 -8.50
C LYS B 201 25.94 -63.61 -7.25
N LYS B 202 27.26 -63.84 -7.26
CA LYS B 202 28.09 -63.50 -6.11
C LYS B 202 28.25 -61.99 -5.96
N CYS B 203 28.25 -61.26 -7.08
CA CYS B 203 28.38 -59.81 -6.99
C CYS B 203 27.04 -59.12 -6.72
N VAL B 204 26.00 -59.50 -7.46
CA VAL B 204 24.78 -58.73 -7.48
C VAL B 204 23.81 -59.08 -6.38
N GLN B 205 24.02 -60.19 -5.68
CA GLN B 205 23.00 -60.60 -4.72
C GLN B 205 22.84 -59.56 -3.61
N SER B 206 23.90 -58.82 -3.28
CA SER B 206 23.80 -57.82 -2.22
C SER B 206 22.94 -56.64 -2.62
N ASN B 207 22.74 -56.39 -3.92
CA ASN B 207 21.96 -55.28 -4.42
C ASN B 207 20.93 -55.72 -5.47
N ILE B 208 20.34 -56.91 -5.29
CA ILE B 208 19.57 -57.48 -6.39
C ILE B 208 18.24 -56.75 -6.59
N VAL B 209 17.61 -56.29 -5.51
CA VAL B 209 16.35 -55.57 -5.66
C VAL B 209 16.55 -54.36 -6.57
N LEU B 210 17.46 -53.45 -6.18
CA LEU B 210 17.68 -52.26 -6.99
C LEU B 210 18.08 -52.63 -8.42
N LEU B 211 18.90 -53.67 -8.58
CA LEU B 211 19.42 -53.99 -9.89
C LEU B 211 18.33 -54.51 -10.81
N THR B 212 17.46 -55.39 -10.31
CA THR B 212 16.39 -55.87 -11.17
C THR B 212 15.38 -54.76 -11.43
N GLN B 213 15.17 -53.84 -10.47
CA GLN B 213 14.28 -52.72 -10.74
C GLN B 213 14.81 -51.83 -11.85
N ALA B 214 16.13 -51.70 -11.95
CA ALA B 214 16.72 -50.97 -13.08
C ALA B 214 16.54 -51.74 -14.37
N PHE B 215 16.86 -53.02 -14.37
CA PHE B 215 16.84 -53.80 -15.60
C PHE B 215 15.45 -54.26 -16.01
N ARG B 216 14.51 -54.41 -15.07
CA ARG B 216 13.11 -54.62 -15.40
C ARG B 216 12.34 -53.30 -15.52
N ARG B 217 13.06 -52.20 -15.72
CA ARG B 217 12.47 -50.93 -16.14
C ARG B 217 11.31 -50.53 -15.23
N LYS B 218 11.58 -50.58 -13.94
CA LYS B 218 10.63 -50.16 -12.94
C LYS B 218 10.90 -48.73 -12.48
N PHE B 219 11.97 -48.11 -12.97
CA PHE B 219 12.34 -46.79 -12.49
C PHE B 219 11.40 -45.74 -13.06
N VAL B 220 11.33 -44.60 -12.36
CA VAL B 220 10.28 -43.61 -12.59
C VAL B 220 10.29 -43.12 -14.03
N ILE B 221 11.47 -43.02 -14.65
CA ILE B 221 11.56 -42.86 -16.09
C ILE B 221 12.16 -44.13 -16.65
N PRO B 222 11.39 -44.99 -17.31
CA PRO B 222 11.94 -46.27 -17.76
C PRO B 222 12.91 -46.14 -18.92
N ASP B 223 12.46 -45.56 -20.02
CA ASP B 223 13.34 -45.32 -21.17
C ASP B 223 14.16 -44.06 -20.88
N PHE B 224 14.98 -44.16 -19.84
CA PHE B 224 15.76 -43.00 -19.39
C PHE B 224 16.83 -42.62 -20.39
N MET B 225 17.30 -43.54 -21.23
CA MET B 225 18.27 -43.13 -22.23
C MET B 225 17.66 -42.11 -23.17
N SER B 226 16.39 -42.30 -23.53
CA SER B 226 15.71 -41.30 -24.34
C SER B 226 15.59 -39.97 -23.60
N PHE B 227 15.14 -40.04 -22.34
CA PHE B 227 14.80 -38.82 -21.62
C PHE B 227 15.97 -37.85 -21.51
N THR B 228 17.21 -38.36 -21.48
CA THR B 228 18.35 -37.46 -21.41
C THR B 228 18.69 -36.84 -22.75
N SER B 229 18.32 -37.49 -23.86
CA SER B 229 18.40 -36.81 -25.14
C SER B 229 17.59 -35.52 -25.12
N HIS B 230 16.36 -35.59 -24.62
CA HIS B 230 15.55 -34.38 -24.58
C HIS B 230 16.10 -33.38 -23.59
N ILE B 231 16.68 -33.85 -22.48
CA ILE B 231 17.31 -32.91 -21.55
C ILE B 231 18.51 -32.26 -22.21
N ASP B 232 19.10 -32.91 -23.20
CA ASP B 232 20.22 -32.32 -23.89
C ASP B 232 19.75 -31.26 -24.87
N GLU B 233 18.68 -31.58 -25.62
CA GLU B 233 18.02 -30.57 -26.45
C GLU B 233 17.67 -29.34 -25.62
N LEU B 234 16.95 -29.54 -24.52
CA LEU B 234 16.55 -28.42 -23.67
C LEU B 234 17.76 -27.63 -23.24
N TYR B 235 18.80 -28.34 -22.81
CA TYR B 235 20.07 -27.71 -22.46
C TYR B 235 20.58 -26.85 -23.61
N GLU B 236 20.35 -27.29 -24.85
CA GLU B 236 20.97 -26.62 -25.99
C GLU B 236 20.17 -25.42 -26.45
N SER B 237 18.85 -25.59 -26.65
CA SER B 237 17.96 -24.48 -26.96
C SER B 237 18.26 -23.32 -26.00
N ALA B 238 18.50 -23.65 -24.72
CA ALA B 238 18.69 -22.66 -23.68
C ALA B 238 20.12 -22.13 -23.58
N LYS B 239 21.10 -22.88 -24.11
CA LYS B 239 22.45 -22.34 -24.14
C LYS B 239 22.56 -21.18 -25.12
N LYS B 240 21.67 -21.14 -26.12
CA LYS B 240 21.62 -20.05 -27.09
C LYS B 240 21.07 -18.76 -26.50
N GLN B 241 20.38 -18.84 -25.37
CA GLN B 241 19.89 -17.63 -24.72
C GLN B 241 21.05 -16.89 -24.08
N SER B 242 21.36 -15.72 -24.63
CA SER B 242 22.60 -15.01 -24.36
C SER B 242 22.48 -13.92 -23.31
N GLY B 243 21.26 -13.50 -22.95
CA GLY B 243 21.07 -12.35 -22.09
C GLY B 243 21.66 -12.46 -20.68
N GLY B 244 21.58 -11.38 -19.91
CA GLY B 244 21.82 -11.48 -18.49
C GLY B 244 23.03 -10.66 -18.06
N LYS B 245 23.02 -10.30 -16.78
CA LYS B 245 24.20 -9.67 -16.17
C LYS B 245 24.58 -10.47 -14.93
N VAL B 246 25.84 -10.90 -14.88
CA VAL B 246 26.32 -11.60 -13.70
C VAL B 246 26.34 -10.64 -12.52
N ALA B 247 26.02 -11.14 -11.34
CA ALA B 247 25.91 -10.26 -10.18
C ALA B 247 27.30 -9.83 -9.68
N ASP B 248 27.32 -8.75 -8.91
CA ASP B 248 28.56 -8.18 -8.39
C ASP B 248 28.31 -7.17 -7.27
N LYS B 255 30.78 -12.33 -10.27
CA LYS B 255 32.22 -12.55 -10.26
C LYS B 255 32.63 -13.59 -11.32
N PHE B 256 31.75 -14.58 -11.54
CA PHE B 256 32.01 -15.76 -12.35
C PHE B 256 32.14 -15.41 -13.84
N SER B 257 32.02 -16.48 -14.75
CA SER B 257 32.06 -16.36 -16.22
C SER B 257 30.67 -16.54 -16.82
N PRO B 258 30.20 -15.65 -17.69
CA PRO B 258 28.82 -15.73 -18.18
C PRO B 258 28.54 -16.89 -19.14
N ASP B 259 29.51 -17.76 -19.37
CA ASP B 259 29.32 -18.86 -20.30
C ASP B 259 29.23 -20.22 -19.63
N LEU B 260 29.34 -20.27 -18.30
CA LEU B 260 29.05 -21.49 -17.58
C LEU B 260 27.56 -21.78 -17.64
N TRP B 261 27.23 -23.04 -17.94
CA TRP B 261 25.83 -23.46 -18.09
C TRP B 261 25.78 -24.98 -17.94
N GLY B 262 25.30 -25.44 -16.79
CA GLY B 262 25.09 -26.86 -16.56
C GLY B 262 23.66 -27.19 -16.18
N VAL B 263 23.27 -28.42 -16.47
CA VAL B 263 21.99 -28.96 -16.02
C VAL B 263 22.23 -30.35 -15.45
N SER B 264 21.63 -30.63 -14.29
CA SER B 264 21.76 -31.92 -13.60
C SER B 264 20.40 -32.45 -13.22
N VAL B 265 20.17 -33.71 -13.53
CA VAL B 265 18.93 -34.40 -13.20
C VAL B 265 19.28 -35.57 -12.32
N CYS B 266 18.52 -35.75 -11.24
CA CYS B 266 18.55 -36.98 -10.48
C CYS B 266 17.10 -37.37 -10.21
N THR B 267 16.63 -38.44 -10.82
CA THR B 267 15.26 -38.91 -10.59
C THR B 267 15.14 -39.45 -9.17
N VAL B 268 13.89 -39.63 -8.73
CA VAL B 268 13.64 -40.18 -7.41
C VAL B 268 14.14 -41.61 -7.27
N ASP B 269 14.54 -42.24 -8.36
CA ASP B 269 15.07 -43.61 -8.30
C ASP B 269 16.59 -43.65 -8.43
N GLY B 270 17.25 -42.49 -8.43
CA GLY B 270 18.69 -42.41 -8.53
C GLY B 270 19.22 -42.27 -9.94
N GLN B 271 18.38 -42.34 -10.96
CA GLN B 271 18.87 -42.18 -12.31
C GLN B 271 19.46 -40.80 -12.48
N ARG B 272 20.69 -40.72 -12.97
CA ARG B 272 21.44 -39.48 -13.05
C ARG B 272 21.70 -39.10 -14.50
N HIS B 273 21.63 -37.80 -14.77
CA HIS B 273 22.12 -37.28 -16.05
C HIS B 273 22.61 -35.85 -15.87
N SER B 274 23.67 -35.51 -16.59
CA SER B 274 24.18 -34.15 -16.57
C SER B 274 24.57 -33.75 -17.97
N THR B 275 24.66 -32.45 -18.16
CA THR B 275 25.12 -31.88 -19.42
C THR B 275 25.53 -30.46 -19.11
N GLY B 276 26.68 -30.02 -19.66
CA GLY B 276 27.25 -28.74 -19.31
C GLY B 276 28.05 -28.81 -18.03
N ASP B 277 28.49 -27.64 -17.59
CA ASP B 277 29.36 -27.47 -16.43
C ASP B 277 28.67 -27.83 -15.12
N THR B 278 28.40 -29.11 -14.92
CA THR B 278 27.66 -29.54 -13.75
C THR B 278 28.54 -29.84 -12.54
N LYS B 279 29.87 -29.79 -12.68
CA LYS B 279 30.79 -30.08 -11.59
C LYS B 279 31.55 -28.84 -11.10
N VAL B 280 31.26 -27.67 -11.62
CA VAL B 280 31.83 -26.43 -11.06
C VAL B 280 31.15 -26.14 -9.73
N PRO B 281 31.88 -25.85 -8.67
CA PRO B 281 31.23 -25.36 -7.45
C PRO B 281 30.71 -23.95 -7.66
N PHE B 282 29.50 -23.72 -7.17
CA PHE B 282 28.95 -22.38 -7.04
C PHE B 282 28.18 -22.33 -5.73
N CYS B 283 27.78 -21.11 -5.33
CA CYS B 283 27.05 -20.90 -4.09
C CYS B 283 25.54 -21.00 -4.29
N LEU B 284 24.86 -21.63 -3.33
CA LEU B 284 23.41 -21.65 -3.37
C LEU B 284 22.85 -20.25 -3.34
N GLN B 285 23.35 -19.42 -2.44
CA GLN B 285 22.66 -18.17 -2.13
C GLN B 285 21.22 -18.54 -1.78
N SER B 286 20.24 -17.82 -2.31
CA SER B 286 18.89 -17.99 -1.78
C SER B 286 18.33 -19.38 -2.01
N CYS B 287 18.90 -20.17 -2.95
CA CYS B 287 18.52 -21.58 -3.10
C CYS B 287 18.61 -22.33 -1.78
N VAL B 288 19.45 -21.88 -0.84
CA VAL B 288 19.58 -22.57 0.42
C VAL B 288 18.36 -22.37 1.31
N LYS B 289 17.50 -21.38 0.97
CA LYS B 289 16.39 -21.01 1.83
C LYS B 289 15.34 -22.12 1.94
N PRO B 290 14.95 -22.82 0.84
CA PRO B 290 14.07 -23.99 1.05
C PRO B 290 14.72 -25.06 1.93
N LEU B 291 16.00 -25.38 1.73
CA LEU B 291 16.64 -26.46 2.48
C LEU B 291 16.67 -26.17 3.97
N LYS B 292 17.09 -24.97 4.36
CA LYS B 292 17.17 -24.70 5.79
C LYS B 292 15.80 -24.51 6.42
N TYR B 293 14.79 -24.15 5.61
CA TYR B 293 13.42 -24.19 6.09
C TYR B 293 12.96 -25.63 6.27
N ALA B 294 13.33 -26.50 5.33
CA ALA B 294 13.03 -27.92 5.47
C ALA B 294 13.66 -28.47 6.74
N ILE B 295 14.93 -28.10 7.00
CA ILE B 295 15.62 -28.59 8.20
C ILE B 295 14.88 -28.14 9.45
N ALA B 296 14.52 -26.85 9.48
CA ALA B 296 13.88 -26.33 10.68
C ALA B 296 12.61 -27.11 10.99
N VAL B 297 11.72 -27.23 9.99
CA VAL B 297 10.48 -27.99 10.14
C VAL B 297 10.78 -29.45 10.46
N ASN B 298 11.83 -30.03 9.87
CA ASN B 298 12.10 -31.44 10.15
C ASN B 298 12.43 -31.65 11.62
N ASP B 299 13.14 -30.68 12.22
CA ASP B 299 13.58 -30.76 13.61
C ASP B 299 12.55 -30.20 14.59
N LEU B 300 11.68 -29.27 14.15
CA LEU B 300 10.74 -28.61 15.05
C LEU B 300 9.29 -28.75 14.64
N GLY B 301 8.99 -29.16 13.40
CA GLY B 301 7.64 -29.33 12.95
C GLY B 301 7.01 -28.02 12.51
N THR B 302 5.89 -28.15 11.77
CA THR B 302 5.27 -26.98 11.16
C THR B 302 4.79 -25.98 12.20
N GLU B 303 4.17 -26.49 13.27
CA GLU B 303 3.59 -25.61 14.26
C GLU B 303 4.62 -24.62 14.78
N TYR B 304 5.79 -25.12 15.21
CA TYR B 304 6.76 -24.24 15.85
C TYR B 304 7.35 -23.26 14.86
N VAL B 305 7.89 -23.76 13.75
CA VAL B 305 8.52 -22.89 12.76
C VAL B 305 7.59 -21.78 12.37
N HIS B 306 6.29 -22.04 12.32
CA HIS B 306 5.36 -21.04 11.84
C HIS B 306 4.77 -20.19 12.96
N ARG B 307 5.34 -20.24 14.15
CA ARG B 307 5.15 -19.14 15.08
C ARG B 307 5.97 -17.94 14.66
N TYR B 308 7.03 -18.18 13.91
CA TYR B 308 8.03 -17.17 13.66
C TYR B 308 8.06 -16.71 12.21
N VAL B 309 7.38 -17.41 11.32
CA VAL B 309 7.36 -17.00 9.92
C VAL B 309 6.05 -17.47 9.32
N GLY B 310 5.60 -16.76 8.28
CA GLY B 310 4.32 -17.04 7.67
C GLY B 310 4.46 -17.97 6.50
N LYS B 311 3.33 -18.20 5.81
CA LYS B 311 3.30 -19.09 4.66
C LYS B 311 2.69 -18.47 3.41
N GLU B 312 2.66 -17.14 3.30
CA GLU B 312 2.06 -16.52 2.14
C GLU B 312 3.03 -15.52 1.52
N PRO B 313 2.88 -15.23 0.22
CA PRO B 313 3.81 -14.30 -0.42
C PRO B 313 3.49 -12.84 -0.08
N SER B 314 4.50 -11.99 -0.29
CA SER B 314 4.40 -10.56 0.03
C SER B 314 3.35 -9.83 -0.81
N LEU B 321 8.57 -3.24 2.69
CA LEU B 321 7.77 -4.04 3.61
C LEU B 321 8.50 -5.31 3.99
N PHE B 322 8.52 -5.58 5.28
CA PHE B 322 9.21 -6.74 5.82
C PHE B 322 8.30 -7.71 6.54
N LEU B 323 7.35 -7.20 7.32
CA LEU B 323 6.54 -8.05 8.16
C LEU B 323 5.11 -8.07 7.66
N ASN B 324 4.39 -9.11 8.06
CA ASN B 324 2.97 -9.25 7.79
C ASN B 324 2.22 -8.72 9.00
N GLU B 325 0.89 -8.82 8.99
CA GLU B 325 0.11 -8.25 10.07
C GLU B 325 0.35 -8.98 11.39
N ASP B 326 0.74 -10.23 11.34
CA ASP B 326 1.07 -10.93 12.56
C ASP B 326 2.48 -10.62 13.06
N ASP B 327 3.12 -9.59 12.49
CA ASP B 327 4.49 -9.18 12.84
C ASP B 327 5.49 -10.34 12.74
N LYS B 328 5.18 -11.31 11.86
CA LYS B 328 6.03 -12.37 11.35
C LYS B 328 6.44 -12.05 9.93
N PRO B 329 7.64 -12.43 9.48
CA PRO B 329 7.98 -12.25 8.07
C PRO B 329 7.03 -13.09 7.24
N HIS B 330 6.86 -12.67 5.98
CA HIS B 330 5.76 -13.20 5.19
C HIS B 330 5.89 -14.71 4.98
N ASN B 331 7.07 -15.16 4.59
CA ASN B 331 7.30 -16.55 4.25
C ASN B 331 8.79 -16.78 4.31
N PRO B 332 9.23 -18.02 4.53
CA PRO B 332 10.66 -18.29 4.65
C PRO B 332 11.43 -18.25 3.35
N MET B 333 10.83 -17.89 2.23
CA MET B 333 11.63 -17.67 1.03
C MET B 333 12.18 -16.26 0.91
N VAL B 334 11.61 -15.30 1.62
CA VAL B 334 12.12 -13.94 1.59
C VAL B 334 13.21 -13.80 2.65
N ASN B 335 14.10 -12.81 2.47
CA ASN B 335 15.28 -12.69 3.33
C ASN B 335 14.87 -12.53 4.79
N ALA B 336 13.91 -11.64 5.05
CA ALA B 336 13.41 -11.51 6.42
C ALA B 336 12.99 -12.87 6.97
N GLY B 337 12.35 -13.71 6.14
CA GLY B 337 11.94 -15.02 6.62
C GLY B 337 13.12 -15.97 6.81
N ALA B 338 14.03 -16.01 5.82
CA ALA B 338 15.23 -16.84 5.93
C ALA B 338 15.95 -16.57 7.24
N ILE B 339 16.08 -15.29 7.61
CA ILE B 339 16.81 -14.91 8.82
C ILE B 339 16.13 -15.46 10.06
N VAL B 340 14.81 -15.35 10.14
CA VAL B 340 14.09 -15.93 11.25
C VAL B 340 14.25 -17.45 11.27
N VAL B 341 14.06 -18.10 10.10
CA VAL B 341 14.27 -19.54 10.02
C VAL B 341 15.67 -19.89 10.52
N THR B 342 16.69 -19.16 10.05
CA THR B 342 18.05 -19.39 10.52
C THR B 342 18.13 -19.38 12.03
N SER B 343 17.43 -18.46 12.67
CA SER B 343 17.54 -18.41 14.13
C SER B 343 16.90 -19.58 14.85
N LEU B 344 16.20 -20.49 14.14
CA LEU B 344 15.58 -21.60 14.83
C LEU B 344 16.42 -22.87 14.81
N ILE B 345 17.27 -23.02 13.79
CA ILE B 345 18.07 -24.23 13.63
C ILE B 345 19.06 -24.33 14.78
N LYS B 346 18.93 -25.39 15.58
CA LYS B 346 19.85 -25.73 16.66
C LYS B 346 20.10 -24.54 17.58
N GLN B 347 19.05 -24.15 18.29
CA GLN B 347 19.22 -23.08 19.27
C GLN B 347 20.05 -23.57 20.44
N GLY B 348 20.63 -22.62 21.17
CA GLY B 348 21.52 -22.95 22.25
C GLY B 348 22.96 -23.13 21.79
N VAL B 349 23.22 -24.21 21.04
CA VAL B 349 24.54 -24.44 20.49
C VAL B 349 25.02 -23.23 19.66
N ASN B 350 26.35 -23.11 19.52
CA ASN B 350 26.95 -21.91 18.94
C ASN B 350 27.07 -22.01 17.42
N ASN B 351 27.54 -20.93 16.79
CA ASN B 351 27.43 -20.79 15.34
C ASN B 351 28.42 -21.68 14.59
N ALA B 352 29.50 -22.11 15.24
CA ALA B 352 30.43 -23.04 14.60
C ALA B 352 29.82 -24.43 14.49
N GLU B 353 29.13 -24.85 15.55
CA GLU B 353 28.50 -26.16 15.55
C GLU B 353 27.18 -26.16 14.82
N LYS B 354 26.44 -25.03 14.87
CA LYS B 354 25.23 -24.91 14.07
C LYS B 354 25.57 -25.08 12.60
N PHE B 355 26.65 -24.43 12.15
CA PHE B 355 27.05 -24.59 10.77
C PHE B 355 27.40 -26.06 10.45
N ASP B 356 28.14 -26.74 11.35
CA ASP B 356 28.43 -28.16 11.15
C ASP B 356 27.13 -28.96 10.98
N TYR B 357 26.16 -28.73 11.85
CA TYR B 357 24.93 -29.52 11.80
C TYR B 357 24.23 -29.36 10.46
N VAL B 358 23.93 -28.11 10.05
CA VAL B 358 23.38 -27.90 8.72
C VAL B 358 24.23 -28.58 7.65
N MET B 359 25.56 -28.50 7.78
CA MET B 359 26.41 -29.16 6.81
C MET B 359 26.15 -30.68 6.79
N GLN B 360 26.12 -31.31 7.97
CA GLN B 360 25.82 -32.73 8.02
C GLN B 360 24.50 -33.03 7.35
N PHE B 361 23.54 -32.11 7.50
CA PHE B 361 22.21 -32.30 6.92
C PHE B 361 22.25 -32.18 5.42
N LEU B 362 22.87 -31.12 4.91
CA LEU B 362 23.07 -30.99 3.47
C LEU B 362 23.80 -32.21 2.90
N ASN B 363 24.71 -32.79 3.65
CA ASN B 363 25.35 -34.00 3.15
C ASN B 363 24.30 -35.11 2.96
N LYS B 364 23.42 -35.27 3.94
CA LYS B 364 22.45 -36.35 3.85
C LYS B 364 21.56 -36.18 2.62
N MET B 365 21.26 -34.92 2.26
CA MET B 365 20.42 -34.66 1.09
C MET B 365 21.16 -34.79 -0.23
N ALA B 366 22.45 -34.50 -0.25
CA ALA B 366 23.15 -34.71 -1.50
C ALA B 366 23.66 -36.15 -1.63
N GLY B 367 23.26 -37.04 -0.73
CA GLY B 367 23.80 -38.39 -0.70
C GLY B 367 25.32 -38.38 -0.63
N ASN B 368 25.84 -37.41 0.14
CA ASN B 368 27.28 -37.27 0.39
C ASN B 368 28.06 -36.93 -0.87
N GLU B 369 27.39 -36.36 -1.88
CA GLU B 369 28.07 -35.68 -2.98
C GLU B 369 28.59 -34.32 -2.51
N TYR B 370 29.06 -33.49 -3.46
CA TYR B 370 29.83 -32.30 -3.10
C TYR B 370 29.00 -31.24 -2.38
N VAL B 371 29.36 -30.94 -1.15
CA VAL B 371 28.93 -29.71 -0.49
C VAL B 371 30.17 -29.00 0.03
N GLY B 372 30.29 -27.73 -0.29
CA GLY B 372 31.42 -26.96 0.20
C GLY B 372 31.01 -25.64 0.81
N PHE B 373 31.98 -24.75 0.98
CA PHE B 373 31.77 -23.43 1.56
C PHE B 373 32.74 -22.45 0.93
N SER B 374 32.22 -21.31 0.52
CA SER B 374 33.03 -20.26 -0.12
C SER B 374 33.21 -19.14 0.89
N ASN B 375 34.34 -19.12 1.58
CA ASN B 375 34.60 -17.99 2.44
C ASN B 375 34.72 -16.69 1.64
N ALA B 376 35.13 -16.78 0.38
CA ALA B 376 35.15 -15.60 -0.48
C ALA B 376 33.78 -14.96 -0.57
N THR B 377 32.79 -15.73 -1.01
CA THR B 377 31.41 -15.30 -0.96
C THR B 377 31.03 -14.81 0.44
N PHE B 378 31.48 -15.52 1.48
CA PHE B 378 31.06 -15.20 2.83
C PHE B 378 31.43 -13.78 3.23
N GLN B 379 32.71 -13.41 3.03
CA GLN B 379 33.15 -12.08 3.43
C GLN B 379 32.45 -11.00 2.62
N SER B 380 32.27 -11.23 1.32
CA SER B 380 31.52 -10.28 0.49
C SER B 380 30.10 -10.12 1.01
N GLU B 381 29.40 -11.23 1.25
CA GLU B 381 28.01 -11.15 1.69
C GLU B 381 27.86 -10.42 3.01
N ARG B 382 28.87 -10.49 3.89
CA ARG B 382 28.74 -9.82 5.19
C ARG B 382 29.27 -8.39 5.14
N GLU B 383 30.26 -8.13 4.28
CA GLU B 383 30.71 -6.76 4.10
C GLU B 383 29.62 -5.89 3.49
N SER B 384 28.81 -6.45 2.59
CA SER B 384 27.81 -5.66 1.86
C SER B 384 26.38 -6.07 2.19
N GLY B 385 26.16 -6.76 3.31
CA GLY B 385 24.80 -7.14 3.62
C GLY B 385 24.05 -6.06 4.37
N ASP B 386 24.28 -4.81 3.96
CA ASP B 386 23.65 -3.71 4.66
C ASP B 386 22.16 -3.92 4.76
N ARG B 387 21.50 -4.29 3.65
CA ARG B 387 20.06 -4.51 3.74
C ARG B 387 19.74 -5.64 4.73
N ASN B 388 20.61 -6.67 4.79
CA ASN B 388 20.32 -7.77 5.72
C ASN B 388 20.49 -7.34 7.16
N PHE B 389 21.42 -6.41 7.44
CA PHE B 389 21.50 -5.86 8.78
C PHE B 389 20.28 -5.02 9.10
N ALA B 390 19.84 -4.21 8.12
CA ALA B 390 18.61 -3.46 8.28
C ALA B 390 17.47 -4.39 8.70
N ILE B 391 17.31 -5.50 7.96
CA ILE B 391 16.31 -6.52 8.26
C ILE B 391 16.54 -7.14 9.64
N GLY B 392 17.80 -7.43 9.95
CA GLY B 392 18.12 -8.02 11.25
C GLY B 392 17.70 -7.15 12.41
N TYR B 393 18.02 -5.85 12.33
CA TYR B 393 17.63 -4.95 13.41
C TYR B 393 16.11 -4.78 13.46
N TYR B 394 15.46 -4.67 12.30
CA TYR B 394 14.01 -4.54 12.31
C TYR B 394 13.38 -5.75 12.99
N LEU B 395 13.77 -6.97 12.57
CA LEU B 395 13.21 -8.17 13.19
C LEU B 395 13.48 -8.21 14.68
N LYS B 396 14.64 -7.71 15.08
CA LYS B 396 14.96 -7.68 16.50
C LYS B 396 14.02 -6.73 17.24
N GLU B 397 13.79 -5.55 16.68
CA GLU B 397 12.91 -4.59 17.34
C GLU B 397 11.49 -5.13 17.47
N LYS B 398 10.96 -5.73 16.40
CA LYS B 398 9.65 -6.35 16.39
C LYS B 398 9.62 -7.70 17.10
N LYS B 399 10.71 -8.14 17.75
CA LYS B 399 10.71 -9.33 18.61
C LYS B 399 10.33 -10.59 17.83
N CYS B 400 10.89 -10.73 16.63
CA CYS B 400 10.59 -11.84 15.74
C CYS B 400 11.38 -13.10 16.05
N PHE B 401 12.63 -12.97 16.55
CA PHE B 401 13.45 -14.12 16.84
C PHE B 401 12.94 -14.85 18.07
N PRO B 402 13.39 -16.08 18.30
CA PRO B 402 13.10 -16.74 19.58
C PRO B 402 13.93 -16.13 20.69
N GLU B 403 13.54 -16.49 21.92
CA GLU B 403 14.14 -15.88 23.10
C GLU B 403 15.64 -16.13 23.19
N GLY B 404 16.41 -15.05 23.31
CA GLY B 404 17.82 -15.21 23.52
C GLY B 404 18.60 -15.41 22.25
N THR B 405 18.14 -14.84 21.16
CA THR B 405 18.86 -14.92 19.89
C THR B 405 19.91 -13.81 19.84
N ASP B 406 21.15 -14.19 19.57
CA ASP B 406 22.18 -13.19 19.28
C ASP B 406 22.02 -12.80 17.81
N MET B 407 21.29 -11.72 17.58
CA MET B 407 20.83 -11.39 16.25
C MET B 407 21.98 -11.08 15.29
N VAL B 408 22.97 -10.31 15.73
CA VAL B 408 24.10 -10.07 14.83
C VAL B 408 24.81 -11.38 14.54
N GLY B 409 24.71 -12.36 15.43
CA GLY B 409 25.24 -13.67 15.16
C GLY B 409 24.41 -14.48 14.18
N ILE B 410 23.09 -14.40 14.32
CA ILE B 410 22.21 -15.11 13.38
C ILE B 410 22.42 -14.59 11.98
N LEU B 411 22.69 -13.30 11.82
CA LEU B 411 23.03 -12.80 10.49
C LEU B 411 24.30 -13.45 9.96
N ASP B 412 25.32 -13.57 10.81
CA ASP B 412 26.57 -14.18 10.40
C ASP B 412 26.33 -15.58 9.87
N PHE B 413 25.68 -16.41 10.69
CA PHE B 413 25.24 -17.73 10.27
C PHE B 413 24.58 -17.66 8.91
N TYR B 414 23.59 -16.77 8.79
CA TYR B 414 22.84 -16.64 7.55
C TYR B 414 23.77 -16.43 6.36
N PHE B 415 24.69 -15.49 6.47
CA PHE B 415 25.67 -15.30 5.41
C PHE B 415 26.46 -16.58 5.15
N GLN B 416 26.90 -17.27 6.21
CA GLN B 416 27.55 -18.57 6.04
C GLN B 416 26.71 -19.48 5.16
N LEU B 417 25.44 -19.69 5.54
CA LEU B 417 24.54 -20.58 4.82
C LEU B 417 24.39 -20.15 3.36
N CYS B 418 24.34 -18.86 3.09
CA CYS B 418 24.23 -18.43 1.69
C CYS B 418 25.51 -18.69 0.89
N SER B 419 26.65 -18.76 1.57
CA SER B 419 27.94 -19.00 0.92
C SER B 419 28.23 -20.48 0.75
N ILE B 420 27.30 -21.37 1.09
CA ILE B 420 27.55 -22.79 0.94
C ILE B 420 27.65 -23.12 -0.54
N GLU B 421 28.47 -24.10 -0.85
CA GLU B 421 28.72 -24.45 -2.22
C GLU B 421 28.09 -25.81 -2.58
N VAL B 422 27.62 -25.88 -3.81
CA VAL B 422 27.20 -27.13 -4.41
C VAL B 422 27.74 -27.13 -5.84
N THR B 423 27.62 -28.28 -6.48
CA THR B 423 27.66 -28.37 -7.93
C THR B 423 26.24 -28.64 -8.43
N CYS B 424 26.04 -28.48 -9.73
CA CYS B 424 24.78 -28.91 -10.30
C CYS B 424 24.45 -30.32 -9.85
N GLU B 425 25.43 -31.22 -9.94
CA GLU B 425 25.19 -32.63 -9.64
C GLU B 425 24.76 -32.82 -8.19
N SER B 426 25.54 -32.27 -7.25
CA SER B 426 25.22 -32.50 -5.85
C SER B 426 23.90 -31.85 -5.48
N ALA B 427 23.61 -30.68 -6.05
CA ALA B 427 22.36 -29.99 -5.76
C ALA B 427 21.17 -30.69 -6.42
N SER B 428 21.38 -31.33 -7.57
CA SER B 428 20.28 -32.09 -8.15
C SER B 428 19.87 -33.24 -7.23
N VAL B 429 20.82 -33.80 -6.50
CA VAL B 429 20.44 -34.85 -5.55
C VAL B 429 19.65 -34.27 -4.41
N MET B 430 20.07 -33.09 -3.95
CA MET B 430 19.31 -32.34 -2.95
C MET B 430 17.89 -32.08 -3.42
N ALA B 431 17.73 -31.53 -4.63
CA ALA B 431 16.41 -31.38 -5.21
C ALA B 431 15.67 -32.70 -5.24
N ALA B 432 16.34 -33.75 -5.73
CA ALA B 432 15.73 -35.07 -5.84
C ALA B 432 15.24 -35.60 -4.48
N THR B 433 15.88 -35.21 -3.37
CA THR B 433 15.38 -35.67 -2.08
C THR B 433 14.02 -35.03 -1.76
N LEU B 434 13.87 -33.74 -2.04
CA LEU B 434 12.55 -33.10 -1.94
C LEU B 434 11.60 -33.67 -2.98
N ALA B 435 12.11 -34.00 -4.18
CA ALA B 435 11.31 -34.76 -5.14
C ALA B 435 10.80 -36.06 -4.53
N ASN B 436 11.69 -36.84 -3.92
CA ASN B 436 11.34 -38.17 -3.44
C ASN B 436 10.81 -38.19 -2.01
N GLY B 437 9.96 -37.26 -1.59
CA GLY B 437 9.26 -37.46 -0.34
C GLY B 437 10.13 -37.45 0.91
N GLY B 438 11.39 -37.01 0.79
CA GLY B 438 12.26 -36.90 1.95
C GLY B 438 13.31 -37.96 2.05
N PHE B 439 13.27 -39.00 1.20
CA PHE B 439 14.31 -40.01 1.12
C PHE B 439 15.32 -39.62 0.04
N CYS B 440 16.59 -39.57 0.42
CA CYS B 440 17.62 -39.29 -0.55
C CYS B 440 17.63 -40.39 -1.59
N PRO B 441 17.33 -40.09 -2.84
CA PRO B 441 17.14 -41.17 -3.80
C PRO B 441 18.40 -41.98 -4.09
N ILE B 442 19.62 -41.48 -3.81
CA ILE B 442 20.81 -42.29 -4.12
C ILE B 442 21.35 -43.08 -2.94
N THR B 443 20.88 -42.82 -1.71
CA THR B 443 21.28 -43.60 -0.54
C THR B 443 20.13 -44.34 0.12
N GLY B 444 18.91 -43.90 -0.09
CA GLY B 444 17.77 -44.53 0.51
C GLY B 444 17.51 -44.16 1.95
N GLU B 445 18.34 -43.32 2.57
CA GLU B 445 18.08 -42.96 3.95
C GLU B 445 17.12 -41.78 3.99
N ARG B 446 16.18 -41.84 4.94
CA ARG B 446 15.23 -40.76 5.17
C ARG B 446 15.96 -39.56 5.77
N VAL B 447 15.98 -38.46 5.02
CA VAL B 447 16.66 -37.25 5.44
C VAL B 447 15.70 -36.24 6.06
N LEU B 448 14.53 -36.08 5.45
CA LEU B 448 13.55 -35.07 5.85
C LEU B 448 12.18 -35.73 6.00
N SER B 449 11.42 -35.28 6.99
CA SER B 449 10.11 -35.84 7.22
C SER B 449 9.18 -35.47 6.08
N PRO B 450 8.16 -36.30 5.81
CA PRO B 450 7.17 -35.93 4.78
C PRO B 450 6.55 -34.58 5.06
N GLU B 451 6.37 -34.27 6.35
CA GLU B 451 5.88 -32.96 6.75
C GLU B 451 6.80 -31.85 6.24
N ALA B 452 8.10 -31.96 6.52
CA ALA B 452 9.00 -30.90 6.09
C ALA B 452 9.09 -30.84 4.57
N VAL B 453 9.16 -32.00 3.89
CA VAL B 453 9.27 -31.92 2.44
C VAL B 453 8.02 -31.28 1.85
N ARG B 454 6.86 -31.56 2.42
CA ARG B 454 5.62 -31.00 1.86
C ARG B 454 5.60 -29.49 2.02
N ASN B 455 5.90 -29.02 3.23
CA ASN B 455 5.86 -27.59 3.44
C ASN B 455 6.81 -26.89 2.50
N THR B 456 8.04 -27.41 2.39
CA THR B 456 9.04 -26.75 1.54
C THR B 456 8.57 -26.67 0.09
N LEU B 457 8.15 -27.80 -0.48
CA LEU B 457 7.67 -27.77 -1.85
C LEU B 457 6.55 -26.75 -2.00
N SER B 458 5.65 -26.67 -1.00
CA SER B 458 4.55 -25.73 -1.06
C SER B 458 5.05 -24.29 -1.12
N LEU B 459 5.95 -23.91 -0.22
CA LEU B 459 6.35 -22.52 -0.17
C LEU B 459 7.27 -22.15 -1.34
N MET B 460 7.96 -23.10 -1.95
CA MET B 460 8.67 -22.79 -3.19
C MET B 460 7.69 -22.45 -4.31
N HIS B 461 6.57 -23.16 -4.38
CA HIS B 461 5.55 -22.87 -5.40
C HIS B 461 5.17 -21.40 -5.37
N SER B 462 4.68 -20.95 -4.21
CA SER B 462 4.04 -19.65 -4.07
C SER B 462 5.04 -18.52 -3.90
N CYS B 463 6.18 -18.78 -3.25
CA CYS B 463 7.10 -17.74 -2.81
C CYS B 463 8.49 -17.88 -3.40
N GLY B 464 8.81 -18.99 -4.05
CA GLY B 464 10.18 -19.26 -4.45
C GLY B 464 10.70 -18.38 -5.57
N MET B 465 9.83 -17.85 -6.41
CA MET B 465 10.26 -16.95 -7.47
C MET B 465 10.08 -15.47 -7.12
N TYR B 466 9.75 -15.17 -5.86
CA TYR B 466 9.44 -13.81 -5.41
C TYR B 466 8.32 -13.21 -6.26
N ASP B 467 8.66 -12.23 -7.11
CA ASP B 467 7.66 -11.55 -7.94
C ASP B 467 7.17 -12.46 -9.06
N PHE B 468 8.12 -13.12 -9.74
CA PHE B 468 7.87 -14.11 -10.80
C PHE B 468 7.01 -15.28 -10.32
N SER B 469 6.65 -15.33 -9.03
CA SER B 469 6.10 -16.55 -8.47
C SER B 469 4.75 -16.91 -9.07
N GLY B 470 3.91 -15.92 -9.38
CA GLY B 470 2.63 -16.21 -10.01
C GLY B 470 2.80 -16.58 -11.49
N GLN B 471 3.56 -15.76 -12.22
CA GLN B 471 3.89 -16.04 -13.62
C GLN B 471 4.50 -17.42 -13.78
N PHE B 472 5.46 -17.76 -12.91
CA PHE B 472 6.19 -19.02 -12.99
C PHE B 472 5.33 -20.19 -12.59
N ALA B 473 4.65 -20.10 -11.43
CA ALA B 473 3.72 -21.15 -11.06
C ALA B 473 2.61 -21.34 -12.09
N PHE B 474 2.30 -20.30 -12.88
CA PHE B 474 1.31 -20.46 -13.94
C PHE B 474 1.90 -21.19 -15.14
N HIS B 475 2.98 -20.67 -15.71
CA HIS B 475 3.53 -21.28 -16.91
C HIS B 475 4.30 -22.56 -16.63
N VAL B 476 5.15 -22.57 -15.60
CA VAL B 476 6.01 -23.74 -15.34
C VAL B 476 5.38 -24.70 -14.34
N GLY B 477 4.77 -24.21 -13.27
CA GLY B 477 4.08 -25.10 -12.35
C GLY B 477 4.97 -26.12 -11.66
N LEU B 478 6.24 -25.79 -11.43
CA LEU B 478 7.16 -26.65 -10.72
C LEU B 478 7.72 -25.86 -9.56
N PRO B 479 7.71 -26.40 -8.34
CA PRO B 479 8.31 -25.68 -7.22
C PRO B 479 9.80 -25.47 -7.49
N ALA B 480 10.26 -24.26 -7.24
CA ALA B 480 11.64 -23.94 -7.53
C ALA B 480 12.06 -22.77 -6.66
N LYS B 481 13.35 -22.72 -6.34
CA LYS B 481 13.96 -21.57 -5.70
C LYS B 481 15.13 -21.08 -6.55
N CYS B 482 15.36 -19.78 -6.52
CA CYS B 482 16.41 -19.18 -7.34
C CYS B 482 17.48 -18.53 -6.49
N GLY B 483 18.66 -18.42 -7.08
CA GLY B 483 19.82 -17.94 -6.37
C GLY B 483 20.61 -17.01 -7.25
N VAL B 484 21.21 -16.01 -6.61
CA VAL B 484 21.83 -14.93 -7.37
C VAL B 484 23.09 -15.41 -8.08
N ALA B 485 23.74 -16.48 -7.58
CA ALA B 485 24.85 -17.08 -8.31
C ALA B 485 24.41 -17.71 -9.63
N GLY B 486 23.10 -17.83 -9.87
CA GLY B 486 22.58 -18.41 -11.08
C GLY B 486 21.90 -19.75 -10.89
N GLY B 487 21.50 -20.09 -9.68
CA GLY B 487 20.98 -21.42 -9.40
C GLY B 487 19.46 -21.45 -9.45
N ILE B 488 18.93 -22.43 -10.17
CA ILE B 488 17.52 -22.78 -10.08
C ILE B 488 17.48 -24.19 -9.52
N LEU B 489 17.01 -24.30 -8.28
CA LEU B 489 16.66 -25.58 -7.67
C LEU B 489 15.29 -25.97 -8.19
N LEU B 490 15.21 -27.02 -8.97
CA LEU B 490 13.96 -27.43 -9.58
C LEU B 490 13.51 -28.73 -8.95
N VAL B 491 12.21 -28.84 -8.69
CA VAL B 491 11.68 -30.08 -8.16
C VAL B 491 10.44 -30.44 -8.96
N VAL B 492 10.47 -31.61 -9.59
CA VAL B 492 9.30 -32.23 -10.20
C VAL B 492 8.85 -33.32 -9.25
N PRO B 493 7.87 -33.06 -8.38
CA PRO B 493 7.51 -34.03 -7.35
C PRO B 493 7.22 -35.41 -7.93
N ASN B 494 7.72 -36.44 -7.25
CA ASN B 494 7.56 -37.84 -7.57
C ASN B 494 8.32 -38.28 -8.81
N VAL B 495 9.17 -37.43 -9.38
CA VAL B 495 9.89 -37.80 -10.60
C VAL B 495 11.37 -37.50 -10.46
N MET B 496 11.73 -36.24 -10.25
CA MET B 496 13.14 -35.90 -10.24
C MET B 496 13.36 -34.58 -9.52
N GLY B 497 14.60 -34.37 -9.11
CA GLY B 497 15.07 -33.06 -8.71
C GLY B 497 16.06 -32.59 -9.75
N MET B 498 16.33 -31.29 -9.81
CA MET B 498 17.17 -30.75 -10.86
C MET B 498 17.90 -29.54 -10.35
N MET B 499 19.08 -29.32 -10.91
CA MET B 499 19.76 -28.06 -10.70
C MET B 499 20.16 -27.50 -12.04
N CYS B 500 19.83 -26.22 -12.25
CA CYS B 500 20.35 -25.45 -13.37
C CYS B 500 21.33 -24.41 -12.84
N TRP B 501 22.32 -24.09 -13.67
CA TRP B 501 23.33 -23.10 -13.27
C TRP B 501 23.86 -22.36 -14.48
N SER B 502 23.51 -21.08 -14.56
CA SER B 502 24.11 -20.11 -15.48
C SER B 502 24.18 -18.79 -14.70
N PRO B 503 25.37 -18.21 -14.52
CA PRO B 503 25.49 -17.03 -13.67
C PRO B 503 24.72 -15.82 -14.19
N PRO B 504 24.53 -15.67 -15.52
CA PRO B 504 23.72 -14.52 -15.99
C PRO B 504 22.30 -14.56 -15.46
N LEU B 505 21.93 -13.50 -14.76
CA LEU B 505 20.57 -13.27 -14.26
C LEU B 505 19.81 -12.33 -15.19
N ASP B 506 18.48 -12.41 -15.13
CA ASP B 506 17.60 -11.41 -15.72
C ASP B 506 17.37 -10.29 -14.70
N LYS B 507 16.46 -9.37 -15.04
CA LYS B 507 16.20 -8.20 -14.20
C LYS B 507 15.65 -8.60 -12.84
N MET B 508 14.90 -9.70 -12.77
CA MET B 508 14.40 -10.19 -11.49
C MET B 508 15.42 -11.06 -10.76
N GLY B 509 16.61 -11.24 -11.31
CA GLY B 509 17.66 -11.94 -10.60
C GLY B 509 17.65 -13.44 -10.77
N ASN B 510 17.04 -13.94 -11.84
CA ASN B 510 16.95 -15.36 -12.10
C ASN B 510 17.83 -15.71 -13.30
N SER B 511 18.56 -16.82 -13.20
CA SER B 511 19.40 -17.28 -14.30
C SER B 511 18.61 -17.31 -15.59
N VAL B 512 19.11 -16.59 -16.60
CA VAL B 512 18.40 -16.52 -17.87
C VAL B 512 18.24 -17.92 -18.45
N LYS B 513 19.34 -18.65 -18.59
CA LYS B 513 19.26 -19.99 -19.16
C LYS B 513 18.48 -20.92 -18.26
N GLY B 514 18.68 -20.81 -16.95
CA GLY B 514 17.88 -21.59 -16.03
C GLY B 514 16.40 -21.48 -16.31
N ILE B 515 15.90 -20.24 -16.44
CA ILE B 515 14.47 -20.05 -16.58
C ILE B 515 13.98 -20.52 -17.95
N HIS B 516 14.69 -20.13 -19.01
CA HIS B 516 14.31 -20.59 -20.34
C HIS B 516 14.18 -22.10 -20.36
N PHE B 517 15.14 -22.79 -19.74
CA PHE B 517 15.09 -24.24 -19.58
C PHE B 517 13.78 -24.67 -18.93
N CYS B 518 13.51 -24.16 -17.73
CA CYS B 518 12.34 -24.61 -17.00
C CYS B 518 11.07 -24.47 -17.83
N HIS B 519 10.91 -23.35 -18.53
CA HIS B 519 9.77 -23.22 -19.43
C HIS B 519 9.80 -24.28 -20.51
N ASP B 520 10.97 -24.46 -21.14
CA ASP B 520 11.14 -25.47 -22.17
C ASP B 520 10.83 -26.86 -21.65
N LEU B 521 11.29 -27.17 -20.43
CA LEU B 521 11.04 -28.48 -19.84
C LEU B 521 9.55 -28.78 -19.79
N VAL B 522 8.75 -27.83 -19.33
CA VAL B 522 7.32 -28.08 -19.21
C VAL B 522 6.57 -27.94 -20.54
N SER B 523 7.10 -27.16 -21.50
CA SER B 523 6.61 -27.26 -22.88
C SER B 523 6.68 -28.70 -23.36
N LEU B 524 7.81 -29.34 -23.10
CA LEU B 524 8.10 -30.65 -23.65
C LEU B 524 7.35 -31.73 -22.89
N CYS B 525 7.46 -31.75 -21.58
CA CYS B 525 7.00 -32.88 -20.80
C CYS B 525 5.84 -32.47 -19.92
N ASN B 526 4.95 -33.43 -19.64
CA ASN B 526 3.78 -33.18 -18.79
C ASN B 526 4.17 -33.13 -17.31
N PHE B 527 5.18 -32.35 -16.97
CA PHE B 527 5.54 -32.23 -15.57
C PHE B 527 4.81 -31.08 -14.89
N HIS B 528 4.14 -30.21 -15.65
CA HIS B 528 3.44 -29.09 -15.01
C HIS B 528 2.55 -29.64 -13.92
N ASN B 529 2.56 -28.96 -12.79
CA ASN B 529 1.81 -29.36 -11.62
C ASN B 529 0.38 -29.75 -11.95
N TYR B 530 -0.25 -29.05 -12.90
CA TYR B 530 -1.64 -29.29 -13.27
C TYR B 530 -1.78 -29.76 -14.72
N ASP B 531 -0.75 -30.41 -15.25
CA ASP B 531 -0.97 -31.28 -16.40
C ASP B 531 -1.76 -32.49 -15.92
N ASN B 532 -2.52 -33.08 -16.84
CA ASN B 532 -3.09 -34.40 -16.56
C ASN B 532 -2.05 -35.46 -16.84
N LEU B 533 -2.12 -36.54 -16.06
CA LEU B 533 -1.29 -37.70 -16.28
C LEU B 533 -1.90 -38.68 -17.29
N ARG B 534 -3.17 -38.50 -17.61
CA ARG B 534 -3.86 -39.32 -18.60
C ARG B 534 -4.10 -38.59 -19.92
N HIS B 535 -4.59 -37.35 -19.92
CA HIS B 535 -4.81 -36.56 -21.14
C HIS B 535 -3.96 -35.30 -21.11
N PHE B 536 -2.71 -35.45 -21.52
CA PHE B 536 -1.72 -34.37 -21.50
C PHE B 536 -1.47 -33.85 -22.91
N ALA B 537 -2.52 -33.74 -23.70
CA ALA B 537 -2.42 -33.07 -25.01
C ALA B 537 -1.32 -33.77 -25.80
N LYS B 538 -0.45 -33.00 -26.45
CA LYS B 538 0.63 -33.52 -27.27
C LYS B 538 1.96 -33.53 -26.54
N LYS B 539 1.98 -33.09 -25.28
CA LYS B 539 3.18 -33.14 -24.46
C LYS B 539 3.68 -34.56 -24.36
N LEU B 540 5.01 -34.69 -24.21
CA LEU B 540 5.68 -35.95 -23.91
C LEU B 540 5.53 -36.30 -22.42
N ASP B 541 5.38 -37.59 -22.11
CA ASP B 541 5.36 -38.06 -20.73
C ASP B 541 6.50 -39.05 -20.52
N PRO B 542 7.63 -38.59 -20.01
CA PRO B 542 8.77 -39.49 -19.76
C PRO B 542 8.47 -40.70 -18.88
N ARG B 543 7.36 -40.68 -18.15
CA ARG B 543 7.10 -41.76 -17.22
C ARG B 543 6.65 -43.04 -17.90
N ARG B 544 6.54 -43.08 -19.23
CA ARG B 544 5.92 -44.19 -19.94
C ARG B 544 6.82 -44.74 -21.04
N GLU B 545 6.50 -45.96 -21.46
CA GLU B 545 7.23 -46.66 -22.49
C GLU B 545 6.65 -46.39 -23.87
N GLY B 546 7.36 -46.83 -24.90
CA GLY B 546 6.87 -46.80 -26.27
C GLY B 546 6.80 -45.43 -26.92
N PRO C 137 -14.71 68.63 13.65
CA PRO C 137 -15.87 67.79 13.22
C PRO C 137 -16.24 68.13 11.78
N SER C 138 -15.97 67.23 10.82
CA SER C 138 -16.22 67.51 9.39
C SER C 138 -15.87 66.30 8.53
N LEU C 139 -16.23 65.08 8.95
CA LEU C 139 -15.79 63.85 8.22
C LEU C 139 -15.75 64.06 6.70
N GLU C 140 -16.88 64.41 6.10
CA GLU C 140 -16.87 64.48 4.66
C GLU C 140 -16.04 65.67 4.17
N ASP C 141 -15.89 66.72 5.02
CA ASP C 141 -15.18 67.92 4.65
C ASP C 141 -13.68 67.69 4.67
N LEU C 142 -13.18 67.00 5.68
CA LEU C 142 -11.80 66.56 5.68
C LEU C 142 -11.43 65.94 4.33
N LEU C 143 -12.32 65.11 3.78
CA LEU C 143 -12.04 64.47 2.50
C LEU C 143 -12.00 65.48 1.36
N PHE C 144 -12.82 66.54 1.43
CA PHE C 144 -12.90 67.49 0.33
C PHE C 144 -11.55 68.09 0.00
N TYR C 145 -10.91 68.74 0.99
CA TYR C 145 -9.62 69.34 0.74
C TYR C 145 -8.51 68.31 0.55
N THR C 146 -8.72 67.05 0.95
CA THR C 146 -7.72 66.05 0.64
C THR C 146 -7.62 65.81 -0.86
N ILE C 147 -8.72 66.05 -1.60
CA ILE C 147 -8.82 65.71 -3.02
C ILE C 147 -8.64 66.97 -3.86
N ALA C 148 -8.95 68.13 -3.27
CA ALA C 148 -8.73 69.42 -3.91
C ALA C 148 -7.60 70.13 -3.17
N GLU C 149 -6.55 70.51 -3.90
CA GLU C 149 -5.35 71.04 -3.28
C GLU C 149 -5.58 72.45 -2.73
N GLY C 150 -6.36 72.54 -1.64
CA GLY C 150 -6.81 73.81 -1.12
C GLY C 150 -7.47 74.67 -2.18
N GLN C 151 -8.19 74.05 -3.11
CA GLN C 151 -8.83 74.75 -4.22
C GLN C 151 -10.35 74.78 -4.05
N GLU C 152 -10.98 75.52 -4.96
CA GLU C 152 -12.41 75.80 -4.92
C GLU C 152 -13.26 74.57 -5.25
N LYS C 153 -13.14 74.05 -6.47
CA LYS C 153 -14.03 73.01 -6.94
C LYS C 153 -13.24 71.85 -7.54
N ILE C 154 -13.67 70.63 -7.22
CA ILE C 154 -13.03 69.41 -7.69
C ILE C 154 -13.72 68.98 -8.98
N PRO C 155 -13.01 68.86 -10.11
CA PRO C 155 -13.64 68.25 -11.29
C PRO C 155 -14.04 66.82 -10.98
N VAL C 156 -15.15 66.38 -11.59
CA VAL C 156 -15.68 65.07 -11.24
C VAL C 156 -14.73 63.96 -11.70
N HIS C 157 -14.04 64.19 -12.83
CA HIS C 157 -13.06 63.23 -13.32
C HIS C 157 -11.88 63.10 -12.36
N LYS C 158 -11.51 64.19 -11.69
CA LYS C 158 -10.39 64.13 -10.76
C LYS C 158 -10.71 63.24 -9.59
N PHE C 159 -11.92 63.36 -9.04
CA PHE C 159 -12.32 62.48 -7.95
C PHE C 159 -12.34 61.03 -8.41
N ILE C 160 -12.96 60.77 -9.57
CA ILE C 160 -12.99 59.41 -10.12
C ILE C 160 -11.59 58.85 -10.26
N THR C 161 -10.70 59.57 -10.93
CA THR C 161 -9.31 59.15 -11.04
C THR C 161 -8.72 58.84 -9.67
N ALA C 162 -8.91 59.76 -8.72
CA ALA C 162 -8.41 59.57 -7.36
C ALA C 162 -9.01 58.32 -6.71
N LEU C 163 -10.25 57.98 -7.06
CA LEU C 163 -10.84 56.76 -6.55
C LEU C 163 -10.24 55.53 -7.21
N LYS C 164 -10.19 55.52 -8.55
CA LYS C 164 -9.69 54.34 -9.25
C LYS C 164 -8.29 53.97 -8.77
N SER C 165 -7.47 54.97 -8.48
CA SER C 165 -6.12 54.73 -8.01
C SER C 165 -6.09 54.14 -6.61
N THR C 166 -7.14 54.32 -5.82
CA THR C 166 -7.24 53.67 -4.51
C THR C 166 -7.36 52.16 -4.62
N GLY C 167 -7.51 51.64 -5.85
CA GLY C 167 -7.74 50.24 -6.09
C GLY C 167 -9.21 49.90 -6.24
N LEU C 168 -10.10 50.78 -5.77
CA LEU C 168 -11.49 50.45 -5.87
C LEU C 168 -11.96 50.70 -7.30
N ARG C 169 -13.11 50.11 -7.62
CA ARG C 169 -13.78 50.31 -8.87
C ARG C 169 -15.01 51.17 -8.61
N THR C 170 -15.27 52.14 -9.50
CA THR C 170 -16.51 52.94 -9.42
C THR C 170 -17.75 52.06 -9.35
N SER C 171 -17.71 50.87 -9.97
CA SER C 171 -18.85 49.95 -9.95
C SER C 171 -18.96 49.17 -8.64
N ASP C 172 -18.11 49.46 -7.68
CA ASP C 172 -18.15 48.78 -6.39
C ASP C 172 -19.57 48.85 -5.81
N PRO C 173 -20.15 47.72 -5.41
CA PRO C 173 -21.47 47.79 -4.76
C PRO C 173 -21.50 48.66 -3.52
N ARG C 174 -20.42 48.71 -2.75
CA ARG C 174 -20.44 49.52 -1.53
C ARG C 174 -20.42 51.01 -1.82
N LEU C 175 -20.13 51.41 -3.05
CA LEU C 175 -20.19 52.80 -3.46
C LEU C 175 -21.42 53.11 -4.30
N LYS C 176 -22.41 52.23 -4.31
CA LYS C 176 -23.50 52.39 -5.29
C LYS C 176 -24.24 53.69 -5.08
N GLU C 177 -24.57 54.03 -3.83
CA GLU C 177 -25.27 55.28 -3.53
C GLU C 177 -24.50 56.46 -4.08
N CYS C 178 -23.24 56.60 -3.66
CA CYS C 178 -22.42 57.71 -4.10
C CYS C 178 -22.33 57.79 -5.62
N MET C 179 -22.17 56.67 -6.29
CA MET C 179 -22.07 56.75 -7.75
C MET C 179 -23.40 57.10 -8.39
N ASP C 180 -24.50 56.83 -7.71
CA ASP C 180 -25.78 57.33 -8.19
C ASP C 180 -25.87 58.84 -8.01
N MET C 181 -25.51 59.33 -6.82
CA MET C 181 -25.48 60.77 -6.61
C MET C 181 -24.57 61.50 -7.60
N LEU C 182 -23.58 60.82 -8.18
CA LEU C 182 -22.80 61.47 -9.22
C LEU C 182 -23.47 61.36 -10.57
N ARG C 183 -24.13 60.24 -10.85
CA ARG C 183 -24.91 60.15 -12.06
C ARG C 183 -26.00 61.20 -12.08
N LEU C 184 -26.48 61.59 -10.89
CA LEU C 184 -27.49 62.64 -10.78
C LEU C 184 -26.87 64.02 -11.06
N THR C 185 -25.75 64.30 -10.41
CA THR C 185 -25.14 65.62 -10.54
C THR C 185 -24.64 65.86 -11.95
N LEU C 186 -24.19 64.82 -12.64
CA LEU C 186 -23.80 64.99 -14.03
C LEU C 186 -24.97 65.32 -14.95
N GLN C 187 -26.23 65.28 -14.46
CA GLN C 187 -27.40 65.61 -15.28
C GLN C 187 -27.80 67.09 -15.20
N THR C 188 -27.67 67.69 -14.01
CA THR C 188 -28.06 69.09 -13.83
C THR C 188 -27.34 70.03 -14.79
N THR C 189 -26.12 69.67 -15.22
CA THR C 189 -25.36 70.38 -16.23
C THR C 189 -24.60 69.34 -17.07
N SER C 190 -24.46 69.62 -18.35
CA SER C 190 -23.78 68.66 -19.26
C SER C 190 -22.35 69.15 -19.51
N ASP C 191 -21.87 70.07 -18.66
CA ASP C 191 -20.49 70.59 -18.78
C ASP C 191 -19.64 69.96 -17.67
N GLY C 192 -18.34 69.75 -17.93
CA GLY C 192 -17.45 69.21 -16.88
C GLY C 192 -17.94 69.66 -15.52
N VAL C 193 -18.53 68.75 -14.77
CA VAL C 193 -19.13 69.17 -13.47
C VAL C 193 -18.04 69.40 -12.44
N MET C 194 -18.08 70.53 -11.74
CA MET C 194 -17.12 70.79 -10.65
C MET C 194 -17.91 70.75 -9.35
N LEU C 195 -17.43 70.03 -8.34
CA LEU C 195 -18.23 69.85 -7.11
C LEU C 195 -17.66 70.71 -5.99
N ASP C 196 -18.51 71.54 -5.38
CA ASP C 196 -18.06 72.33 -4.24
C ASP C 196 -18.22 71.49 -2.98
N LYS C 197 -17.79 72.02 -1.86
CA LYS C 197 -17.85 71.28 -0.61
C LYS C 197 -19.26 70.77 -0.31
N ASP C 198 -20.29 71.57 -0.61
CA ASP C 198 -21.64 71.22 -0.24
C ASP C 198 -22.16 70.05 -1.07
N LEU C 199 -21.86 70.05 -2.38
CA LEU C 199 -22.40 69.11 -3.36
C LEU C 199 -21.55 67.84 -3.44
N PHE C 200 -20.23 67.96 -3.37
CA PHE C 200 -19.39 66.80 -3.11
C PHE C 200 -19.89 66.05 -1.88
N LYS C 201 -19.92 66.73 -0.72
CA LYS C 201 -20.38 66.08 0.50
C LYS C 201 -21.76 65.44 0.31
N LYS C 202 -22.58 66.02 -0.58
CA LYS C 202 -23.91 65.47 -0.81
C LYS C 202 -23.83 64.06 -1.39
N CYS C 203 -22.82 63.79 -2.22
CA CYS C 203 -22.68 62.45 -2.81
C CYS C 203 -21.89 61.55 -1.89
N VAL C 204 -20.77 62.05 -1.38
CA VAL C 204 -19.87 61.22 -0.61
C VAL C 204 -20.42 60.87 0.77
N GLN C 205 -21.39 61.64 1.28
CA GLN C 205 -21.81 61.41 2.66
C GLN C 205 -22.39 60.01 2.86
N SER C 206 -23.03 59.45 1.85
CA SER C 206 -23.65 58.13 2.02
C SER C 206 -22.63 57.02 2.11
N ASN C 207 -21.38 57.26 1.69
CA ASN C 207 -20.32 56.25 1.65
C ASN C 207 -19.03 56.77 2.28
N ILE C 208 -19.14 57.59 3.34
CA ILE C 208 -17.96 58.31 3.83
C ILE C 208 -17.02 57.38 4.58
N VAL C 209 -17.56 56.39 5.28
CA VAL C 209 -16.71 55.46 6.02
C VAL C 209 -15.73 54.77 5.07
N LEU C 210 -16.27 54.13 4.03
CA LEU C 210 -15.42 53.39 3.09
C LEU C 210 -14.57 54.34 2.25
N LEU C 211 -15.10 55.53 1.94
CA LEU C 211 -14.40 56.40 1.02
C LEU C 211 -13.17 57.03 1.65
N THR C 212 -13.22 57.36 2.94
CA THR C 212 -12.00 57.89 3.56
C THR C 212 -11.01 56.79 3.85
N GLN C 213 -11.49 55.59 4.19
CA GLN C 213 -10.57 54.49 4.42
C GLN C 213 -9.66 54.28 3.22
N ALA C 214 -10.20 54.48 2.02
CA ALA C 214 -9.39 54.38 0.81
C ALA C 214 -8.44 55.57 0.69
N PHE C 215 -8.92 56.78 0.92
CA PHE C 215 -8.08 57.94 0.66
C PHE C 215 -7.06 58.20 1.77
N ARG C 216 -7.32 57.74 2.99
CA ARG C 216 -6.32 57.71 4.04
C ARG C 216 -5.43 56.48 3.94
N ARG C 217 -5.52 55.73 2.85
CA ARG C 217 -4.68 54.56 2.59
C ARG C 217 -4.68 53.60 3.78
N LYS C 218 -5.88 53.23 4.20
CA LYS C 218 -6.09 52.30 5.28
C LYS C 218 -6.26 50.87 4.79
N PHE C 219 -6.36 50.66 3.46
CA PHE C 219 -6.65 49.34 2.91
C PHE C 219 -5.47 48.38 3.08
N VAL C 220 -5.79 47.07 3.06
CA VAL C 220 -4.82 46.01 3.36
C VAL C 220 -3.55 46.17 2.55
N ILE C 221 -3.67 46.71 1.34
CA ILE C 221 -2.52 47.08 0.54
C ILE C 221 -2.62 48.58 0.29
N PRO C 222 -1.90 49.40 1.06
CA PRO C 222 -2.09 50.85 0.94
C PRO C 222 -1.64 51.40 -0.39
N ASP C 223 -0.43 51.08 -0.83
CA ASP C 223 0.03 51.55 -2.15
C ASP C 223 -0.40 50.56 -3.22
N PHE C 224 -1.70 50.56 -3.50
CA PHE C 224 -2.24 49.51 -4.36
C PHE C 224 -1.82 49.68 -5.80
N MET C 225 -1.48 50.90 -6.20
CA MET C 225 -1.08 51.07 -7.60
C MET C 225 0.25 50.40 -7.87
N SER C 226 1.21 50.55 -6.95
CA SER C 226 2.49 49.89 -7.13
C SER C 226 2.31 48.39 -7.17
N PHE C 227 1.47 47.85 -6.26
CA PHE C 227 1.26 46.41 -6.18
C PHE C 227 0.69 45.84 -7.47
N THR C 228 -0.17 46.59 -8.18
CA THR C 228 -0.65 46.05 -9.45
C THR C 228 0.44 46.07 -10.52
N SER C 229 1.47 46.93 -10.37
CA SER C 229 2.56 46.91 -11.33
C SER C 229 3.32 45.59 -11.25
N HIS C 230 3.58 45.11 -10.03
CA HIS C 230 4.25 43.83 -9.91
C HIS C 230 3.35 42.71 -10.41
N ILE C 231 2.04 42.83 -10.18
CA ILE C 231 1.15 41.78 -10.65
C ILE C 231 1.20 41.70 -12.16
N ASP C 232 1.31 42.85 -12.83
CA ASP C 232 1.50 42.86 -14.27
C ASP C 232 2.81 42.15 -14.64
N GLU C 233 3.91 42.53 -14.00
CA GLU C 233 5.19 41.88 -14.27
C GLU C 233 5.12 40.37 -14.05
N LEU C 234 4.49 39.94 -12.94
CA LEU C 234 4.33 38.52 -12.68
C LEU C 234 3.50 37.85 -13.76
N TYR C 235 2.45 38.55 -14.22
CA TYR C 235 1.59 38.00 -15.26
C TYR C 235 2.34 37.87 -16.57
N GLU C 236 3.23 38.81 -16.87
CA GLU C 236 3.98 38.74 -18.11
C GLU C 236 5.00 37.60 -18.09
N SER C 237 5.71 37.41 -16.97
CA SER C 237 6.66 36.31 -16.88
C SER C 237 5.97 34.98 -17.13
N ALA C 238 4.88 34.69 -16.38
CA ALA C 238 4.17 33.43 -16.53
C ALA C 238 3.64 33.27 -17.95
N LYS C 239 3.39 34.38 -18.65
CA LYS C 239 2.84 34.29 -20.00
C LYS C 239 3.86 33.71 -20.98
N LYS C 240 5.15 33.84 -20.71
CA LYS C 240 6.15 33.25 -21.59
C LYS C 240 6.27 31.73 -21.46
N GLN C 241 5.57 31.12 -20.50
CA GLN C 241 5.62 29.69 -20.28
C GLN C 241 4.58 29.01 -21.19
N SER C 242 5.04 28.49 -22.31
CA SER C 242 4.16 28.01 -23.36
C SER C 242 3.91 26.51 -23.27
N GLY C 243 4.44 25.84 -22.25
CA GLY C 243 4.20 24.42 -22.10
C GLY C 243 2.77 24.14 -21.71
N GLY C 244 2.42 22.86 -21.73
CA GLY C 244 1.12 22.45 -21.23
C GLY C 244 0.20 21.84 -22.27
N LYS C 245 -0.65 20.95 -21.81
CA LYS C 245 -1.66 20.27 -22.62
C LYS C 245 -3.03 20.75 -22.16
N VAL C 246 -3.82 21.29 -23.10
CA VAL C 246 -5.20 21.64 -22.77
C VAL C 246 -6.00 20.35 -22.68
N ALA C 247 -6.91 20.29 -21.71
CA ALA C 247 -7.79 19.13 -21.60
C ALA C 247 -8.60 18.94 -22.88
N ASP C 248 -9.13 17.74 -23.07
CA ASP C 248 -9.97 17.48 -24.24
C ASP C 248 -11.03 16.43 -23.97
N LYS C 255 -10.44 21.86 -25.02
CA LYS C 255 -11.14 22.48 -26.15
C LYS C 255 -10.80 23.97 -26.34
N PHE C 256 -10.44 24.65 -25.26
CA PHE C 256 -10.19 26.09 -25.27
C PHE C 256 -8.89 26.42 -26.02
N SER C 257 -8.52 27.71 -25.98
CA SER C 257 -7.36 28.18 -26.75
C SER C 257 -6.14 28.28 -25.84
N PRO C 258 -5.01 27.64 -26.19
CA PRO C 258 -3.86 27.56 -25.25
C PRO C 258 -3.15 28.90 -24.97
N ASP C 259 -3.47 29.98 -25.68
CA ASP C 259 -2.81 31.26 -25.45
C ASP C 259 -3.66 32.23 -24.62
N LEU C 260 -4.80 31.79 -24.11
CA LEU C 260 -5.56 32.59 -23.15
C LEU C 260 -4.87 32.54 -21.79
N TRP C 261 -4.93 33.65 -21.05
CA TRP C 261 -4.24 33.72 -19.77
C TRP C 261 -4.69 34.98 -19.02
N GLY C 262 -5.44 34.80 -17.94
CA GLY C 262 -5.89 35.91 -17.13
C GLY C 262 -5.60 35.70 -15.65
N VAL C 263 -5.28 36.79 -14.97
CA VAL C 263 -5.14 36.77 -13.52
C VAL C 263 -5.89 37.98 -12.96
N SER C 264 -6.54 37.78 -11.81
CA SER C 264 -7.41 38.77 -11.22
C SER C 264 -7.22 38.80 -9.72
N VAL C 265 -7.19 40.01 -9.18
CA VAL C 265 -6.94 40.23 -7.77
C VAL C 265 -8.16 40.93 -7.19
N CYS C 266 -8.54 40.51 -6.00
CA CYS C 266 -9.53 41.24 -5.21
C CYS C 266 -9.07 41.20 -3.76
N THR C 267 -8.61 42.32 -3.24
CA THR C 267 -8.12 42.33 -1.87
C THR C 267 -9.28 42.24 -0.89
N VAL C 268 -8.94 41.95 0.37
CA VAL C 268 -9.91 41.91 1.44
C VAL C 268 -10.72 43.19 1.55
N ASP C 269 -10.20 44.30 1.03
CA ASP C 269 -10.90 45.56 1.14
C ASP C 269 -11.65 45.97 -0.13
N GLY C 270 -11.59 45.14 -1.16
CA GLY C 270 -12.27 45.41 -2.40
C GLY C 270 -11.38 45.98 -3.48
N GLN C 271 -10.12 46.29 -3.17
CA GLN C 271 -9.19 46.71 -4.20
C GLN C 271 -9.10 45.64 -5.27
N ARG C 272 -9.15 46.05 -6.52
CA ARG C 272 -9.28 45.10 -7.61
C ARG C 272 -8.37 45.49 -8.75
N HIS C 273 -7.68 44.51 -9.28
CA HIS C 273 -6.87 44.68 -10.46
C HIS C 273 -6.99 43.41 -11.26
N SER C 274 -7.03 43.55 -12.57
CA SER C 274 -7.03 42.39 -13.43
C SER C 274 -6.06 42.67 -14.55
N THR C 275 -5.60 41.60 -15.18
CA THR C 275 -4.74 41.73 -16.33
C THR C 275 -4.79 40.41 -17.09
N GLY C 276 -4.85 40.49 -18.41
CA GLY C 276 -5.10 39.31 -19.21
C GLY C 276 -6.58 39.08 -19.44
N ASP C 277 -6.91 37.85 -19.84
CA ASP C 277 -8.27 37.46 -20.21
C ASP C 277 -9.12 37.14 -18.97
N THR C 278 -9.31 38.18 -18.17
CA THR C 278 -9.97 38.02 -16.89
C THR C 278 -11.48 37.98 -16.99
N LYS C 279 -12.05 38.29 -18.16
CA LYS C 279 -13.50 38.39 -18.35
C LYS C 279 -14.08 37.29 -19.23
N VAL C 280 -13.29 36.29 -19.60
CA VAL C 280 -13.79 35.13 -20.36
C VAL C 280 -14.37 34.11 -19.41
N PRO C 281 -15.58 33.62 -19.64
CA PRO C 281 -16.11 32.59 -18.76
C PRO C 281 -15.40 31.27 -18.99
N PHE C 282 -15.01 30.64 -17.89
CA PHE C 282 -14.53 29.27 -17.92
C PHE C 282 -15.16 28.51 -16.76
N CYS C 283 -15.11 27.18 -16.83
CA CYS C 283 -15.70 26.35 -15.79
C CYS C 283 -14.79 26.21 -14.56
N LEU C 284 -15.43 26.12 -13.40
CA LEU C 284 -14.68 25.88 -12.18
C LEU C 284 -14.02 24.52 -12.21
N GLN C 285 -14.78 23.49 -12.55
CA GLN C 285 -14.33 22.10 -12.43
C GLN C 285 -13.97 21.90 -10.96
N SER C 286 -12.82 21.29 -10.63
CA SER C 286 -12.53 20.96 -9.24
C SER C 286 -12.41 22.20 -8.37
N CYS C 287 -12.20 23.39 -8.97
CA CYS C 287 -12.16 24.62 -8.19
C CYS C 287 -13.42 24.81 -7.36
N VAL C 288 -14.54 24.20 -7.79
CA VAL C 288 -15.80 24.36 -7.08
C VAL C 288 -15.84 23.62 -5.76
N LYS C 289 -14.91 22.65 -5.55
CA LYS C 289 -14.90 21.75 -4.39
C LYS C 289 -14.74 22.48 -3.04
N PRO C 290 -13.78 23.41 -2.89
CA PRO C 290 -13.74 24.19 -1.65
C PRO C 290 -15.02 25.00 -1.45
N LEU C 291 -15.53 25.61 -2.53
CA LEU C 291 -16.71 26.47 -2.38
C LEU C 291 -17.91 25.66 -1.90
N LYS C 292 -18.14 24.47 -2.48
CA LYS C 292 -19.30 23.70 -2.08
C LYS C 292 -19.09 23.00 -0.74
N TYR C 293 -17.84 22.68 -0.41
CA TYR C 293 -17.54 22.28 0.96
C TYR C 293 -17.91 23.38 1.93
N ALA C 294 -17.42 24.60 1.67
CA ALA C 294 -17.73 25.75 2.50
C ALA C 294 -19.23 25.91 2.71
N ILE C 295 -20.00 25.80 1.62
CA ILE C 295 -21.46 25.87 1.73
C ILE C 295 -21.96 24.81 2.70
N ALA C 296 -21.49 23.57 2.51
CA ALA C 296 -21.90 22.47 3.38
C ALA C 296 -21.65 22.80 4.84
N VAL C 297 -20.40 23.14 5.18
CA VAL C 297 -20.08 23.45 6.55
C VAL C 297 -20.79 24.72 7.00
N ASN C 298 -21.02 25.66 6.09
CA ASN C 298 -21.74 26.86 6.48
C ASN C 298 -23.15 26.51 6.92
N ASP C 299 -23.76 25.53 6.25
CA ASP C 299 -25.15 25.18 6.53
C ASP C 299 -25.29 24.13 7.61
N LEU C 300 -24.35 23.19 7.72
CA LEU C 300 -24.48 22.06 8.62
C LEU C 300 -23.38 21.93 9.66
N GLY C 301 -22.29 22.69 9.53
CA GLY C 301 -21.27 22.76 10.56
C GLY C 301 -20.19 21.69 10.42
N THR C 302 -19.08 21.92 11.12
CA THR C 302 -17.94 21.01 11.00
C THR C 302 -18.33 19.60 11.41
N GLU C 303 -18.94 19.47 12.59
CA GLU C 303 -19.22 18.15 13.13
C GLU C 303 -20.05 17.30 12.17
N TYR C 304 -21.14 17.85 11.65
CA TYR C 304 -21.99 17.05 10.77
C TYR C 304 -21.30 16.69 9.47
N VAL C 305 -20.78 17.69 8.75
CA VAL C 305 -20.17 17.41 7.44
C VAL C 305 -19.07 16.37 7.57
N HIS C 306 -18.37 16.36 8.68
CA HIS C 306 -17.28 15.43 8.86
C HIS C 306 -17.71 14.15 9.53
N ARG C 307 -19.01 13.90 9.59
CA ARG C 307 -19.49 12.54 9.75
C ARG C 307 -19.40 11.79 8.44
N TYR C 308 -19.41 12.51 7.33
CA TYR C 308 -19.47 11.84 6.04
C TYR C 308 -18.16 11.88 5.27
N VAL C 309 -17.23 12.74 5.66
CA VAL C 309 -15.97 12.84 4.94
C VAL C 309 -14.92 13.27 5.94
N GLY C 310 -13.67 12.90 5.67
CA GLY C 310 -12.56 13.18 6.56
C GLY C 310 -11.90 14.51 6.24
N LYS C 311 -10.77 14.75 6.93
CA LYS C 311 -10.02 15.99 6.78
C LYS C 311 -8.54 15.77 6.54
N GLU C 312 -8.12 14.58 6.12
CA GLU C 312 -6.68 14.38 5.92
C GLU C 312 -6.40 13.96 4.49
N PRO C 313 -5.19 14.20 3.97
CA PRO C 313 -4.93 13.96 2.54
C PRO C 313 -4.81 12.47 2.23
N SER C 314 -5.01 12.14 0.96
CA SER C 314 -5.11 10.74 0.55
C SER C 314 -3.77 10.00 0.75
N LEU C 321 -7.28 3.71 -4.42
CA LEU C 321 -7.98 3.82 -3.14
C LEU C 321 -9.07 4.84 -3.25
N PHE C 322 -10.19 4.56 -2.61
CA PHE C 322 -11.28 5.53 -2.60
C PHE C 322 -11.67 5.96 -1.20
N LEU C 323 -11.72 5.04 -0.26
CA LEU C 323 -12.03 5.39 1.11
C LEU C 323 -10.77 5.32 1.96
N ASN C 324 -10.88 5.85 3.18
CA ASN C 324 -9.85 5.79 4.20
C ASN C 324 -10.28 4.74 5.23
N GLU C 325 -9.52 4.64 6.31
CA GLU C 325 -9.77 3.55 7.26
C GLU C 325 -11.07 3.73 8.02
N ASP C 326 -11.60 4.94 8.11
CA ASP C 326 -12.87 5.12 8.78
C ASP C 326 -14.06 4.87 7.89
N ASP C 327 -13.82 4.44 6.64
CA ASP C 327 -14.85 4.22 5.60
C ASP C 327 -15.58 5.49 5.18
N LYS C 328 -14.92 6.65 5.35
CA LYS C 328 -15.29 7.91 4.73
C LYS C 328 -14.29 8.24 3.64
N PRO C 329 -14.65 9.04 2.64
CA PRO C 329 -13.63 9.50 1.69
C PRO C 329 -12.65 10.41 2.42
N HIS C 330 -11.47 10.55 1.84
CA HIS C 330 -10.36 11.09 2.61
C HIS C 330 -10.62 12.55 3.00
N ASN C 331 -11.04 13.35 2.04
CA ASN C 331 -11.23 14.77 2.24
C ASN C 331 -12.05 15.30 1.09
N PRO C 332 -12.69 16.45 1.25
CA PRO C 332 -13.55 16.96 0.18
C PRO C 332 -12.83 17.56 -1.01
N MET C 333 -11.49 17.60 -1.06
CA MET C 333 -10.86 18.10 -2.28
C MET C 333 -10.76 17.05 -3.37
N VAL C 334 -11.01 15.79 -3.05
CA VAL C 334 -10.95 14.69 -4.03
C VAL C 334 -12.37 14.30 -4.41
N ASN C 335 -12.51 13.72 -5.61
CA ASN C 335 -13.83 13.45 -6.17
C ASN C 335 -14.74 12.69 -5.21
N ALA C 336 -14.25 11.57 -4.66
CA ALA C 336 -15.01 10.82 -3.66
C ALA C 336 -15.50 11.71 -2.52
N GLY C 337 -14.69 12.69 -2.11
CA GLY C 337 -15.13 13.59 -1.06
C GLY C 337 -16.08 14.63 -1.61
N ALA C 338 -15.75 15.16 -2.77
CA ALA C 338 -16.63 16.12 -3.43
C ALA C 338 -18.03 15.54 -3.55
N ILE C 339 -18.14 14.31 -4.04
CA ILE C 339 -19.44 13.69 -4.28
C ILE C 339 -20.23 13.59 -2.97
N VAL C 340 -19.61 13.06 -1.92
CA VAL C 340 -20.29 12.99 -0.63
C VAL C 340 -20.72 14.38 -0.17
N VAL C 341 -19.84 15.39 -0.33
CA VAL C 341 -20.20 16.75 0.10
C VAL C 341 -21.42 17.23 -0.66
N THR C 342 -21.38 17.09 -2.00
CA THR C 342 -22.56 17.38 -2.82
C THR C 342 -23.83 16.76 -2.25
N SER C 343 -23.72 15.57 -1.68
CA SER C 343 -24.93 14.91 -1.18
C SER C 343 -25.42 15.46 0.14
N LEU C 344 -24.73 16.45 0.73
CA LEU C 344 -25.21 17.07 1.96
C LEU C 344 -25.93 18.41 1.74
N ILE C 345 -25.70 19.06 0.60
CA ILE C 345 -26.19 20.40 0.35
C ILE C 345 -27.69 20.34 0.05
N LYS C 346 -28.50 20.95 0.92
CA LYS C 346 -29.96 21.04 0.78
C LYS C 346 -30.59 19.67 0.45
N GLN C 347 -30.49 18.79 1.45
CA GLN C 347 -31.20 17.52 1.40
C GLN C 347 -32.70 17.78 1.50
N GLY C 348 -33.48 16.83 1.01
CA GLY C 348 -34.93 17.06 1.00
C GLY C 348 -35.44 17.83 -0.20
N VAL C 349 -34.83 18.99 -0.50
CA VAL C 349 -35.08 19.66 -1.77
C VAL C 349 -34.55 18.81 -2.92
N ASN C 350 -35.00 19.12 -4.13
CA ASN C 350 -34.64 18.34 -5.31
C ASN C 350 -33.53 19.03 -6.10
N ASN C 351 -33.04 18.33 -7.12
CA ASN C 351 -31.78 18.70 -7.76
C ASN C 351 -31.85 20.01 -8.54
N ALA C 352 -33.03 20.35 -9.08
CA ALA C 352 -33.17 21.63 -9.78
C ALA C 352 -33.06 22.80 -8.82
N GLU C 353 -33.63 22.66 -7.61
CA GLU C 353 -33.59 23.71 -6.62
C GLU C 353 -32.32 23.69 -5.79
N LYS C 354 -31.78 22.50 -5.51
CA LYS C 354 -30.44 22.43 -4.95
C LYS C 354 -29.50 23.30 -5.76
N PHE C 355 -29.48 23.08 -7.07
CA PHE C 355 -28.56 23.82 -7.93
C PHE C 355 -28.83 25.31 -7.91
N ASP C 356 -30.10 25.72 -7.76
CA ASP C 356 -30.41 27.15 -7.60
C ASP C 356 -29.80 27.69 -6.30
N TYR C 357 -29.92 26.93 -5.21
CA TYR C 357 -29.43 27.36 -3.91
C TYR C 357 -27.93 27.57 -3.93
N VAL C 358 -27.18 26.57 -4.37
CA VAL C 358 -25.74 26.75 -4.55
C VAL C 358 -25.48 27.97 -5.40
N MET C 359 -26.28 28.17 -6.44
CA MET C 359 -26.07 29.31 -7.33
C MET C 359 -26.28 30.64 -6.61
N GLN C 360 -27.36 30.77 -5.84
CA GLN C 360 -27.54 31.95 -5.01
C GLN C 360 -26.34 32.15 -4.09
N PHE C 361 -25.86 31.07 -3.48
CA PHE C 361 -24.69 31.15 -2.62
C PHE C 361 -23.49 31.65 -3.41
N LEU C 362 -23.20 31.04 -4.55
CA LEU C 362 -22.06 31.46 -5.36
C LEU C 362 -22.18 32.90 -5.81
N ASN C 363 -23.40 33.41 -5.99
CA ASN C 363 -23.57 34.83 -6.29
C ASN C 363 -23.18 35.69 -5.10
N LYS C 364 -23.59 35.29 -3.90
CA LYS C 364 -23.23 36.02 -2.70
C LYS C 364 -21.70 36.11 -2.56
N MET C 365 -20.98 34.99 -2.77
CA MET C 365 -19.53 35.00 -2.65
C MET C 365 -18.86 35.84 -3.74
N ALA C 366 -19.50 36.02 -4.88
CA ALA C 366 -18.89 36.83 -5.92
C ALA C 366 -19.40 38.26 -5.88
N GLY C 367 -20.08 38.64 -4.82
CA GLY C 367 -20.75 39.94 -4.78
C GLY C 367 -21.58 40.20 -6.01
N ASN C 368 -22.27 39.16 -6.48
CA ASN C 368 -23.18 39.23 -7.60
C ASN C 368 -22.46 39.62 -8.89
N GLU C 369 -21.15 39.33 -8.96
CA GLU C 369 -20.41 39.28 -10.22
C GLU C 369 -20.73 37.98 -10.97
N TYR C 370 -19.97 37.67 -12.04
CA TYR C 370 -20.45 36.72 -13.04
C TYR C 370 -20.40 35.29 -12.53
N VAL C 371 -21.54 34.64 -12.45
CA VAL C 371 -21.59 33.20 -12.29
C VAL C 371 -22.52 32.63 -13.36
N GLY C 372 -22.10 31.55 -14.00
CA GLY C 372 -22.87 30.99 -15.09
C GLY C 372 -22.86 29.48 -15.08
N PHE C 373 -23.37 28.90 -16.16
CA PHE C 373 -23.45 27.46 -16.28
C PHE C 373 -23.17 27.07 -17.72
N SER C 374 -22.20 26.20 -17.91
CA SER C 374 -21.89 25.69 -19.23
C SER C 374 -22.53 24.31 -19.34
N ASN C 375 -23.69 24.26 -19.99
CA ASN C 375 -24.33 22.99 -20.28
C ASN C 375 -23.42 22.09 -21.11
N ALA C 376 -22.67 22.69 -22.04
CA ALA C 376 -21.76 21.93 -22.89
C ALA C 376 -20.76 21.15 -22.04
N THR C 377 -20.17 21.80 -21.04
CA THR C 377 -19.32 21.08 -20.10
C THR C 377 -20.13 20.00 -19.37
N PHE C 378 -21.36 20.33 -18.96
CA PHE C 378 -22.16 19.41 -18.17
C PHE C 378 -22.40 18.10 -18.89
N GLN C 379 -22.70 18.16 -20.20
CA GLN C 379 -22.88 16.95 -20.97
C GLN C 379 -21.58 16.16 -21.10
N SER C 380 -20.46 16.86 -21.32
CA SER C 380 -19.16 16.21 -21.32
C SER C 380 -18.94 15.42 -20.03
N GLU C 381 -19.10 16.08 -18.87
CA GLU C 381 -18.77 15.45 -17.59
C GLU C 381 -19.66 14.26 -17.27
N ARG C 382 -20.88 14.23 -17.77
CA ARG C 382 -21.72 13.07 -17.55
C ARG C 382 -21.49 11.99 -18.59
N GLU C 383 -21.24 12.37 -19.85
CA GLU C 383 -21.00 11.37 -20.89
C GLU C 383 -19.68 10.65 -20.69
N SER C 384 -18.70 11.27 -20.04
CA SER C 384 -17.40 10.67 -19.82
C SER C 384 -17.09 10.46 -18.34
N GLY C 385 -18.09 10.55 -17.47
CA GLY C 385 -17.81 10.44 -16.04
C GLY C 385 -17.71 9.01 -15.56
N ASP C 386 -17.07 8.15 -16.36
CA ASP C 386 -16.97 6.74 -16.02
C ASP C 386 -16.28 6.52 -14.69
N ARG C 387 -15.12 7.16 -14.47
CA ARG C 387 -14.51 7.07 -13.15
C ARG C 387 -15.50 7.54 -12.07
N ASN C 388 -16.21 8.64 -12.32
CA ASN C 388 -17.07 9.18 -11.27
C ASN C 388 -18.23 8.25 -10.94
N PHE C 389 -18.85 7.62 -11.94
CA PHE C 389 -19.89 6.66 -11.64
C PHE C 389 -19.35 5.52 -10.78
N ALA C 390 -18.13 5.06 -11.09
CA ALA C 390 -17.48 4.05 -10.27
C ALA C 390 -17.41 4.51 -8.82
N ILE C 391 -16.80 5.68 -8.60
CA ILE C 391 -16.71 6.29 -7.27
C ILE C 391 -18.08 6.37 -6.61
N GLY C 392 -19.11 6.70 -7.39
CA GLY C 392 -20.43 6.81 -6.80
C GLY C 392 -20.96 5.47 -6.33
N TYR C 393 -20.95 4.47 -7.22
CA TYR C 393 -21.42 3.16 -6.83
C TYR C 393 -20.64 2.61 -5.64
N TYR C 394 -19.31 2.73 -5.69
CA TYR C 394 -18.52 2.36 -4.51
C TYR C 394 -19.00 3.10 -3.26
N LEU C 395 -19.22 4.42 -3.37
CA LEU C 395 -19.72 5.18 -2.23
C LEU C 395 -21.08 4.66 -1.78
N LYS C 396 -21.93 4.30 -2.74
CA LYS C 396 -23.23 3.73 -2.41
C LYS C 396 -23.06 2.44 -1.63
N GLU C 397 -22.20 1.55 -2.15
CA GLU C 397 -22.01 0.25 -1.52
C GLU C 397 -21.54 0.41 -0.08
N LYS C 398 -20.55 1.27 0.13
CA LYS C 398 -19.99 1.49 1.46
C LYS C 398 -20.81 2.49 2.28
N LYS C 399 -22.05 2.81 1.86
CA LYS C 399 -23.02 3.55 2.68
C LYS C 399 -22.51 4.93 3.11
N CYS C 400 -21.83 5.61 2.21
CA CYS C 400 -21.17 6.87 2.57
C CYS C 400 -22.10 8.07 2.52
N PHE C 401 -23.22 7.99 1.79
CA PHE C 401 -24.13 9.11 1.66
C PHE C 401 -25.03 9.20 2.87
N PRO C 402 -25.77 10.32 3.03
CA PRO C 402 -26.74 10.40 4.11
C PRO C 402 -27.98 9.57 3.82
N GLU C 403 -28.88 9.56 4.80
CA GLU C 403 -30.08 8.74 4.67
C GLU C 403 -30.91 9.17 3.49
N GLY C 404 -31.25 8.21 2.64
CA GLY C 404 -32.17 8.49 1.58
C GLY C 404 -31.58 9.26 0.44
N THR C 405 -30.32 9.03 0.12
CA THR C 405 -29.67 9.74 -0.96
C THR C 405 -29.88 8.99 -2.27
N ASP C 406 -30.23 9.73 -3.32
CA ASP C 406 -30.31 9.18 -4.67
C ASP C 406 -28.94 9.39 -5.30
N MET C 407 -28.09 8.36 -5.23
CA MET C 407 -26.71 8.52 -5.64
C MET C 407 -26.60 8.90 -7.13
N VAL C 408 -27.34 8.23 -8.01
CA VAL C 408 -27.17 8.54 -9.42
C VAL C 408 -27.58 9.97 -9.75
N GLY C 409 -28.46 10.55 -8.96
CA GLY C 409 -28.85 11.95 -9.14
C GLY C 409 -27.82 12.86 -8.52
N ILE C 410 -27.27 12.44 -7.38
CA ILE C 410 -26.20 13.22 -6.76
C ILE C 410 -25.06 13.40 -7.74
N LEU C 411 -24.79 12.39 -8.55
CA LEU C 411 -23.70 12.52 -9.52
C LEU C 411 -24.01 13.61 -10.52
N ASP C 412 -25.25 13.66 -11.01
CA ASP C 412 -25.62 14.70 -11.96
C ASP C 412 -25.41 16.07 -11.35
N PHE C 413 -26.01 16.32 -10.18
CA PHE C 413 -25.73 17.53 -9.41
C PHE C 413 -24.24 17.83 -9.40
N TYR C 414 -23.45 16.82 -9.03
CA TYR C 414 -22.01 16.99 -8.98
C TYR C 414 -21.47 17.44 -10.33
N PHE C 415 -21.87 16.77 -11.41
CA PHE C 415 -21.45 17.21 -12.74
C PHE C 415 -21.93 18.63 -13.02
N GLN C 416 -23.14 18.99 -12.57
CA GLN C 416 -23.60 20.37 -12.72
C GLN C 416 -22.60 21.33 -12.08
N LEU C 417 -22.36 21.14 -10.78
CA LEU C 417 -21.52 22.03 -10.00
C LEU C 417 -20.15 22.23 -10.65
N CYS C 418 -19.58 21.16 -11.20
CA CYS C 418 -18.30 21.30 -11.89
C CYS C 418 -18.43 22.15 -13.15
N SER C 419 -19.60 22.12 -13.78
CA SER C 419 -19.84 22.86 -15.00
C SER C 419 -20.17 24.32 -14.74
N ILE C 420 -20.19 24.78 -13.49
CA ILE C 420 -20.49 26.18 -13.22
C ILE C 420 -19.44 27.04 -13.88
N GLU C 421 -19.88 28.13 -14.50
CA GLU C 421 -18.93 29.05 -15.11
C GLU C 421 -18.62 30.21 -14.16
N VAL C 422 -17.37 30.67 -14.23
CA VAL C 422 -16.92 31.93 -13.66
C VAL C 422 -16.01 32.60 -14.67
N THR C 423 -15.64 33.83 -14.38
CA THR C 423 -14.46 34.41 -15.01
C THR C 423 -13.40 34.62 -13.96
N CYS C 424 -12.23 35.09 -14.40
CA CYS C 424 -11.23 35.46 -13.43
C CYS C 424 -11.81 36.45 -12.45
N GLU C 425 -12.36 37.54 -12.97
CA GLU C 425 -12.82 38.61 -12.10
C GLU C 425 -13.81 38.11 -11.06
N SER C 426 -14.85 37.41 -11.50
CA SER C 426 -15.87 36.97 -10.56
C SER C 426 -15.28 36.00 -9.55
N ALA C 427 -14.47 35.06 -10.02
CA ALA C 427 -13.87 34.09 -9.11
C ALA C 427 -12.87 34.75 -8.17
N SER C 428 -12.16 35.79 -8.63
CA SER C 428 -11.23 36.43 -7.72
C SER C 428 -11.96 37.02 -6.52
N VAL C 429 -13.23 37.40 -6.71
CA VAL C 429 -13.99 37.91 -5.58
C VAL C 429 -14.40 36.77 -4.66
N MET C 430 -14.79 35.65 -5.25
CA MET C 430 -15.06 34.44 -4.48
C MET C 430 -13.88 34.10 -3.57
N ALA C 431 -12.70 33.87 -4.17
CA ALA C 431 -11.50 33.64 -3.38
C ALA C 431 -11.35 34.69 -2.29
N ALA C 432 -11.59 35.96 -2.64
CA ALA C 432 -11.41 37.04 -1.67
C ALA C 432 -12.39 36.94 -0.51
N THR C 433 -13.58 36.35 -0.71
CA THR C 433 -14.46 36.13 0.43
C THR C 433 -13.82 35.18 1.43
N LEU C 434 -13.12 34.15 0.93
CA LEU C 434 -12.38 33.24 1.80
C LEU C 434 -11.13 33.89 2.33
N ALA C 435 -10.57 34.85 1.60
CA ALA C 435 -9.52 35.68 2.16
C ALA C 435 -10.02 36.46 3.37
N ASN C 436 -11.25 36.93 3.30
CA ASN C 436 -11.78 37.95 4.21
C ASN C 436 -12.69 37.36 5.30
N GLY C 437 -12.33 36.22 5.88
CA GLY C 437 -13.09 35.72 7.02
C GLY C 437 -14.53 35.34 6.71
N GLY C 438 -14.89 35.28 5.42
CA GLY C 438 -16.22 34.90 5.00
C GLY C 438 -17.15 36.02 4.65
N PHE C 439 -16.68 37.27 4.65
CA PHE C 439 -17.44 38.43 4.20
C PHE C 439 -17.05 38.73 2.75
N CYS C 440 -18.04 38.90 1.89
CA CYS C 440 -17.71 39.28 0.53
C CYS C 440 -17.12 40.67 0.56
N PRO C 441 -15.85 40.83 0.22
CA PRO C 441 -15.21 42.13 0.42
C PRO C 441 -15.83 43.28 -0.38
N ILE C 442 -16.45 43.04 -1.54
CA ILE C 442 -17.00 44.14 -2.33
C ILE C 442 -18.45 44.47 -1.99
N THR C 443 -19.09 43.70 -1.11
CA THR C 443 -20.45 44.01 -0.70
C THR C 443 -20.60 44.14 0.79
N GLY C 444 -19.65 43.64 1.56
CA GLY C 444 -19.75 43.67 3.00
C GLY C 444 -20.70 42.66 3.58
N GLU C 445 -21.47 41.93 2.77
CA GLU C 445 -22.36 40.93 3.33
C GLU C 445 -21.55 39.73 3.82
N ARG C 446 -21.98 39.16 4.95
CA ARG C 446 -21.42 37.89 5.42
C ARG C 446 -22.02 36.76 4.59
N VAL C 447 -21.16 36.00 3.93
CA VAL C 447 -21.60 34.93 3.04
C VAL C 447 -21.36 33.55 3.66
N LEU C 448 -20.24 33.38 4.35
CA LEU C 448 -19.81 32.09 4.89
C LEU C 448 -19.33 32.29 6.33
N SER C 449 -19.68 31.33 7.20
CA SER C 449 -19.32 31.41 8.60
C SER C 449 -17.81 31.30 8.76
N PRO C 450 -17.24 31.99 9.76
CA PRO C 450 -15.80 31.80 10.02
C PRO C 450 -15.42 30.34 10.12
N GLU C 451 -16.23 29.55 10.84
CA GLU C 451 -16.05 28.11 10.90
C GLU C 451 -15.91 27.52 9.49
N ALA C 452 -16.83 27.87 8.59
CA ALA C 452 -16.77 27.28 7.25
C ALA C 452 -15.55 27.78 6.47
N VAL C 453 -15.17 29.04 6.64
CA VAL C 453 -14.06 29.54 5.84
C VAL C 453 -12.75 28.97 6.34
N ARG C 454 -12.57 28.91 7.66
CA ARG C 454 -11.35 28.33 8.20
C ARG C 454 -11.16 26.91 7.68
N ASN C 455 -12.16 26.05 7.89
CA ASN C 455 -12.05 24.68 7.43
C ASN C 455 -11.68 24.62 5.96
N THR C 456 -12.34 25.44 5.13
CA THR C 456 -12.09 25.36 3.69
C THR C 456 -10.66 25.75 3.36
N LEU C 457 -10.15 26.78 4.02
CA LEU C 457 -8.77 27.19 3.78
C LEU C 457 -7.80 26.13 4.29
N SER C 458 -8.10 25.51 5.43
CA SER C 458 -7.34 24.36 5.91
C SER C 458 -7.21 23.28 4.83
N LEU C 459 -8.35 22.76 4.34
CA LEU C 459 -8.28 21.59 3.46
C LEU C 459 -7.74 21.93 2.08
N MET C 460 -7.90 23.18 1.62
CA MET C 460 -7.17 23.59 0.42
C MET C 460 -5.65 23.49 0.62
N HIS C 461 -5.18 23.81 1.82
CA HIS C 461 -3.75 23.77 2.09
C HIS C 461 -3.22 22.35 1.95
N SER C 462 -3.87 21.40 2.61
CA SER C 462 -3.34 20.05 2.71
C SER C 462 -3.73 19.16 1.54
N CYS C 463 -4.86 19.45 0.87
CA CYS C 463 -5.43 18.53 -0.12
C CYS C 463 -5.72 19.15 -1.47
N GLY C 464 -5.61 20.48 -1.61
CA GLY C 464 -6.05 21.16 -2.83
C GLY C 464 -5.20 20.91 -4.06
N MET C 465 -3.94 20.51 -3.87
CA MET C 465 -3.07 20.15 -5.00
C MET C 465 -2.87 18.65 -5.13
N TYR C 466 -3.56 17.84 -4.33
CA TYR C 466 -3.47 16.38 -4.36
C TYR C 466 -2.05 15.97 -3.97
N ASP C 467 -1.32 15.20 -4.79
CA ASP C 467 0.06 14.82 -4.45
C ASP C 467 0.97 16.05 -4.41
N PHE C 468 0.82 16.95 -5.38
CA PHE C 468 1.54 18.22 -5.43
C PHE C 468 1.25 19.07 -4.19
N SER C 469 0.39 18.62 -3.27
CA SER C 469 0.02 19.45 -2.13
C SER C 469 1.21 19.71 -1.21
N GLY C 470 2.04 18.70 -0.97
CA GLY C 470 3.19 18.93 -0.12
C GLY C 470 4.20 19.85 -0.78
N GLN C 471 4.67 19.44 -1.97
CA GLN C 471 5.53 20.25 -2.82
C GLN C 471 5.06 21.70 -2.89
N PHE C 472 3.76 21.90 -3.19
CA PHE C 472 3.19 23.22 -3.40
C PHE C 472 3.04 23.98 -2.09
N ALA C 473 2.47 23.35 -1.07
CA ALA C 473 2.36 24.05 0.21
C ALA C 473 3.73 24.30 0.83
N PHE C 474 4.77 23.57 0.40
CA PHE C 474 6.12 23.88 0.88
C PHE C 474 6.62 25.18 0.26
N HIS C 475 6.59 25.26 -1.08
CA HIS C 475 7.14 26.43 -1.76
C HIS C 475 6.19 27.61 -1.78
N VAL C 476 4.94 27.38 -2.17
CA VAL C 476 4.00 28.49 -2.29
C VAL C 476 3.33 28.82 -0.96
N GLY C 477 2.88 27.81 -0.21
CA GLY C 477 2.34 28.07 1.12
C GLY C 477 1.06 28.88 1.14
N LEU C 478 0.29 28.86 0.05
CA LEU C 478 -1.01 29.48 0.02
C LEU C 478 -2.07 28.43 -0.23
N PRO C 479 -3.23 28.52 0.43
CA PRO C 479 -4.31 27.57 0.12
C PRO C 479 -4.85 27.86 -1.28
N ALA C 480 -4.88 26.82 -2.11
CA ALA C 480 -5.31 26.95 -3.48
C ALA C 480 -6.17 25.74 -3.85
N LYS C 481 -6.92 25.87 -4.93
CA LYS C 481 -7.56 24.73 -5.56
C LYS C 481 -7.42 24.86 -7.07
N CYS C 482 -7.16 23.74 -7.72
CA CYS C 482 -7.00 23.73 -9.16
C CYS C 482 -8.18 23.06 -9.84
N GLY C 483 -8.31 23.32 -11.13
CA GLY C 483 -9.31 22.68 -11.94
C GLY C 483 -8.80 22.52 -13.35
N VAL C 484 -9.28 21.47 -14.02
CA VAL C 484 -8.80 21.14 -15.36
C VAL C 484 -9.15 22.20 -16.41
N ALA C 485 -10.14 23.05 -16.14
CA ALA C 485 -10.39 24.20 -17.01
C ALA C 485 -9.17 25.10 -17.14
N GLY C 486 -8.24 25.01 -16.18
CA GLY C 486 -7.10 25.89 -16.10
C GLY C 486 -7.15 26.85 -14.94
N GLY C 487 -8.07 26.65 -13.99
CA GLY C 487 -8.27 27.60 -12.91
C GLY C 487 -7.46 27.26 -11.67
N ILE C 488 -6.87 28.31 -11.08
CA ILE C 488 -6.31 28.21 -9.75
C ILE C 488 -7.04 29.25 -8.92
N LEU C 489 -7.87 28.77 -7.99
CA LEU C 489 -8.45 29.63 -6.96
C LEU C 489 -7.39 29.82 -5.89
N LEU C 490 -6.89 31.05 -5.73
CA LEU C 490 -5.80 31.33 -4.82
C LEU C 490 -6.30 32.20 -3.69
N VAL C 491 -5.89 31.90 -2.48
CA VAL C 491 -6.28 32.71 -1.33
C VAL C 491 -5.01 33.12 -0.59
N VAL C 492 -4.88 34.41 -0.32
CA VAL C 492 -3.83 34.92 0.56
C VAL C 492 -4.55 35.39 1.81
N PRO C 493 -4.74 34.53 2.81
CA PRO C 493 -5.54 34.92 3.97
C PRO C 493 -5.21 36.33 4.45
N ASN C 494 -6.25 37.08 4.79
CA ASN C 494 -6.18 38.42 5.35
C ASN C 494 -5.68 39.50 4.38
N VAL C 495 -5.44 39.16 3.10
CA VAL C 495 -4.89 40.13 2.16
C VAL C 495 -5.71 40.20 0.87
N MET C 496 -6.01 39.05 0.25
CA MET C 496 -6.65 39.07 -1.08
C MET C 496 -6.99 37.65 -1.50
N GLY C 497 -7.84 37.58 -2.52
CA GLY C 497 -8.09 36.35 -3.24
C GLY C 497 -7.74 36.53 -4.70
N MET C 498 -7.53 35.43 -5.44
CA MET C 498 -7.15 35.50 -6.84
C MET C 498 -7.79 34.36 -7.61
N MET C 499 -7.94 34.56 -8.92
CA MET C 499 -8.16 33.46 -9.83
C MET C 499 -7.17 33.59 -10.97
N CYS C 500 -6.48 32.50 -11.27
CA CYS C 500 -5.62 32.41 -12.43
C CYS C 500 -6.26 31.47 -13.43
N TRP C 501 -6.19 31.84 -14.71
CA TRP C 501 -6.82 31.05 -15.75
C TRP C 501 -5.95 31.05 -17.00
N SER C 502 -5.30 29.91 -17.27
CA SER C 502 -4.64 29.54 -18.51
C SER C 502 -4.90 28.05 -18.75
N PRO C 503 -5.54 27.68 -19.85
CA PRO C 503 -6.01 26.28 -20.03
C PRO C 503 -4.89 25.26 -20.21
N PRO C 504 -3.68 25.62 -20.66
CA PRO C 504 -2.62 24.61 -20.71
C PRO C 504 -2.27 24.07 -19.33
N LEU C 505 -2.29 22.73 -19.22
CA LEU C 505 -2.00 22.02 -17.98
C LEU C 505 -0.72 21.19 -18.10
N ASP C 506 -0.06 21.00 -16.96
CA ASP C 506 1.10 20.13 -16.91
C ASP C 506 0.63 18.69 -16.69
N LYS C 507 1.58 17.79 -16.45
CA LYS C 507 1.23 16.38 -16.29
C LYS C 507 0.40 16.10 -15.05
N MET C 508 0.33 17.06 -14.12
CA MET C 508 -0.50 16.90 -12.93
C MET C 508 -1.89 17.50 -13.08
N GLY C 509 -2.23 18.06 -14.23
CA GLY C 509 -3.55 18.65 -14.40
C GLY C 509 -3.74 20.03 -13.80
N ASN C 510 -2.65 20.77 -13.57
CA ASN C 510 -2.69 22.14 -13.07
C ASN C 510 -2.28 23.11 -14.16
N SER C 511 -2.92 24.28 -14.19
CA SER C 511 -2.57 25.35 -15.11
C SER C 511 -1.07 25.63 -15.08
N VAL C 512 -0.42 25.56 -16.24
CA VAL C 512 1.02 25.78 -16.32
C VAL C 512 1.37 27.20 -15.86
N LYS C 513 0.81 28.21 -16.53
CA LYS C 513 1.07 29.59 -16.13
C LYS C 513 0.53 29.87 -14.74
N GLY C 514 -0.61 29.27 -14.39
CA GLY C 514 -1.14 29.48 -13.06
C GLY C 514 -0.12 29.11 -12.00
N ILE C 515 0.45 27.92 -12.13
CA ILE C 515 1.42 27.45 -11.15
C ILE C 515 2.66 28.33 -11.16
N HIS C 516 3.16 28.65 -12.35
CA HIS C 516 4.36 29.47 -12.43
C HIS C 516 4.12 30.81 -11.76
N PHE C 517 2.98 31.43 -12.03
CA PHE C 517 2.61 32.69 -11.39
C PHE C 517 2.57 32.56 -9.87
N CYS C 518 1.80 31.59 -9.36
CA CYS C 518 1.78 31.34 -7.92
C CYS C 518 3.19 31.29 -7.34
N HIS C 519 4.10 30.59 -7.99
CA HIS C 519 5.44 30.52 -7.46
C HIS C 519 6.12 31.88 -7.47
N ASP C 520 6.04 32.60 -8.59
CA ASP C 520 6.62 33.94 -8.66
C ASP C 520 6.03 34.86 -7.60
N LEU C 521 4.73 34.74 -7.34
CA LEU C 521 4.09 35.62 -6.39
C LEU C 521 4.73 35.51 -5.01
N VAL C 522 4.92 34.28 -4.53
CA VAL C 522 5.56 34.11 -3.23
C VAL C 522 7.06 34.33 -3.31
N SER C 523 7.67 34.09 -4.47
CA SER C 523 9.04 34.54 -4.69
C SER C 523 9.15 36.04 -4.44
N LEU C 524 8.16 36.80 -4.90
CA LEU C 524 8.27 38.25 -4.82
C LEU C 524 7.84 38.76 -3.46
N CYS C 525 6.65 38.37 -3.01
CA CYS C 525 6.04 38.97 -1.84
C CYS C 525 5.97 37.97 -0.70
N ASN C 526 6.06 38.50 0.53
CA ASN C 526 6.02 37.68 1.75
C ASN C 526 4.62 37.19 2.08
N PHE C 527 3.92 36.62 1.10
CA PHE C 527 2.61 36.05 1.34
C PHE C 527 2.65 34.59 1.77
N HIS C 528 3.81 33.92 1.69
CA HIS C 528 3.90 32.52 2.09
C HIS C 528 3.30 32.38 3.48
N ASN C 529 2.60 31.27 3.69
CA ASN C 529 1.97 31.00 4.99
C ASN C 529 2.90 31.20 6.17
N TYR C 530 4.19 31.05 5.98
CA TYR C 530 5.13 31.02 7.09
C TYR C 530 6.29 31.96 6.85
N ASP C 531 6.14 32.94 5.94
CA ASP C 531 7.00 34.10 5.98
C ASP C 531 6.75 34.83 7.29
N ASN C 532 7.79 35.44 7.82
CA ASN C 532 7.58 36.39 8.90
C ASN C 532 7.02 37.69 8.32
N LEU C 533 6.13 38.32 9.09
CA LEU C 533 5.62 39.65 8.77
C LEU C 533 6.60 40.77 9.12
N ARG C 534 7.69 40.45 9.78
CA ARG C 534 8.66 41.42 10.26
C ARG C 534 10.04 41.21 9.67
N HIS C 535 10.55 39.99 9.64
CA HIS C 535 11.83 39.70 8.99
C HIS C 535 11.58 38.76 7.83
N PHE C 536 11.52 39.32 6.63
CA PHE C 536 11.14 38.56 5.45
C PHE C 536 12.15 38.79 4.34
N ALA C 537 13.43 38.84 4.71
CA ALA C 537 14.53 38.80 3.73
C ALA C 537 14.34 39.91 2.69
N LYS C 538 14.69 39.66 1.43
CA LYS C 538 14.54 40.64 0.36
C LYS C 538 13.18 40.54 -0.32
N LYS C 539 12.30 39.66 0.15
CA LYS C 539 10.91 39.73 -0.28
C LYS C 539 10.34 41.12 -0.02
N LEU C 540 9.49 41.57 -0.93
CA LEU C 540 8.67 42.76 -0.76
C LEU C 540 7.40 42.43 0.01
N ASP C 541 6.86 43.41 0.71
CA ASP C 541 5.62 43.25 1.47
C ASP C 541 4.61 44.31 1.02
N PRO C 542 3.65 43.97 0.15
CA PRO C 542 2.66 44.96 -0.31
C PRO C 542 1.82 45.58 0.81
N ARG C 543 1.85 45.03 2.01
CA ARG C 543 1.06 45.61 3.09
C ARG C 543 1.68 46.88 3.66
N ARG C 544 2.87 47.28 3.21
CA ARG C 544 3.60 48.38 3.82
C ARG C 544 3.89 49.48 2.79
N GLU C 545 4.36 50.62 3.29
CA GLU C 545 4.48 51.85 2.53
C GLU C 545 5.94 52.15 2.20
N GLY C 546 6.18 53.32 1.61
CA GLY C 546 7.51 53.75 1.24
C GLY C 546 7.99 53.31 -0.15
N PRO D 137 -9.74 -66.64 -25.31
CA PRO D 137 -9.77 -65.15 -25.26
C PRO D 137 -11.17 -64.67 -24.94
N SER D 138 -11.72 -63.76 -25.76
CA SER D 138 -13.09 -63.20 -25.54
C SER D 138 -13.13 -62.44 -24.20
N LEU D 139 -12.79 -61.15 -24.24
CA LEU D 139 -12.79 -60.33 -23.01
C LEU D 139 -14.11 -60.56 -22.27
N GLU D 140 -15.21 -60.65 -23.01
CA GLU D 140 -16.54 -60.81 -22.38
C GLU D 140 -16.56 -62.10 -21.55
N ASP D 141 -15.92 -63.15 -22.06
CA ASP D 141 -15.93 -64.45 -21.34
C ASP D 141 -15.02 -64.33 -20.13
N LEU D 142 -13.84 -63.73 -20.32
CA LEU D 142 -12.95 -63.52 -19.16
C LEU D 142 -13.74 -62.74 -18.10
N LEU D 143 -14.45 -61.69 -18.51
CA LEU D 143 -15.28 -61.02 -17.52
C LEU D 143 -16.29 -61.99 -16.92
N PHE D 144 -16.78 -62.93 -17.72
CA PHE D 144 -17.94 -63.73 -17.32
C PHE D 144 -17.62 -64.67 -16.16
N TYR D 145 -16.50 -65.39 -16.23
CA TYR D 145 -16.24 -66.25 -15.09
C TYR D 145 -15.78 -65.47 -13.87
N THR D 146 -15.50 -64.17 -14.02
CA THR D 146 -15.01 -63.43 -12.86
C THR D 146 -16.13 -63.12 -11.87
N ILE D 147 -17.34 -62.90 -12.36
CA ILE D 147 -18.47 -62.71 -11.46
C ILE D 147 -19.08 -64.04 -11.02
N ALA D 148 -19.10 -65.02 -11.91
CA ALA D 148 -19.64 -66.34 -11.60
C ALA D 148 -18.57 -67.18 -10.93
N GLU D 149 -18.84 -67.68 -9.73
CA GLU D 149 -17.90 -68.51 -9.00
C GLU D 149 -17.76 -69.87 -9.66
N GLY D 150 -17.11 -69.89 -10.83
CA GLY D 150 -17.02 -71.07 -11.67
C GLY D 150 -18.35 -71.73 -11.91
N GLN D 151 -19.42 -70.94 -11.95
CA GLN D 151 -20.77 -71.46 -12.02
C GLN D 151 -21.37 -71.21 -13.39
N GLU D 152 -22.50 -71.89 -13.63
CA GLU D 152 -23.15 -71.87 -14.92
C GLU D 152 -23.63 -70.48 -15.29
N LYS D 153 -24.56 -69.92 -14.53
CA LYS D 153 -25.15 -68.63 -14.87
C LYS D 153 -24.88 -67.60 -13.77
N ILE D 154 -25.03 -66.34 -14.14
CA ILE D 154 -24.89 -65.20 -13.24
C ILE D 154 -26.28 -64.64 -12.98
N PRO D 155 -26.75 -64.54 -11.74
CA PRO D 155 -27.97 -63.79 -11.47
C PRO D 155 -27.76 -62.33 -11.89
N VAL D 156 -28.76 -61.77 -12.58
CA VAL D 156 -28.59 -60.42 -13.08
C VAL D 156 -28.34 -59.46 -11.92
N HIS D 157 -28.98 -59.70 -10.77
CA HIS D 157 -28.78 -58.80 -9.65
C HIS D 157 -27.37 -58.94 -9.09
N LYS D 158 -26.77 -60.11 -9.19
CA LYS D 158 -25.41 -60.27 -8.69
C LYS D 158 -24.44 -59.46 -9.53
N PHE D 159 -24.59 -59.50 -10.85
CA PHE D 159 -23.80 -58.64 -11.72
C PHE D 159 -24.04 -57.17 -11.40
N ILE D 160 -25.29 -56.82 -11.10
CA ILE D 160 -25.59 -55.42 -10.82
C ILE D 160 -24.93 -54.98 -9.52
N THR D 161 -24.94 -55.81 -8.48
CA THR D 161 -24.30 -55.40 -7.24
C THR D 161 -22.79 -55.37 -7.39
N ALA D 162 -22.24 -56.30 -8.19
CA ALA D 162 -20.81 -56.28 -8.50
C ALA D 162 -20.43 -55.03 -9.30
N LEU D 163 -21.34 -54.55 -10.14
CA LEU D 163 -21.08 -53.32 -10.89
C LEU D 163 -21.22 -52.09 -10.00
N LYS D 164 -22.30 -52.00 -9.21
CA LYS D 164 -22.46 -50.85 -8.35
C LYS D 164 -21.31 -50.74 -7.34
N SER D 165 -20.75 -51.88 -6.92
CA SER D 165 -19.69 -51.81 -5.93
C SER D 165 -18.43 -51.16 -6.50
N THR D 166 -18.21 -51.25 -7.81
CA THR D 166 -17.02 -50.62 -8.36
C THR D 166 -17.12 -49.09 -8.32
N GLY D 167 -18.25 -48.55 -7.91
CA GLY D 167 -18.45 -47.13 -7.84
C GLY D 167 -19.24 -46.55 -9.00
N LEU D 168 -19.26 -47.24 -10.14
CA LEU D 168 -20.10 -46.79 -11.24
C LEU D 168 -21.56 -46.78 -10.80
N ARG D 169 -22.35 -45.91 -11.43
CA ARG D 169 -23.79 -45.94 -11.28
C ARG D 169 -24.35 -46.63 -12.51
N THR D 170 -25.46 -47.38 -12.33
CA THR D 170 -26.08 -48.06 -13.47
C THR D 170 -26.57 -47.07 -14.52
N SER D 171 -26.82 -45.83 -14.11
CA SER D 171 -27.22 -44.79 -15.04
C SER D 171 -26.07 -44.23 -15.85
N ASP D 172 -24.86 -44.72 -15.64
CA ASP D 172 -23.71 -44.16 -16.32
C ASP D 172 -23.95 -44.16 -17.82
N PRO D 173 -23.79 -43.01 -18.49
CA PRO D 173 -23.98 -42.94 -19.95
C PRO D 173 -23.08 -43.88 -20.72
N ARG D 174 -21.87 -44.13 -20.24
CA ARG D 174 -20.99 -45.07 -20.92
C ARG D 174 -21.48 -46.50 -20.78
N LEU D 175 -22.47 -46.76 -19.93
CA LEU D 175 -23.05 -48.08 -19.73
C LEU D 175 -24.42 -48.19 -20.38
N LYS D 176 -24.83 -47.19 -21.16
CA LYS D 176 -26.21 -47.11 -21.65
C LYS D 176 -26.61 -48.36 -22.43
N GLU D 177 -25.82 -48.72 -23.44
CA GLU D 177 -26.11 -49.90 -24.25
C GLU D 177 -26.23 -51.15 -23.39
N CYS D 178 -25.20 -51.41 -22.58
CA CYS D 178 -25.21 -52.60 -21.74
C CYS D 178 -26.50 -52.66 -20.93
N MET D 179 -26.88 -51.55 -20.30
CA MET D 179 -28.03 -51.58 -19.42
C MET D 179 -29.32 -51.72 -20.21
N ASP D 180 -29.36 -51.17 -21.44
CA ASP D 180 -30.51 -51.37 -22.32
C ASP D 180 -30.66 -52.84 -22.68
N MET D 181 -29.59 -53.46 -23.21
CA MET D 181 -29.64 -54.89 -23.50
C MET D 181 -30.04 -55.71 -22.26
N LEU D 182 -29.63 -55.26 -21.07
CA LEU D 182 -29.94 -55.98 -19.84
C LEU D 182 -31.43 -55.89 -19.53
N ARG D 183 -31.99 -54.69 -19.61
CA ARG D 183 -33.43 -54.52 -19.37
C ARG D 183 -34.26 -55.28 -20.39
N LEU D 184 -33.79 -55.30 -21.65
CA LEU D 184 -34.51 -56.01 -22.70
C LEU D 184 -34.53 -57.51 -22.45
N THR D 185 -33.52 -58.03 -21.75
CA THR D 185 -33.50 -59.45 -21.46
C THR D 185 -34.51 -59.81 -20.38
N LEU D 186 -34.55 -59.02 -19.29
CA LEU D 186 -35.56 -59.25 -18.26
C LEU D 186 -36.96 -59.32 -18.85
N GLN D 187 -37.19 -58.60 -19.96
CA GLN D 187 -38.46 -58.63 -20.67
C GLN D 187 -38.61 -59.89 -21.51
N THR D 188 -37.52 -60.31 -22.16
CA THR D 188 -37.51 -61.47 -23.03
C THR D 188 -37.55 -62.79 -22.26
N THR D 189 -37.16 -62.75 -21.00
CA THR D 189 -37.10 -63.98 -20.20
C THR D 189 -37.59 -63.61 -18.83
N SER D 190 -38.91 -63.44 -18.69
CA SER D 190 -39.46 -62.97 -17.39
C SER D 190 -39.41 -64.11 -16.36
N ASP D 191 -38.28 -64.80 -16.26
CA ASP D 191 -38.12 -65.87 -15.25
C ASP D 191 -37.28 -65.30 -14.10
N GLY D 192 -36.13 -65.88 -13.83
CA GLY D 192 -35.23 -65.33 -12.79
C GLY D 192 -33.99 -64.82 -13.49
N VAL D 193 -34.13 -64.45 -14.76
CA VAL D 193 -32.97 -63.98 -15.56
C VAL D 193 -31.88 -65.06 -15.54
N MET D 194 -30.79 -64.85 -14.81
CA MET D 194 -29.65 -65.80 -14.79
C MET D 194 -29.04 -65.85 -16.19
N LEU D 195 -27.97 -65.10 -16.42
CA LEU D 195 -27.41 -65.00 -17.79
C LEU D 195 -26.30 -66.03 -18.06
N ASP D 196 -26.46 -66.84 -19.10
CA ASP D 196 -25.38 -67.72 -19.50
C ASP D 196 -24.31 -66.91 -20.22
N LYS D 197 -23.19 -67.57 -20.53
CA LYS D 197 -22.08 -66.90 -21.19
C LYS D 197 -22.50 -66.18 -22.48
N ASP D 198 -23.32 -66.82 -23.31
CA ASP D 198 -23.73 -66.20 -24.57
C ASP D 198 -24.55 -64.94 -24.33
N LEU D 199 -25.44 -64.98 -23.32
CA LEU D 199 -26.32 -63.86 -23.00
C LEU D 199 -25.57 -62.73 -22.34
N PHE D 200 -24.68 -63.06 -21.40
CA PHE D 200 -23.82 -62.06 -20.79
C PHE D 200 -22.92 -61.41 -21.82
N LYS D 201 -22.41 -62.19 -22.77
CA LYS D 201 -21.64 -61.59 -23.85
C LYS D 201 -22.49 -60.65 -24.70
N LYS D 202 -23.79 -60.95 -24.86
CA LYS D 202 -24.67 -60.14 -25.71
C LYS D 202 -25.00 -58.78 -25.08
N CYS D 203 -24.99 -58.70 -23.74
CA CYS D 203 -25.26 -57.43 -23.08
C CYS D 203 -24.00 -56.57 -23.01
N VAL D 204 -22.86 -57.18 -22.71
CA VAL D 204 -21.67 -56.43 -22.34
C VAL D 204 -20.74 -56.15 -23.51
N GLN D 205 -20.89 -56.87 -24.63
CA GLN D 205 -19.98 -56.71 -25.76
C GLN D 205 -19.85 -55.26 -26.23
N SER D 206 -20.82 -54.41 -25.87
CA SER D 206 -20.81 -53.01 -26.30
C SER D 206 -20.04 -52.09 -25.36
N ASN D 207 -19.95 -52.42 -24.08
CA ASN D 207 -19.21 -51.60 -23.13
C ASN D 207 -18.11 -52.41 -22.46
N ILE D 208 -17.48 -53.32 -23.19
CA ILE D 208 -16.58 -54.29 -22.55
C ILE D 208 -15.31 -53.62 -22.03
N VAL D 209 -14.79 -52.64 -22.76
CA VAL D 209 -13.60 -51.91 -22.30
C VAL D 209 -13.84 -51.33 -20.92
N LEU D 210 -14.84 -50.44 -20.80
CA LEU D 210 -15.13 -49.84 -19.51
C LEU D 210 -15.51 -50.92 -18.48
N LEU D 211 -16.27 -51.92 -18.91
CA LEU D 211 -16.80 -52.88 -17.94
C LEU D 211 -15.71 -53.72 -17.31
N THR D 212 -14.70 -54.11 -18.10
CA THR D 212 -13.61 -54.88 -17.49
C THR D 212 -12.75 -54.00 -16.61
N GLN D 213 -12.42 -52.79 -17.08
CA GLN D 213 -11.64 -51.88 -16.23
C GLN D 213 -12.30 -51.73 -14.87
N ALA D 214 -13.62 -51.55 -14.85
CA ALA D 214 -14.36 -51.51 -13.60
C ALA D 214 -14.12 -52.76 -12.77
N PHE D 215 -14.09 -53.93 -13.40
CA PHE D 215 -14.10 -55.19 -12.65
C PHE D 215 -12.71 -55.76 -12.39
N ARG D 216 -11.72 -55.44 -13.22
CA ARG D 216 -10.32 -55.76 -12.94
C ARG D 216 -9.66 -54.67 -12.10
N ARG D 217 -10.46 -53.93 -11.32
CA ARG D 217 -9.95 -52.94 -10.37
C ARG D 217 -8.99 -51.95 -11.03
N LYS D 218 -9.21 -51.66 -12.29
CA LYS D 218 -8.32 -50.78 -13.03
C LYS D 218 -8.57 -49.30 -12.74
N PHE D 219 -9.67 -48.94 -12.08
CA PHE D 219 -10.02 -47.54 -11.90
C PHE D 219 -9.06 -46.84 -10.94
N VAL D 220 -9.02 -45.51 -11.03
CA VAL D 220 -8.00 -44.73 -10.33
C VAL D 220 -8.03 -45.03 -8.85
N ILE D 221 -9.22 -45.19 -8.28
CA ILE D 221 -9.35 -45.59 -6.90
C ILE D 221 -9.94 -46.99 -6.90
N PRO D 222 -9.13 -48.03 -6.78
CA PRO D 222 -9.65 -49.37 -7.06
C PRO D 222 -10.56 -49.89 -5.97
N ASP D 223 -10.23 -49.68 -4.70
CA ASP D 223 -11.10 -50.18 -3.63
C ASP D 223 -12.12 -49.11 -3.25
N PHE D 224 -12.96 -48.78 -4.23
CA PHE D 224 -13.84 -47.63 -4.08
C PHE D 224 -14.84 -47.82 -2.95
N MET D 225 -15.18 -49.06 -2.61
CA MET D 225 -16.17 -49.28 -1.56
C MET D 225 -15.65 -48.81 -0.21
N SER D 226 -14.36 -49.03 0.05
CA SER D 226 -13.76 -48.60 1.32
C SER D 226 -13.50 -47.11 1.32
N PHE D 227 -13.11 -46.57 0.17
CA PHE D 227 -12.90 -45.14 0.05
C PHE D 227 -14.14 -44.37 0.50
N THR D 228 -15.32 -44.85 0.11
CA THR D 228 -16.52 -44.11 0.46
C THR D 228 -16.79 -44.19 1.95
N SER D 229 -16.33 -45.24 2.61
CA SER D 229 -16.39 -45.25 4.07
C SER D 229 -15.74 -44.00 4.62
N HIS D 230 -14.54 -43.70 4.12
CA HIS D 230 -13.82 -42.55 4.63
C HIS D 230 -14.57 -41.26 4.33
N ILE D 231 -15.15 -41.16 3.13
CA ILE D 231 -15.87 -39.93 2.80
C ILE D 231 -17.02 -39.75 3.76
N ASP D 232 -17.71 -40.83 4.09
CA ASP D 232 -18.79 -40.77 5.07
C ASP D 232 -18.28 -40.29 6.43
N GLU D 233 -17.20 -40.91 6.93
CA GLU D 233 -16.63 -40.48 8.21
C GLU D 233 -16.24 -39.01 8.15
N LEU D 234 -15.54 -38.60 7.08
CA LEU D 234 -15.17 -37.20 6.92
C LEU D 234 -16.40 -36.31 6.95
N TYR D 235 -17.45 -36.73 6.25
CA TYR D 235 -18.70 -35.99 6.24
C TYR D 235 -19.26 -35.84 7.66
N GLU D 236 -19.30 -36.93 8.43
CA GLU D 236 -19.93 -36.84 9.75
C GLU D 236 -19.13 -35.95 10.69
N SER D 237 -17.79 -35.99 10.57
CA SER D 237 -16.95 -35.14 11.42
C SER D 237 -17.15 -33.67 11.07
N ALA D 238 -17.23 -33.36 9.78
CA ALA D 238 -17.54 -32.01 9.32
C ALA D 238 -18.96 -31.59 9.65
N LYS D 239 -19.86 -32.55 9.89
CA LYS D 239 -21.25 -32.23 10.16
C LYS D 239 -21.41 -31.64 11.55
N LYS D 240 -20.49 -31.93 12.46
CA LYS D 240 -20.56 -31.46 13.83
C LYS D 240 -20.09 -30.02 13.97
N GLN D 241 -19.59 -29.40 12.91
CA GLN D 241 -19.16 -28.01 12.95
C GLN D 241 -20.37 -27.13 12.65
N SER D 242 -21.00 -26.60 13.69
CA SER D 242 -22.19 -25.81 13.50
C SER D 242 -21.92 -24.31 13.38
N GLY D 243 -20.66 -23.89 13.41
CA GLY D 243 -20.35 -22.48 13.28
C GLY D 243 -20.76 -21.92 11.93
N GLY D 244 -20.76 -20.59 11.84
CA GLY D 244 -20.92 -19.90 10.57
C GLY D 244 -22.28 -19.20 10.45
N LYS D 245 -22.33 -18.25 9.51
CA LYS D 245 -23.52 -17.46 9.22
C LYS D 245 -23.90 -17.65 7.76
N VAL D 246 -25.15 -18.01 7.51
CA VAL D 246 -25.60 -18.10 6.14
C VAL D 246 -25.62 -16.72 5.52
N ALA D 247 -25.10 -16.61 4.29
CA ALA D 247 -25.10 -15.33 3.58
C ALA D 247 -26.51 -14.77 3.46
N ASP D 248 -26.60 -13.47 3.15
CA ASP D 248 -27.91 -12.83 2.96
C ASP D 248 -27.79 -11.42 2.35
N LYS D 255 -30.71 -17.17 3.30
CA LYS D 255 -32.01 -17.64 2.81
C LYS D 255 -32.13 -19.17 2.95
N PHE D 256 -31.02 -19.88 2.74
CA PHE D 256 -30.93 -21.33 2.88
C PHE D 256 -30.77 -21.73 4.36
N SER D 257 -30.80 -23.07 4.62
CA SER D 257 -30.84 -23.62 5.98
C SER D 257 -29.45 -24.01 6.46
N PRO D 258 -29.06 -23.62 7.68
CA PRO D 258 -27.69 -23.88 8.15
C PRO D 258 -27.35 -25.36 8.39
N ASP D 259 -28.32 -26.26 8.43
CA ASP D 259 -28.02 -27.68 8.65
C ASP D 259 -28.06 -28.49 7.35
N LEU D 260 -28.13 -27.83 6.21
CA LEU D 260 -27.88 -28.49 4.94
C LEU D 260 -26.38 -28.77 4.78
N TRP D 261 -26.04 -30.02 4.50
CA TRP D 261 -24.62 -30.38 4.37
C TRP D 261 -24.48 -31.57 3.44
N GLY D 262 -23.94 -31.31 2.25
CA GLY D 262 -23.76 -32.37 1.29
C GLY D 262 -22.38 -32.36 0.66
N VAL D 263 -21.80 -33.54 0.52
CA VAL D 263 -20.54 -33.73 -0.19
C VAL D 263 -20.73 -34.87 -1.18
N SER D 264 -20.18 -34.68 -2.36
CA SER D 264 -20.52 -35.48 -3.51
C SER D 264 -19.22 -35.61 -4.27
N VAL D 265 -18.89 -36.82 -4.67
CA VAL D 265 -17.60 -37.07 -5.29
C VAL D 265 -17.84 -37.77 -6.62
N CYS D 266 -17.02 -37.42 -7.60
CA CYS D 266 -16.98 -38.11 -8.87
C CYS D 266 -15.53 -38.28 -9.26
N THR D 267 -15.08 -39.53 -9.43
CA THR D 267 -13.67 -39.77 -9.72
C THR D 267 -13.41 -39.55 -11.20
N VAL D 268 -12.13 -39.59 -11.56
CA VAL D 268 -11.74 -39.39 -12.94
C VAL D 268 -12.26 -40.53 -13.80
N ASP D 269 -12.67 -41.63 -13.19
CA ASP D 269 -13.10 -42.79 -13.96
C ASP D 269 -14.62 -42.95 -13.99
N GLY D 270 -15.34 -42.05 -13.33
CA GLY D 270 -16.78 -42.10 -13.27
C GLY D 270 -17.34 -42.65 -11.98
N GLN D 271 -16.50 -43.15 -11.08
CA GLN D 271 -17.02 -43.64 -9.81
C GLN D 271 -17.72 -42.52 -9.07
N ARG D 272 -18.91 -42.80 -8.55
CA ARG D 272 -19.65 -41.79 -7.83
C ARG D 272 -19.81 -42.18 -6.36
N HIS D 273 -19.88 -41.18 -5.51
CA HIS D 273 -20.40 -41.38 -4.16
C HIS D 273 -20.90 -40.06 -3.61
N SER D 274 -21.99 -40.11 -2.86
CA SER D 274 -22.54 -38.92 -2.26
C SER D 274 -23.02 -39.26 -0.88
N THR D 275 -23.00 -38.27 -0.01
CA THR D 275 -23.58 -38.45 1.31
C THR D 275 -24.13 -37.09 1.75
N GLY D 276 -25.30 -37.13 2.37
CA GLY D 276 -25.95 -35.87 2.71
C GLY D 276 -26.65 -35.26 1.51
N ASP D 277 -26.97 -33.97 1.64
CA ASP D 277 -27.87 -33.28 0.72
C ASP D 277 -27.15 -32.92 -0.57
N THR D 278 -26.98 -33.92 -1.42
CA THR D 278 -26.28 -33.77 -2.67
C THR D 278 -27.19 -33.50 -3.86
N LYS D 279 -28.51 -33.56 -3.67
CA LYS D 279 -29.45 -33.33 -4.76
C LYS D 279 -30.29 -32.07 -4.53
N VAL D 280 -29.85 -31.18 -3.65
CA VAL D 280 -30.53 -29.90 -3.48
C VAL D 280 -29.91 -28.89 -4.44
N PRO D 281 -30.71 -28.08 -5.13
CA PRO D 281 -30.11 -27.07 -6.01
C PRO D 281 -29.66 -25.85 -5.23
N PHE D 282 -28.46 -25.38 -5.57
CA PHE D 282 -27.93 -24.15 -5.04
C PHE D 282 -27.14 -23.47 -6.15
N CYS D 283 -26.84 -22.19 -5.96
CA CYS D 283 -26.14 -21.43 -6.98
C CYS D 283 -24.64 -21.61 -6.86
N LEU D 284 -23.98 -21.66 -8.03
CA LEU D 284 -22.53 -21.70 -8.03
C LEU D 284 -21.97 -20.48 -7.31
N GLN D 285 -22.58 -19.32 -7.52
CA GLN D 285 -22.05 -18.05 -7.05
C GLN D 285 -20.62 -17.99 -7.56
N SER D 286 -19.63 -17.66 -6.71
CA SER D 286 -18.27 -17.44 -7.20
C SER D 286 -17.66 -18.68 -7.83
N CYS D 287 -18.15 -19.89 -7.46
CA CYS D 287 -17.65 -21.14 -8.03
C CYS D 287 -17.71 -21.17 -9.56
N VAL D 288 -18.65 -20.44 -10.18
CA VAL D 288 -18.67 -20.42 -11.64
C VAL D 288 -17.39 -19.80 -12.23
N LYS D 289 -16.62 -19.03 -11.44
CA LYS D 289 -15.51 -18.28 -12.03
C LYS D 289 -14.48 -19.19 -12.67
N PRO D 290 -13.98 -20.25 -12.02
CA PRO D 290 -13.03 -21.13 -12.72
C PRO D 290 -13.61 -21.70 -14.00
N LEU D 291 -14.91 -22.04 -13.98
CA LEU D 291 -15.53 -22.67 -15.13
C LEU D 291 -15.63 -21.71 -16.31
N LYS D 292 -16.18 -20.51 -16.08
CA LYS D 292 -16.29 -19.58 -17.20
C LYS D 292 -14.91 -19.10 -17.66
N TYR D 293 -13.92 -19.03 -16.77
CA TYR D 293 -12.55 -18.80 -17.22
C TYR D 293 -12.09 -19.92 -18.14
N ALA D 294 -12.24 -21.18 -17.69
CA ALA D 294 -11.95 -22.32 -18.55
C ALA D 294 -12.60 -22.18 -19.92
N ILE D 295 -13.89 -21.82 -19.95
CA ILE D 295 -14.57 -21.67 -21.22
C ILE D 295 -13.89 -20.62 -22.09
N ALA D 296 -13.54 -19.48 -21.48
CA ALA D 296 -12.87 -18.43 -22.24
C ALA D 296 -11.59 -18.96 -22.89
N VAL D 297 -10.77 -19.65 -22.11
CA VAL D 297 -9.49 -20.14 -22.62
C VAL D 297 -9.65 -21.34 -23.53
N ASN D 298 -10.78 -22.05 -23.43
CA ASN D 298 -11.09 -23.05 -24.43
C ASN D 298 -11.26 -22.40 -25.78
N ASP D 299 -12.07 -21.34 -25.84
CA ASP D 299 -12.45 -20.76 -27.12
C ASP D 299 -11.41 -19.82 -27.68
N LEU D 300 -10.60 -19.18 -26.82
CA LEU D 300 -9.73 -18.07 -27.22
C LEU D 300 -8.26 -18.25 -26.85
N GLY D 301 -7.93 -19.25 -26.03
CA GLY D 301 -6.55 -19.56 -25.75
C GLY D 301 -5.95 -18.72 -24.63
N THR D 302 -4.84 -19.23 -24.08
CA THR D 302 -4.19 -18.56 -22.96
C THR D 302 -3.78 -17.15 -23.33
N GLU D 303 -3.03 -17.02 -24.43
CA GLU D 303 -2.43 -15.74 -24.79
C GLU D 303 -3.49 -14.65 -24.86
N TYR D 304 -4.64 -14.95 -25.46
CA TYR D 304 -5.65 -13.92 -25.67
C TYR D 304 -6.32 -13.53 -24.37
N VAL D 305 -6.88 -14.50 -23.65
CA VAL D 305 -7.59 -14.18 -22.42
C VAL D 305 -6.70 -13.35 -21.52
N HIS D 306 -5.40 -13.59 -21.56
CA HIS D 306 -4.54 -12.93 -20.61
C HIS D 306 -3.98 -11.61 -21.11
N ARG D 307 -4.33 -11.20 -22.32
CA ARG D 307 -4.26 -9.77 -22.62
C ARG D 307 -5.13 -9.02 -21.63
N TYR D 308 -6.34 -9.50 -21.39
CA TYR D 308 -7.36 -8.76 -20.65
C TYR D 308 -7.35 -9.04 -19.15
N VAL D 309 -6.63 -10.05 -18.68
CA VAL D 309 -6.63 -10.39 -17.27
C VAL D 309 -5.28 -10.99 -16.91
N GLY D 310 -4.82 -10.73 -15.70
CA GLY D 310 -3.56 -11.28 -15.22
C GLY D 310 -3.72 -12.69 -14.67
N LYS D 311 -2.61 -13.21 -14.14
CA LYS D 311 -2.61 -14.55 -13.57
C LYS D 311 -1.90 -14.61 -12.22
N GLU D 312 -1.84 -13.50 -11.50
CA GLU D 312 -1.21 -13.47 -10.18
C GLU D 312 -2.23 -13.01 -9.14
N PRO D 313 -2.10 -13.42 -7.89
CA PRO D 313 -3.08 -13.01 -6.86
C PRO D 313 -2.97 -11.52 -6.51
N SER D 314 -4.02 -11.05 -5.84
CA SER D 314 -4.08 -9.67 -5.37
C SER D 314 -3.10 -9.44 -4.20
N LEU D 321 -6.88 -2.59 -3.87
CA LEU D 321 -6.56 -2.58 -5.30
C LEU D 321 -7.67 -3.20 -6.12
N PHE D 322 -7.92 -2.60 -7.29
CA PHE D 322 -8.86 -3.12 -8.25
C PHE D 322 -8.19 -3.58 -9.52
N LEU D 323 -7.18 -2.86 -9.98
CA LEU D 323 -6.35 -3.30 -11.08
C LEU D 323 -4.93 -3.50 -10.59
N ASN D 324 -4.15 -4.18 -11.40
CA ASN D 324 -2.73 -4.35 -11.13
C ASN D 324 -1.97 -3.29 -11.90
N GLU D 325 -0.65 -3.45 -11.98
CA GLU D 325 0.18 -2.42 -12.59
C GLU D 325 -0.03 -2.35 -14.10
N ASP D 326 -0.35 -3.46 -14.75
CA ASP D 326 -0.61 -3.47 -16.18
C ASP D 326 -2.01 -2.94 -16.53
N ASP D 327 -2.73 -2.41 -15.54
CA ASP D 327 -4.09 -1.90 -15.71
C ASP D 327 -5.07 -2.99 -16.21
N LYS D 328 -4.71 -4.31 -16.02
CA LYS D 328 -5.64 -5.42 -16.12
C LYS D 328 -6.03 -5.86 -14.73
N PRO D 329 -7.18 -6.48 -14.51
CA PRO D 329 -7.46 -7.04 -13.19
C PRO D 329 -6.47 -8.15 -12.90
N HIS D 330 -6.33 -8.46 -11.61
CA HIS D 330 -5.18 -9.26 -11.18
C HIS D 330 -5.25 -10.68 -11.73
N ASN D 331 -6.42 -11.30 -11.67
CA ASN D 331 -6.55 -12.72 -12.01
C ASN D 331 -8.04 -13.03 -12.12
N PRO D 332 -8.41 -14.03 -12.90
CA PRO D 332 -9.83 -14.25 -13.15
C PRO D 332 -10.64 -14.82 -11.98
N MET D 333 -10.06 -14.98 -10.81
CA MET D 333 -10.86 -15.44 -9.66
C MET D 333 -11.46 -14.30 -8.83
N VAL D 334 -11.00 -13.07 -8.99
CA VAL D 334 -11.63 -11.95 -8.29
C VAL D 334 -12.67 -11.35 -9.21
N ASN D 335 -13.61 -10.61 -8.62
CA ASN D 335 -14.72 -10.05 -9.38
C ASN D 335 -14.19 -9.25 -10.57
N ALA D 336 -13.28 -8.30 -10.31
CA ALA D 336 -12.68 -7.52 -11.39
C ALA D 336 -12.22 -8.40 -12.56
N GLY D 337 -11.63 -9.56 -12.27
CA GLY D 337 -11.20 -10.45 -13.35
C GLY D 337 -12.33 -11.23 -13.98
N ALA D 338 -13.24 -11.75 -13.14
CA ALA D 338 -14.36 -12.53 -13.65
C ALA D 338 -15.23 -11.71 -14.59
N ILE D 339 -15.45 -10.43 -14.26
CA ILE D 339 -16.26 -9.54 -15.08
C ILE D 339 -15.58 -9.31 -16.44
N VAL D 340 -14.27 -9.13 -16.45
CA VAL D 340 -13.60 -9.06 -17.74
C VAL D 340 -13.70 -10.39 -18.48
N VAL D 341 -13.42 -11.50 -17.78
CA VAL D 341 -13.54 -12.83 -18.39
C VAL D 341 -14.90 -12.99 -19.04
N THR D 342 -15.97 -12.69 -18.29
CA THR D 342 -17.32 -12.76 -18.81
C THR D 342 -17.45 -12.03 -20.15
N SER D 343 -16.81 -10.86 -20.27
CA SER D 343 -16.90 -10.04 -21.47
C SER D 343 -16.11 -10.59 -22.65
N LEU D 344 -15.39 -11.72 -22.48
CA LEU D 344 -14.69 -12.38 -23.58
C LEU D 344 -15.48 -13.53 -24.19
N ILE D 345 -16.34 -14.18 -23.40
CA ILE D 345 -17.07 -15.35 -23.85
C ILE D 345 -18.07 -14.96 -24.93
N LYS D 346 -17.90 -15.53 -26.12
CA LYS D 346 -18.85 -15.37 -27.24
C LYS D 346 -19.22 -13.91 -27.47
N GLN D 347 -18.20 -13.11 -27.78
CA GLN D 347 -18.42 -11.72 -28.16
C GLN D 347 -19.23 -11.64 -29.45
N GLY D 348 -20.03 -10.61 -29.57
CA GLY D 348 -20.84 -10.42 -30.78
C GLY D 348 -22.26 -10.94 -30.67
N VAL D 349 -22.41 -12.16 -30.16
CA VAL D 349 -23.71 -12.67 -29.78
C VAL D 349 -24.27 -11.83 -28.62
N ASN D 350 -25.57 -11.98 -28.38
CA ASN D 350 -26.23 -11.24 -27.30
C ASN D 350 -26.43 -12.11 -26.06
N ASN D 351 -26.74 -11.42 -24.94
CA ASN D 351 -26.75 -12.03 -23.60
C ASN D 351 -27.68 -13.24 -23.51
N ALA D 352 -28.73 -13.28 -24.32
CA ALA D 352 -29.64 -14.41 -24.25
C ALA D 352 -28.98 -15.67 -24.80
N GLU D 353 -28.25 -15.55 -25.92
CA GLU D 353 -27.59 -16.74 -26.45
C GLU D 353 -26.25 -16.99 -25.80
N LYS D 354 -25.54 -15.94 -25.37
CA LYS D 354 -24.33 -16.16 -24.58
C LYS D 354 -24.65 -17.04 -23.39
N PHE D 355 -25.74 -16.74 -22.67
CA PHE D 355 -26.08 -17.54 -21.50
C PHE D 355 -26.48 -18.97 -21.88
N ASP D 356 -26.94 -19.21 -23.10
CA ASP D 356 -27.17 -20.59 -23.51
C ASP D 356 -25.88 -21.26 -23.94
N TYR D 357 -24.91 -20.49 -24.44
CA TYR D 357 -23.62 -21.07 -24.80
C TYR D 357 -22.89 -21.53 -23.56
N VAL D 358 -22.90 -20.71 -22.51
CA VAL D 358 -22.28 -21.13 -21.27
C VAL D 358 -23.08 -22.24 -20.62
N MET D 359 -24.42 -22.22 -20.76
CA MET D 359 -25.18 -23.26 -20.11
C MET D 359 -24.99 -24.61 -20.77
N GLN D 360 -24.91 -24.63 -22.11
CA GLN D 360 -24.66 -25.91 -22.77
C GLN D 360 -23.28 -26.42 -22.43
N PHE D 361 -22.33 -25.50 -22.21
CA PHE D 361 -20.98 -25.89 -21.82
C PHE D 361 -20.98 -26.55 -20.45
N LEU D 362 -21.61 -25.93 -19.46
CA LEU D 362 -21.67 -26.54 -18.14
C LEU D 362 -22.37 -27.89 -18.20
N ASN D 363 -23.39 -28.00 -19.04
CA ASN D 363 -24.06 -29.29 -19.17
C ASN D 363 -23.10 -30.37 -19.64
N LYS D 364 -22.19 -30.04 -20.57
CA LYS D 364 -21.23 -31.04 -21.01
C LYS D 364 -20.34 -31.50 -19.86
N MET D 365 -19.72 -30.54 -19.16
CA MET D 365 -18.83 -30.91 -18.06
C MET D 365 -19.58 -31.57 -16.92
N ALA D 366 -20.87 -31.28 -16.73
CA ALA D 366 -21.63 -31.98 -15.73
C ALA D 366 -22.14 -33.32 -16.25
N GLY D 367 -21.66 -33.77 -17.39
CA GLY D 367 -22.18 -34.99 -18.00
C GLY D 367 -23.69 -34.98 -18.20
N ASN D 368 -24.26 -33.81 -18.44
CA ASN D 368 -25.69 -33.58 -18.63
C ASN D 368 -26.48 -33.86 -17.37
N GLU D 369 -25.83 -33.80 -16.20
CA GLU D 369 -26.56 -33.78 -14.94
C GLU D 369 -27.10 -32.38 -14.70
N TYR D 370 -27.72 -32.17 -13.54
CA TYR D 370 -28.54 -30.97 -13.39
C TYR D 370 -27.72 -29.70 -13.48
N VAL D 371 -28.04 -28.87 -14.45
CA VAL D 371 -27.55 -27.50 -14.46
C VAL D 371 -28.78 -26.63 -14.57
N GLY D 372 -29.02 -25.81 -13.56
CA GLY D 372 -30.22 -25.01 -13.56
C GLY D 372 -29.93 -23.54 -13.52
N PHE D 373 -30.96 -22.72 -13.34
CA PHE D 373 -30.78 -21.28 -13.26
C PHE D 373 -31.78 -20.68 -12.28
N SER D 374 -31.29 -19.99 -11.29
CA SER D 374 -32.14 -19.32 -10.33
C SER D 374 -32.35 -17.90 -10.82
N ASN D 375 -33.46 -17.65 -11.52
CA ASN D 375 -33.78 -16.26 -11.77
C ASN D 375 -34.13 -15.54 -10.47
N ALA D 376 -34.45 -16.31 -9.42
CA ALA D 376 -34.71 -15.73 -8.10
C ALA D 376 -33.46 -15.04 -7.54
N THR D 377 -32.37 -15.80 -7.39
CA THR D 377 -31.10 -15.19 -7.01
C THR D 377 -30.73 -14.06 -7.97
N PHE D 378 -31.04 -14.22 -9.25
CA PHE D 378 -30.51 -13.29 -10.23
C PHE D 378 -31.03 -11.89 -9.99
N GLN D 379 -32.27 -11.77 -9.51
CA GLN D 379 -32.76 -10.45 -9.13
C GLN D 379 -31.95 -9.88 -7.98
N SER D 380 -31.67 -10.70 -6.96
CA SER D 380 -30.92 -10.21 -5.80
C SER D 380 -29.55 -9.69 -6.20
N GLU D 381 -28.78 -10.45 -6.99
CA GLU D 381 -27.43 -10.05 -7.35
C GLU D 381 -27.41 -8.75 -8.15
N ARG D 382 -28.47 -8.44 -8.91
CA ARG D 382 -28.46 -7.20 -9.67
C ARG D 382 -29.04 -6.03 -8.89
N GLU D 383 -29.96 -6.28 -7.97
CA GLU D 383 -30.49 -5.19 -7.15
C GLU D 383 -29.44 -4.69 -6.17
N SER D 384 -28.64 -5.59 -5.59
CA SER D 384 -27.68 -5.18 -4.58
C SER D 384 -26.23 -5.32 -5.05
N GLY D 385 -26.00 -5.45 -6.35
CA GLY D 385 -24.66 -5.57 -6.88
C GLY D 385 -23.96 -4.23 -7.05
N ASP D 386 -24.06 -3.37 -6.04
CA ASP D 386 -23.44 -2.05 -6.13
C ASP D 386 -21.94 -2.16 -6.34
N ARG D 387 -21.25 -2.97 -5.52
CA ARG D 387 -19.81 -3.10 -5.68
C ARG D 387 -19.46 -3.56 -7.09
N ASN D 388 -20.29 -4.42 -7.69
CA ASN D 388 -19.98 -4.86 -9.05
C ASN D 388 -20.13 -3.74 -10.06
N PHE D 389 -21.10 -2.85 -9.87
CA PHE D 389 -21.17 -1.71 -10.77
C PHE D 389 -20.00 -0.76 -10.57
N ALA D 390 -19.56 -0.61 -9.31
CA ALA D 390 -18.32 0.10 -9.04
C ALA D 390 -17.21 -0.43 -9.92
N ILE D 391 -16.93 -1.73 -9.78
CA ILE D 391 -15.89 -2.40 -10.57
C ILE D 391 -16.14 -2.21 -12.06
N GLY D 392 -17.39 -2.34 -12.48
CA GLY D 392 -17.66 -2.27 -13.90
C GLY D 392 -17.31 -0.93 -14.50
N TYR D 393 -17.78 0.15 -13.88
CA TYR D 393 -17.46 1.46 -14.42
C TYR D 393 -15.95 1.71 -14.38
N TYR D 394 -15.28 1.32 -13.30
CA TYR D 394 -13.82 1.46 -13.22
C TYR D 394 -13.14 0.73 -14.38
N LEU D 395 -13.54 -0.51 -14.65
CA LEU D 395 -13.00 -1.27 -15.77
C LEU D 395 -13.31 -0.58 -17.11
N LYS D 396 -14.51 -0.03 -17.24
CA LYS D 396 -14.83 0.72 -18.45
C LYS D 396 -13.90 1.91 -18.60
N GLU D 397 -13.60 2.59 -17.48
CA GLU D 397 -12.72 3.75 -17.52
C GLU D 397 -11.35 3.36 -18.05
N LYS D 398 -10.75 2.32 -17.47
CA LYS D 398 -9.43 1.86 -17.85
C LYS D 398 -9.46 0.92 -19.06
N LYS D 399 -10.52 1.02 -19.88
CA LYS D 399 -10.67 0.25 -21.13
C LYS D 399 -10.17 -1.18 -20.99
N CYS D 400 -10.69 -1.88 -19.98
CA CYS D 400 -10.29 -3.25 -19.74
C CYS D 400 -11.05 -4.23 -20.63
N PHE D 401 -12.28 -3.90 -21.02
CA PHE D 401 -13.09 -4.76 -21.85
C PHE D 401 -12.63 -4.67 -23.30
N PRO D 402 -12.95 -5.67 -24.12
CA PRO D 402 -12.53 -5.62 -25.53
C PRO D 402 -13.38 -4.63 -26.32
N GLU D 403 -12.98 -4.45 -27.57
CA GLU D 403 -13.55 -3.42 -28.42
C GLU D 403 -15.05 -3.64 -28.60
N GLY D 404 -15.83 -2.62 -28.23
CA GLY D 404 -17.26 -2.68 -28.41
C GLY D 404 -18.00 -3.48 -27.35
N THR D 405 -17.63 -3.31 -26.09
CA THR D 405 -18.22 -4.08 -25.01
C THR D 405 -19.22 -3.24 -24.24
N ASP D 406 -20.46 -3.72 -24.17
CA ASP D 406 -21.53 -3.11 -23.38
C ASP D 406 -21.31 -3.45 -21.91
N MET D 407 -20.66 -2.53 -21.15
CA MET D 407 -20.29 -2.86 -19.77
C MET D 407 -21.53 -3.12 -18.90
N VAL D 408 -22.60 -2.33 -19.06
CA VAL D 408 -23.78 -2.60 -18.24
C VAL D 408 -24.43 -3.94 -18.62
N GLY D 409 -24.31 -4.36 -19.89
CA GLY D 409 -24.85 -5.66 -20.28
C GLY D 409 -23.94 -6.82 -19.93
N ILE D 410 -22.64 -6.57 -19.82
CA ILE D 410 -21.75 -7.61 -19.32
C ILE D 410 -22.01 -7.84 -17.85
N LEU D 411 -22.18 -6.77 -17.07
CA LEU D 411 -22.54 -6.92 -15.66
C LEU D 411 -23.81 -7.74 -15.50
N ASP D 412 -24.75 -7.60 -16.44
CA ASP D 412 -25.99 -8.36 -16.37
C ASP D 412 -25.76 -9.84 -16.67
N PHE D 413 -25.04 -10.11 -17.76
CA PHE D 413 -24.55 -11.46 -18.01
C PHE D 413 -23.85 -12.03 -16.77
N TYR D 414 -22.94 -11.24 -16.18
CA TYR D 414 -22.19 -11.73 -15.04
C TYR D 414 -23.10 -12.08 -13.87
N PHE D 415 -24.11 -11.26 -13.59
CA PHE D 415 -25.04 -11.62 -12.53
C PHE D 415 -25.75 -12.92 -12.85
N GLN D 416 -26.07 -13.16 -14.13
CA GLN D 416 -26.74 -14.41 -14.50
C GLN D 416 -25.85 -15.60 -14.15
N LEU D 417 -24.61 -15.58 -14.65
CA LEU D 417 -23.68 -16.68 -14.44
C LEU D 417 -23.52 -17.02 -12.96
N CYS D 418 -23.46 -16.00 -12.11
CA CYS D 418 -23.38 -16.26 -10.67
C CYS D 418 -24.62 -16.98 -10.14
N SER D 419 -25.77 -16.81 -10.80
CA SER D 419 -27.03 -17.39 -10.33
C SER D 419 -27.30 -18.79 -10.89
N ILE D 420 -26.38 -19.35 -11.70
CA ILE D 420 -26.61 -20.68 -12.24
C ILE D 420 -26.67 -21.70 -11.11
N GLU D 421 -27.56 -22.66 -11.23
CA GLU D 421 -27.76 -23.64 -10.18
C GLU D 421 -27.10 -24.97 -10.53
N VAL D 422 -26.63 -25.65 -9.47
CA VAL D 422 -26.14 -27.02 -9.55
C VAL D 422 -26.63 -27.78 -8.32
N THR D 423 -26.41 -29.09 -8.33
CA THR D 423 -26.44 -29.86 -7.10
C THR D 423 -25.03 -30.37 -6.84
N CYS D 424 -24.79 -30.81 -5.61
CA CYS D 424 -23.50 -31.39 -5.30
C CYS D 424 -23.13 -32.46 -6.32
N GLU D 425 -24.09 -33.32 -6.66
CA GLU D 425 -23.83 -34.40 -7.60
C GLU D 425 -23.42 -33.85 -8.96
N SER D 426 -24.26 -32.94 -9.52
CA SER D 426 -23.99 -32.45 -10.87
C SER D 426 -22.66 -31.70 -10.93
N ALA D 427 -22.37 -30.92 -9.89
CA ALA D 427 -21.13 -30.17 -9.88
C ALA D 427 -19.93 -31.05 -9.62
N SER D 428 -20.11 -32.15 -8.89
CA SER D 428 -18.96 -33.03 -8.66
C SER D 428 -18.46 -33.59 -9.97
N VAL D 429 -19.36 -33.81 -10.94
CA VAL D 429 -18.89 -34.20 -12.27
C VAL D 429 -18.17 -33.04 -12.91
N MET D 430 -18.64 -31.81 -12.67
CA MET D 430 -18.00 -30.64 -13.27
C MET D 430 -16.55 -30.54 -12.84
N ALA D 431 -16.31 -30.57 -11.52
CA ALA D 431 -14.96 -30.61 -10.98
C ALA D 431 -14.14 -31.73 -11.60
N ALA D 432 -14.69 -32.94 -11.57
CA ALA D 432 -14.01 -34.10 -12.10
C ALA D 432 -13.48 -33.87 -13.53
N THR D 433 -14.23 -33.12 -14.36
CA THR D 433 -13.73 -32.87 -15.70
C THR D 433 -12.41 -32.11 -15.65
N LEU D 434 -12.26 -31.23 -14.65
CA LEU D 434 -11.00 -30.54 -14.45
C LEU D 434 -9.95 -31.49 -13.88
N ALA D 435 -10.37 -32.43 -13.03
CA ALA D 435 -9.43 -33.47 -12.62
C ALA D 435 -9.01 -34.36 -13.78
N ASN D 436 -9.81 -34.46 -14.84
CA ASN D 436 -9.58 -35.43 -15.90
C ASN D 436 -9.04 -34.80 -17.20
N GLY D 437 -8.21 -33.75 -17.07
CA GLY D 437 -7.59 -33.20 -18.28
C GLY D 437 -8.57 -32.62 -19.28
N GLY D 438 -9.80 -32.35 -18.83
CA GLY D 438 -10.81 -31.76 -19.68
C GLY D 438 -11.85 -32.72 -20.20
N PHE D 439 -11.69 -34.03 -19.96
CA PHE D 439 -12.67 -35.03 -20.39
C PHE D 439 -13.70 -35.25 -19.29
N CYS D 440 -14.97 -35.03 -19.61
CA CYS D 440 -16.01 -35.34 -18.64
C CYS D 440 -15.97 -36.85 -18.35
N PRO D 441 -15.65 -37.27 -17.13
CA PRO D 441 -15.42 -38.70 -16.89
C PRO D 441 -16.63 -39.60 -17.14
N ILE D 442 -17.87 -39.13 -16.96
CA ILE D 442 -18.98 -40.07 -17.07
C ILE D 442 -19.51 -40.10 -18.50
N THR D 443 -18.88 -39.38 -19.41
CA THR D 443 -19.33 -39.44 -20.80
C THR D 443 -18.19 -39.80 -21.73
N GLY D 444 -16.96 -39.54 -21.30
CA GLY D 444 -15.84 -39.67 -22.21
C GLY D 444 -15.71 -38.55 -23.20
N GLU D 445 -16.65 -37.61 -23.23
CA GLU D 445 -16.53 -36.52 -24.18
C GLU D 445 -15.53 -35.47 -23.70
N ARG D 446 -14.71 -34.99 -24.62
CA ARG D 446 -13.72 -33.95 -24.32
C ARG D 446 -14.45 -32.62 -24.25
N VAL D 447 -14.50 -32.02 -23.08
CA VAL D 447 -15.30 -30.82 -22.93
C VAL D 447 -14.40 -29.59 -23.00
N LEU D 448 -13.16 -29.70 -22.52
CA LEU D 448 -12.25 -28.56 -22.49
C LEU D 448 -10.84 -28.95 -22.92
N SER D 449 -10.19 -28.02 -23.61
CA SER D 449 -8.81 -28.20 -24.01
C SER D 449 -7.94 -28.42 -22.78
N PRO D 450 -6.83 -29.15 -22.92
CA PRO D 450 -5.94 -29.36 -21.76
C PRO D 450 -5.26 -28.08 -21.33
N GLU D 451 -4.88 -27.25 -22.30
CA GLU D 451 -4.43 -25.88 -22.03
C GLU D 451 -5.36 -25.15 -21.08
N ALA D 452 -6.68 -25.21 -21.35
CA ALA D 452 -7.63 -24.52 -20.48
C ALA D 452 -7.71 -25.17 -19.11
N VAL D 453 -7.77 -26.50 -19.05
CA VAL D 453 -7.92 -27.16 -17.76
C VAL D 453 -6.67 -26.93 -16.90
N ARG D 454 -5.50 -26.88 -17.53
CA ARG D 454 -4.31 -26.57 -16.75
C ARG D 454 -4.45 -25.20 -16.12
N ASN D 455 -4.67 -24.18 -16.96
CA ASN D 455 -4.74 -22.80 -16.50
C ASN D 455 -5.72 -22.67 -15.34
N THR D 456 -6.92 -23.20 -15.51
CA THR D 456 -7.92 -23.06 -14.46
C THR D 456 -7.45 -23.70 -13.16
N LEU D 457 -6.89 -24.90 -13.23
CA LEU D 457 -6.41 -25.52 -12.01
C LEU D 457 -5.30 -24.70 -11.39
N SER D 458 -4.40 -24.16 -12.23
CA SER D 458 -3.32 -23.31 -11.74
C SER D 458 -3.88 -22.13 -10.93
N LEU D 459 -4.83 -21.39 -11.49
CA LEU D 459 -5.33 -20.18 -10.83
C LEU D 459 -6.22 -20.48 -9.65
N MET D 460 -6.99 -21.58 -9.71
CA MET D 460 -7.72 -22.01 -8.53
C MET D 460 -6.77 -22.21 -7.36
N HIS D 461 -5.58 -22.71 -7.65
CA HIS D 461 -4.63 -23.03 -6.60
C HIS D 461 -4.15 -21.77 -5.92
N SER D 462 -3.89 -20.73 -6.70
CA SER D 462 -3.22 -19.53 -6.21
C SER D 462 -4.17 -18.40 -5.88
N CYS D 463 -5.31 -18.32 -6.53
CA CYS D 463 -6.18 -17.18 -6.33
C CYS D 463 -7.58 -17.58 -5.91
N GLY D 464 -7.91 -18.88 -5.91
CA GLY D 464 -9.28 -19.33 -5.74
C GLY D 464 -9.83 -19.24 -4.33
N MET D 465 -8.99 -19.06 -3.32
CA MET D 465 -9.47 -18.88 -1.96
C MET D 465 -9.26 -17.44 -1.44
N TYR D 466 -9.02 -16.49 -2.35
CA TYR D 466 -8.93 -15.06 -2.07
C TYR D 466 -7.71 -14.83 -1.17
N ASP D 467 -7.84 -14.22 0.01
CA ASP D 467 -6.71 -14.02 0.91
C ASP D 467 -6.28 -15.31 1.59
N PHE D 468 -7.26 -16.15 1.97
CA PHE D 468 -7.05 -17.50 2.48
C PHE D 468 -6.34 -18.42 1.48
N SER D 469 -6.06 -17.97 0.26
CA SER D 469 -5.48 -18.86 -0.74
C SER D 469 -4.13 -19.44 -0.29
N GLY D 470 -3.28 -18.62 0.32
CA GLY D 470 -1.98 -19.11 0.72
C GLY D 470 -2.06 -20.15 1.83
N GLN D 471 -2.83 -19.82 2.88
CA GLN D 471 -3.10 -20.76 3.97
C GLN D 471 -3.71 -22.07 3.44
N PHE D 472 -4.75 -21.92 2.61
CA PHE D 472 -5.43 -23.08 2.04
C PHE D 472 -4.48 -23.88 1.19
N ALA D 473 -3.78 -23.22 0.28
CA ALA D 473 -2.84 -23.94 -0.58
C ALA D 473 -1.73 -24.61 0.22
N PHE D 474 -1.45 -24.10 1.42
CA PHE D 474 -0.44 -24.72 2.28
C PHE D 474 -0.97 -25.98 2.92
N HIS D 475 -2.08 -25.88 3.65
CA HIS D 475 -2.57 -27.04 4.38
C HIS D 475 -3.29 -28.03 3.46
N VAL D 476 -4.07 -27.57 2.49
CA VAL D 476 -4.84 -28.46 1.65
C VAL D 476 -4.13 -28.76 0.34
N GLY D 477 -3.53 -27.74 -0.29
CA GLY D 477 -2.86 -27.96 -1.56
C GLY D 477 -3.70 -28.54 -2.68
N LEU D 478 -5.03 -28.47 -2.58
CA LEU D 478 -5.83 -28.81 -3.75
C LEU D 478 -6.36 -27.56 -4.40
N PRO D 479 -6.47 -27.52 -5.72
CA PRO D 479 -7.16 -26.39 -6.36
C PRO D 479 -8.63 -26.42 -6.01
N ALA D 480 -9.16 -25.31 -5.50
CA ALA D 480 -10.56 -25.24 -5.12
C ALA D 480 -11.07 -23.81 -5.32
N LYS D 481 -12.40 -23.69 -5.43
CA LYS D 481 -13.05 -22.38 -5.46
C LYS D 481 -14.27 -22.40 -4.54
N CYS D 482 -14.50 -21.28 -3.87
CA CYS D 482 -15.57 -21.17 -2.91
C CYS D 482 -16.69 -20.27 -3.41
N GLY D 483 -17.84 -20.43 -2.81
CA GLY D 483 -19.02 -19.71 -3.25
C GLY D 483 -19.85 -19.28 -2.06
N VAL D 484 -20.50 -18.12 -2.21
CA VAL D 484 -21.26 -17.58 -1.10
C VAL D 484 -22.46 -18.44 -0.74
N ALA D 485 -22.93 -19.28 -1.66
CA ALA D 485 -24.03 -20.19 -1.34
C ALA D 485 -23.56 -21.34 -0.47
N GLY D 486 -22.26 -21.63 -0.48
CA GLY D 486 -21.72 -22.56 0.49
C GLY D 486 -21.02 -23.71 -0.18
N GLY D 487 -20.68 -23.52 -1.45
CA GLY D 487 -20.14 -24.57 -2.27
C GLY D 487 -18.63 -24.43 -2.31
N ILE D 488 -17.95 -25.57 -2.32
CA ILE D 488 -16.52 -25.63 -2.60
C ILE D 488 -16.33 -26.57 -3.78
N LEU D 489 -16.09 -26.00 -4.95
CA LEU D 489 -15.63 -26.80 -6.07
C LEU D 489 -14.19 -27.18 -5.76
N LEU D 490 -13.90 -28.48 -5.76
CA LEU D 490 -12.66 -29.02 -5.22
C LEU D 490 -12.15 -30.07 -6.18
N VAL D 491 -10.90 -29.93 -6.62
CA VAL D 491 -10.36 -30.82 -7.61
C VAL D 491 -9.15 -31.53 -7.01
N VAL D 492 -9.13 -32.85 -7.09
CA VAL D 492 -7.94 -33.61 -6.77
C VAL D 492 -7.40 -34.09 -8.11
N PRO D 493 -6.54 -33.31 -8.77
CA PRO D 493 -6.08 -33.67 -10.14
C PRO D 493 -5.74 -35.13 -10.30
N ASN D 494 -6.09 -35.69 -11.45
CA ASN D 494 -5.81 -37.07 -11.82
C ASN D 494 -6.50 -38.07 -10.91
N VAL D 495 -7.37 -37.65 -9.99
CA VAL D 495 -7.96 -38.60 -9.06
C VAL D 495 -9.48 -38.44 -9.03
N MET D 496 -9.98 -37.22 -8.88
CA MET D 496 -11.42 -37.03 -8.75
C MET D 496 -11.71 -35.55 -8.63
N GLY D 497 -12.97 -35.20 -8.91
CA GLY D 497 -13.53 -33.91 -8.58
C GLY D 497 -14.52 -34.08 -7.44
N MET D 498 -14.96 -32.95 -6.89
CA MET D 498 -15.89 -33.03 -5.79
C MET D 498 -16.49 -31.66 -5.52
N MET D 499 -17.74 -31.66 -5.06
CA MET D 499 -18.40 -30.45 -4.59
C MET D 499 -18.90 -30.69 -3.17
N CYS D 500 -18.70 -29.69 -2.32
CA CYS D 500 -19.17 -29.66 -0.95
C CYS D 500 -20.19 -28.55 -0.82
N TRP D 501 -21.12 -28.70 0.12
CA TRP D 501 -22.16 -27.68 0.23
C TRP D 501 -22.68 -27.62 1.65
N SER D 502 -22.41 -26.51 2.33
CA SER D 502 -23.05 -26.11 3.56
C SER D 502 -23.25 -24.60 3.43
N PRO D 503 -24.44 -24.08 3.69
CA PRO D 503 -24.67 -22.64 3.51
C PRO D 503 -24.01 -21.77 4.58
N PRO D 504 -23.82 -22.23 5.82
CA PRO D 504 -23.11 -21.37 6.79
C PRO D 504 -21.70 -21.06 6.32
N LEU D 505 -21.39 -19.77 6.22
CA LEU D 505 -20.06 -19.30 5.86
C LEU D 505 -19.31 -18.91 7.12
N ASP D 506 -17.98 -18.91 7.01
CA ASP D 506 -17.11 -18.47 8.08
C ASP D 506 -16.87 -16.98 7.92
N LYS D 507 -15.94 -16.43 8.70
CA LYS D 507 -15.69 -15.00 8.62
C LYS D 507 -15.23 -14.60 7.22
N MET D 508 -14.55 -15.51 6.53
CA MET D 508 -14.02 -15.24 5.21
C MET D 508 -15.01 -15.58 4.10
N GLY D 509 -16.20 -16.05 4.45
CA GLY D 509 -17.22 -16.38 3.47
C GLY D 509 -17.09 -17.75 2.83
N ASN D 510 -16.46 -18.71 3.50
CA ASN D 510 -16.27 -20.06 2.99
C ASN D 510 -17.08 -21.03 3.84
N SER D 511 -17.80 -21.93 3.17
CA SER D 511 -18.57 -22.96 3.84
C SER D 511 -17.79 -23.56 5.01
N VAL D 512 -18.25 -23.26 6.23
CA VAL D 512 -17.60 -23.77 7.43
C VAL D 512 -17.44 -25.28 7.36
N LYS D 513 -18.52 -26.00 7.01
CA LYS D 513 -18.45 -27.46 6.96
C LYS D 513 -17.60 -27.94 5.78
N GLY D 514 -17.56 -27.16 4.71
CA GLY D 514 -16.75 -27.55 3.58
C GLY D 514 -15.29 -27.45 3.90
N ILE D 515 -14.88 -26.31 4.44
CA ILE D 515 -13.48 -26.07 4.77
C ILE D 515 -12.98 -27.10 5.76
N HIS D 516 -13.75 -27.36 6.81
CA HIS D 516 -13.37 -28.40 7.76
C HIS D 516 -13.18 -29.73 7.05
N PHE D 517 -14.10 -30.06 6.14
CA PHE D 517 -13.98 -31.27 5.35
C PHE D 517 -12.68 -31.28 4.56
N CYS D 518 -12.43 -30.24 3.78
CA CYS D 518 -11.22 -30.18 2.94
C CYS D 518 -9.96 -30.44 3.75
N HIS D 519 -9.89 -29.90 4.98
CA HIS D 519 -8.76 -30.20 5.84
C HIS D 519 -8.78 -31.66 6.27
N ASP D 520 -9.88 -32.11 6.89
CA ASP D 520 -10.01 -33.52 7.24
C ASP D 520 -9.62 -34.44 6.10
N LEU D 521 -9.93 -34.05 4.86
CA LEU D 521 -9.68 -34.92 3.71
C LEU D 521 -8.18 -35.08 3.49
N VAL D 522 -7.44 -33.98 3.48
CA VAL D 522 -6.02 -34.10 3.19
C VAL D 522 -5.24 -34.59 4.40
N SER D 523 -5.75 -34.38 5.61
CA SER D 523 -5.22 -35.11 6.76
C SER D 523 -5.20 -36.59 6.48
N LEU D 524 -6.29 -37.09 5.90
CA LEU D 524 -6.49 -38.52 5.76
C LEU D 524 -5.69 -39.10 4.59
N CYS D 525 -5.65 -38.40 3.47
CA CYS D 525 -5.20 -38.99 2.22
C CYS D 525 -4.07 -38.15 1.63
N ASN D 526 -3.18 -38.83 0.90
CA ASN D 526 -2.03 -38.16 0.32
C ASN D 526 -2.39 -37.44 -0.98
N PHE D 527 -3.49 -36.69 -0.95
CA PHE D 527 -3.91 -35.93 -2.10
C PHE D 527 -3.32 -34.53 -2.15
N HIS D 528 -2.68 -34.08 -1.07
CA HIS D 528 -2.08 -32.75 -1.10
C HIS D 528 -1.15 -32.65 -2.29
N ASN D 529 -1.15 -31.48 -2.91
CA ASN D 529 -0.34 -31.23 -4.10
C ASN D 529 1.10 -31.69 -3.95
N TYR D 530 1.69 -31.49 -2.78
CA TYR D 530 3.07 -31.82 -2.55
C TYR D 530 3.20 -32.95 -1.54
N ASP D 531 2.18 -33.78 -1.51
CA ASP D 531 2.36 -35.11 -0.94
C ASP D 531 3.20 -35.94 -1.90
N ASN D 532 3.93 -36.88 -1.34
CA ASN D 532 4.65 -37.84 -2.14
C ASN D 532 3.72 -38.99 -2.46
N LEU D 533 3.82 -39.50 -3.68
CA LEU D 533 3.08 -40.66 -4.11
C LEU D 533 3.71 -41.97 -3.68
N ARG D 534 4.89 -41.90 -3.05
CA ARG D 534 5.62 -43.07 -2.60
C ARG D 534 5.91 -43.06 -1.10
N HIS D 535 6.16 -41.90 -0.51
CA HIS D 535 6.52 -41.82 0.91
C HIS D 535 5.62 -40.77 1.53
N PHE D 536 4.53 -41.21 2.13
CA PHE D 536 3.52 -40.27 2.59
C PHE D 536 3.11 -40.54 4.03
N ALA D 537 4.01 -41.14 4.81
CA ALA D 537 3.84 -41.22 6.27
C ALA D 537 2.56 -41.96 6.59
N LYS D 538 1.73 -41.44 7.51
CA LYS D 538 0.56 -42.17 7.99
C LYS D 538 -0.67 -41.97 7.10
N LYS D 539 -0.61 -41.05 6.14
CA LYS D 539 -1.75 -40.87 5.25
C LYS D 539 -2.08 -42.16 4.52
N LEU D 540 -3.36 -42.34 4.24
CA LEU D 540 -3.83 -43.36 3.33
C LEU D 540 -3.71 -42.89 1.89
N ASP D 541 -3.53 -43.84 0.96
CA ASP D 541 -3.56 -43.54 -0.47
C ASP D 541 -4.66 -44.35 -1.14
N PRO D 542 -5.82 -43.76 -1.44
CA PRO D 542 -6.88 -44.51 -2.13
C PRO D 542 -6.48 -45.04 -3.49
N ARG D 543 -5.47 -44.49 -4.15
CA ARG D 543 -5.09 -45.04 -5.45
C ARG D 543 -4.49 -46.45 -5.37
N ARG D 544 -4.39 -47.05 -4.17
CA ARG D 544 -3.78 -48.37 -3.99
C ARG D 544 -4.74 -49.31 -3.27
N GLU D 545 -4.38 -50.60 -3.28
CA GLU D 545 -5.23 -51.67 -2.74
C GLU D 545 -4.69 -52.18 -1.41
N GLY D 546 -5.35 -53.21 -0.89
CA GLY D 546 -4.92 -53.91 0.31
C GLY D 546 -5.29 -53.22 1.62
#